data_5BK1
#
_entry.id   5BK1
#
_cell.length_a   76.830
_cell.length_b   120.810
_cell.length_c   193.600
_cell.angle_alpha   90.000
_cell.angle_beta   90.000
_cell.angle_gamma   90.000
#
_symmetry.space_group_name_H-M   'P 21 21 21'
#
loop_
_entity.id
_entity.type
_entity.pdbx_description
1 polymer 'Synthetic antibody, Fab fragment, Heavy Chain'
2 polymer 'Synthetic antibody, Fab fragment, Light Chain'
3 polymer 'Maltose binding protein'
4 non-polymer 'CHLORIDE ION'
5 non-polymer GLYCEROL
6 water water
#
loop_
_entity_poly.entity_id
_entity_poly.type
_entity_poly.pdbx_seq_one_letter_code
_entity_poly.pdbx_strand_id
1 'polypeptide(L)'
;EISEVQLVESGGGLVQPGGSLRLSCAASGFNVYYSSIHWVRQAPGKGLEWVASIYSYYGSTSYADSVKGRFTISADTSKN
TAYLQMNSLRAEDTAVYYCAREYHSYVYEPPLYGMDYWGQGTLVTVSSASTKGPSVFPLAPSSKSTSGGTAALGCLVKDY
FPEPVTVSWNSGALTSGVHTFPAVLQSSGLYSLSSVVTVPSSSLGTQTYICNVNHKPSNTKVDKKVEPKSCDKTHT
;
H,C
2 'polypeptide(L)'
;SDIQMTQSPSSLSASVGDRVTITCRASQSVSSAVAWYQQKPGSAPSLLIYSASSLYSGVPSRFSGSRSGTDFTLTISSLQ
PEDFATYYCQQSPQGYLVTFGQGTKVEIKRTVAAPSVFIFPPSDSQLKSGTASVVCLLNNFYPREAKVQWSVDNALQSGN
SQESVTEQDSKDSTYSLSSTLTLSSADYEKHKVYACEVTHQGLSSPVTKSFNRGEC
;
L,D
3 'polypeptide(L)'
;MKHHHHHHHHHHSSDYKDDDDKGENLYFQGSKIEEGKLVIWINGDKGYNGLAEVGKKFEKDTGIKVTVEHPDKLEEKFPQ
VAATGDGPDIIFWAHDRFGGYAQSGLLAEITPDKAFQDKLYPFTWDAVRYNGKLIAYPIAVEALSLIYNKDLLPNPPKTW
EEIPALDKELKAKGKSALMFNLQEPYFTWPLIAADGGYAFKYENGKYDIKDVGVDNAGAKAGLTFLVDLIKNKHMNADTD
YSIAEAAFNKGETAMTINGPWAWSNIDTSKVNYGVTVLPTFKGQPSKPFVGVLSAGINAASPNKELAKEFLENYLLTDEG
LEAVNKDKPLGAVALKSYEEELAKDPRIAATMENAQKGEIMPNIPQMSAFWYAVRTAVINAASGRQTVDEALKDAQTN
;
A,B
#
# COMPACT_ATOMS: atom_id res chain seq x y z
N VAL A 5 8.57 -2.67 2.42
CA VAL A 5 8.69 -3.81 1.50
C VAL A 5 7.34 -4.53 1.35
N GLN A 6 6.81 -4.53 0.13
CA GLN A 6 5.44 -4.96 -0.09
C GLN A 6 5.29 -5.61 -1.44
N LEU A 7 4.31 -6.52 -1.54
CA LEU A 7 3.91 -7.15 -2.80
C LEU A 7 2.40 -6.97 -2.91
N VAL A 8 1.97 -6.21 -3.91
CA VAL A 8 0.55 -5.87 -4.08
C VAL A 8 0.05 -6.58 -5.34
N GLU A 9 -1.00 -7.37 -5.20
CA GLU A 9 -1.55 -8.15 -6.29
C GLU A 9 -2.85 -7.54 -6.82
N SER A 10 -3.10 -7.77 -8.11
CA SER A 10 -4.33 -7.32 -8.73
C SER A 10 -4.56 -8.11 -10.02
N GLY A 11 -5.79 -8.06 -10.52
CA GLY A 11 -6.14 -8.67 -11.78
C GLY A 11 -6.99 -9.91 -11.67
N GLY A 12 -7.30 -10.38 -10.46
CA GLY A 12 -8.12 -11.55 -10.28
C GLY A 12 -9.59 -11.29 -10.59
N GLY A 13 -10.38 -12.33 -10.43
CA GLY A 13 -11.81 -12.18 -10.59
C GLY A 13 -12.42 -13.43 -11.21
N LEU A 14 -13.50 -13.20 -11.95
CA LEU A 14 -14.26 -14.26 -12.59
C LEU A 14 -13.79 -14.44 -14.03
N VAL A 15 -13.89 -15.68 -14.52
CA VAL A 15 -13.49 -16.01 -15.88
C VAL A 15 -14.11 -17.36 -16.22
N GLN A 16 -14.35 -17.59 -17.50
CA GLN A 16 -14.95 -18.83 -17.95
C GLN A 16 -13.88 -19.82 -18.41
N PRO A 17 -14.19 -21.12 -18.39
CA PRO A 17 -13.23 -22.10 -18.90
C PRO A 17 -12.86 -21.81 -20.36
N GLY A 18 -11.57 -21.93 -20.66
CA GLY A 18 -11.03 -21.54 -21.94
C GLY A 18 -10.64 -20.08 -22.03
N GLY A 19 -11.02 -19.25 -21.05
CA GLY A 19 -10.74 -17.84 -21.08
C GLY A 19 -9.33 -17.51 -20.60
N SER A 20 -9.09 -16.21 -20.47
CA SER A 20 -7.78 -15.70 -20.08
C SER A 20 -7.91 -14.69 -18.95
N LEU A 21 -6.87 -14.62 -18.13
CA LEU A 21 -6.79 -13.67 -17.03
C LEU A 21 -5.32 -13.33 -16.81
N ARG A 22 -5.05 -12.06 -16.50
CA ARG A 22 -3.69 -11.60 -16.30
C ARG A 22 -3.54 -11.02 -14.90
N LEU A 23 -2.72 -11.65 -14.08
CA LEU A 23 -2.46 -11.20 -12.73
C LEU A 23 -1.19 -10.35 -12.68
N SER A 24 -1.17 -9.41 -11.74
CA SER A 24 -0.05 -8.50 -11.55
C SER A 24 0.45 -8.58 -10.11
N CYS A 25 1.75 -8.42 -9.95
CA CYS A 25 2.42 -8.45 -8.65
C CYS A 25 3.39 -7.26 -8.63
N ALA A 26 2.93 -6.13 -8.11
CA ALA A 26 3.74 -4.93 -8.02
C ALA A 26 4.53 -4.94 -6.71
N ALA A 27 5.84 -4.79 -6.82
CA ALA A 27 6.73 -4.86 -5.67
C ALA A 27 7.29 -3.49 -5.34
N SER A 28 7.63 -3.29 -4.08
CA SER A 28 8.34 -2.10 -3.63
C SER A 28 9.24 -2.50 -2.47
N GLY A 29 10.33 -1.74 -2.30
CA GLY A 29 11.32 -2.03 -1.28
C GLY A 29 12.46 -2.89 -1.75
N PHE A 30 12.35 -3.50 -2.92
CA PHE A 30 13.43 -4.29 -3.49
C PHE A 30 13.23 -4.32 -4.99
N ASN A 31 14.25 -4.79 -5.70
CA ASN A 31 14.21 -4.91 -7.15
C ASN A 31 13.93 -6.36 -7.54
N VAL A 32 12.78 -6.60 -8.17
CA VAL A 32 12.41 -7.96 -8.56
C VAL A 32 13.41 -8.57 -9.52
N TYR A 33 14.18 -7.73 -10.23
CA TYR A 33 15.14 -8.23 -11.21
C TYR A 33 16.13 -9.19 -10.57
N TYR A 34 16.55 -8.92 -9.33
CA TYR A 34 17.56 -9.73 -8.64
C TYR A 34 16.95 -10.77 -7.72
N SER A 35 15.67 -11.10 -7.89
CA SER A 35 15.01 -12.11 -7.07
C SER A 35 14.21 -13.04 -7.97
N SER A 36 13.83 -14.19 -7.42
CA SER A 36 12.85 -15.06 -8.04
C SER A 36 11.46 -14.66 -7.54
N ILE A 37 10.57 -14.32 -8.46
CA ILE A 37 9.19 -14.04 -8.14
C ILE A 37 8.39 -15.29 -8.42
N HIS A 38 7.71 -15.82 -7.40
CA HIS A 38 6.93 -17.03 -7.53
C HIS A 38 5.43 -16.71 -7.50
N TRP A 39 4.67 -17.52 -8.23
CA TRP A 39 3.22 -17.57 -8.07
C TRP A 39 2.86 -18.89 -7.40
N VAL A 40 2.12 -18.80 -6.29
CA VAL A 40 1.65 -19.95 -5.54
C VAL A 40 0.15 -19.79 -5.35
N ARG A 41 -0.61 -20.83 -5.68
CA ARG A 41 -2.05 -20.79 -5.56
C ARG A 41 -2.54 -21.78 -4.52
N GLN A 42 -3.75 -21.55 -4.02
CA GLN A 42 -4.34 -22.37 -2.96
C GLN A 42 -5.83 -22.50 -3.23
N ALA A 43 -6.26 -23.69 -3.64
CA ALA A 43 -7.67 -23.97 -3.83
C ALA A 43 -8.40 -23.90 -2.50
N PRO A 44 -9.72 -23.67 -2.53
CA PRO A 44 -10.48 -23.58 -1.26
C PRO A 44 -10.31 -24.83 -0.41
N GLY A 45 -9.89 -24.62 0.84
CA GLY A 45 -9.68 -25.71 1.77
C GLY A 45 -8.55 -26.65 1.44
N LYS A 46 -7.67 -26.30 0.50
CA LYS A 46 -6.58 -27.16 0.07
C LYS A 46 -5.24 -26.52 0.40
N GLY A 47 -4.16 -27.22 0.07
CA GLY A 47 -2.83 -26.74 0.36
C GLY A 47 -2.25 -25.88 -0.76
N LEU A 48 -1.03 -25.40 -0.53
CA LEU A 48 -0.34 -24.57 -1.51
C LEU A 48 0.11 -25.40 -2.70
N GLU A 49 0.08 -24.78 -3.87
CA GLU A 49 0.56 -25.39 -5.11
C GLU A 49 1.37 -24.36 -5.87
N TRP A 50 2.65 -24.67 -6.11
CA TRP A 50 3.52 -23.78 -6.88
C TRP A 50 3.10 -23.77 -8.35
N VAL A 51 3.16 -22.59 -8.97
CA VAL A 51 2.64 -22.38 -10.31
C VAL A 51 3.75 -22.00 -11.29
N ALA A 52 4.54 -20.97 -10.97
CA ALA A 52 5.57 -20.50 -11.89
C ALA A 52 6.53 -19.58 -11.14
N SER A 53 7.70 -19.37 -11.74
CA SER A 53 8.69 -18.46 -11.18
C SER A 53 9.44 -17.76 -12.30
N ILE A 54 9.98 -16.58 -11.99
CA ILE A 54 10.82 -15.83 -12.92
C ILE A 54 11.97 -15.20 -12.16
N TYR A 55 13.18 -15.36 -12.70
CA TYR A 55 14.44 -14.87 -12.12
C TYR A 55 15.14 -14.12 -13.25
N SER A 56 14.78 -12.85 -13.41
CA SER A 56 15.21 -12.10 -14.60
C SER A 56 16.72 -11.99 -14.68
N TYR A 57 17.37 -11.71 -13.55
CA TYR A 57 18.83 -11.57 -13.52
C TYR A 57 19.51 -12.79 -14.12
N TYR A 58 18.98 -13.98 -13.85
CA TYR A 58 19.56 -15.22 -14.36
C TYR A 58 18.82 -15.74 -15.61
N GLY A 59 17.94 -14.91 -16.18
CA GLY A 59 17.26 -15.27 -17.43
C GLY A 59 16.51 -16.58 -17.41
N SER A 60 15.81 -16.87 -16.32
N SER A 60 15.81 -16.87 -16.32
CA SER A 60 15.14 -18.14 -16.15
CA SER A 60 15.14 -18.15 -16.15
C SER A 60 13.66 -17.94 -15.82
C SER A 60 13.67 -17.95 -15.80
N THR A 61 12.83 -18.83 -16.36
CA THR A 61 11.43 -18.93 -15.98
C THR A 61 11.12 -20.42 -15.81
N SER A 62 10.21 -20.73 -14.89
CA SER A 62 9.87 -22.11 -14.59
C SER A 62 8.36 -22.25 -14.44
N TYR A 63 7.84 -23.45 -14.71
CA TYR A 63 6.41 -23.70 -14.66
C TYR A 63 6.13 -25.07 -14.08
N ALA A 64 5.10 -25.17 -13.26
CA ALA A 64 4.61 -26.48 -12.83
C ALA A 64 4.00 -27.21 -14.02
N ASP A 65 4.05 -28.54 -13.97
CA ASP A 65 3.54 -29.36 -15.06
C ASP A 65 2.06 -29.09 -15.32
N SER A 66 1.30 -28.83 -14.26
CA SER A 66 -0.14 -28.67 -14.40
C SER A 66 -0.52 -27.41 -15.16
N VAL A 67 0.41 -26.47 -15.38
CA VAL A 67 0.11 -25.25 -16.11
C VAL A 67 1.07 -24.99 -17.26
N LYS A 68 2.06 -25.85 -17.47
CA LYS A 68 3.04 -25.60 -18.52
C LYS A 68 2.36 -25.60 -19.88
N GLY A 69 2.67 -24.57 -20.69
CA GLY A 69 2.05 -24.37 -21.97
C GLY A 69 0.81 -23.51 -21.96
N ARG A 70 0.13 -23.38 -20.82
CA ARG A 70 -1.06 -22.56 -20.67
C ARG A 70 -0.80 -21.21 -20.00
N PHE A 71 0.10 -21.17 -19.03
CA PHE A 71 0.44 -19.94 -18.34
C PHE A 71 1.77 -19.41 -18.85
N THR A 72 1.92 -18.09 -18.80
CA THR A 72 3.18 -17.42 -19.15
C THR A 72 3.48 -16.37 -18.09
N ILE A 73 4.63 -16.50 -17.43
CA ILE A 73 5.08 -15.54 -16.43
C ILE A 73 6.07 -14.59 -17.08
N SER A 74 6.00 -13.32 -16.69
CA SER A 74 6.89 -12.30 -17.24
C SER A 74 7.07 -11.22 -16.18
N ALA A 75 7.92 -10.25 -16.49
CA ALA A 75 8.19 -9.15 -15.57
C ALA A 75 8.52 -7.89 -16.36
N ASP A 76 8.17 -6.75 -15.77
CA ASP A 76 8.48 -5.44 -16.33
C ASP A 76 9.41 -4.75 -15.33
N THR A 77 10.70 -4.73 -15.65
CA THR A 77 11.69 -4.23 -14.70
C THR A 77 11.49 -2.75 -14.41
N SER A 78 11.13 -1.96 -15.43
CA SER A 78 10.92 -0.53 -15.22
C SER A 78 9.77 -0.26 -14.27
N LYS A 79 8.78 -1.14 -14.24
CA LYS A 79 7.63 -1.00 -13.35
C LYS A 79 7.78 -1.79 -12.06
N ASN A 80 8.87 -2.57 -11.93
CA ASN A 80 9.09 -3.41 -10.75
C ASN A 80 7.90 -4.32 -10.50
N THR A 81 7.37 -4.92 -11.57
CA THR A 81 6.14 -5.69 -11.50
C THR A 81 6.29 -6.97 -12.29
N ALA A 82 5.78 -8.07 -11.75
CA ALA A 82 5.71 -9.36 -12.43
C ALA A 82 4.27 -9.64 -12.82
N TYR A 83 4.11 -10.52 -13.83
CA TYR A 83 2.81 -10.86 -14.38
C TYR A 83 2.68 -12.36 -14.56
N LEU A 84 1.45 -12.86 -14.41
CA LEU A 84 1.09 -14.23 -14.75
C LEU A 84 -0.03 -14.19 -15.77
N GLN A 85 0.27 -14.54 -17.01
CA GLN A 85 -0.73 -14.59 -18.06
C GLN A 85 -1.31 -16.00 -18.07
N MET A 86 -2.57 -16.14 -17.68
CA MET A 86 -3.21 -17.45 -17.60
C MET A 86 -4.15 -17.61 -18.79
N ASN A 87 -3.87 -18.61 -19.64
CA ASN A 87 -4.71 -18.95 -20.76
C ASN A 87 -5.27 -20.35 -20.59
N SER A 88 -6.31 -20.64 -21.39
CA SER A 88 -6.95 -21.96 -21.40
C SER A 88 -7.29 -22.43 -19.99
N LEU A 89 -7.94 -21.54 -19.23
CA LEU A 89 -8.25 -21.82 -17.84
C LEU A 89 -9.30 -22.92 -17.72
N ARG A 90 -9.21 -23.67 -16.62
CA ARG A 90 -10.14 -24.74 -16.30
C ARG A 90 -10.65 -24.55 -14.89
N ALA A 91 -11.75 -25.26 -14.58
CA ALA A 91 -12.36 -25.17 -13.25
C ALA A 91 -11.35 -25.49 -12.15
N GLU A 92 -10.43 -26.43 -12.41
CA GLU A 92 -9.42 -26.79 -11.42
C GLU A 92 -8.42 -25.67 -11.15
N ASP A 93 -8.37 -24.63 -11.99
CA ASP A 93 -7.51 -23.50 -11.73
C ASP A 93 -8.08 -22.53 -10.70
N THR A 94 -9.30 -22.77 -10.23
CA THR A 94 -9.92 -21.90 -9.23
C THR A 94 -9.16 -21.98 -7.92
N ALA A 95 -8.68 -20.83 -7.44
CA ALA A 95 -7.87 -20.78 -6.23
C ALA A 95 -7.60 -19.33 -5.88
N VAL A 96 -7.12 -19.12 -4.66
CA VAL A 96 -6.48 -17.86 -4.29
C VAL A 96 -5.04 -17.91 -4.79
N TYR A 97 -4.65 -16.91 -5.59
CA TYR A 97 -3.30 -16.84 -6.15
C TYR A 97 -2.45 -15.84 -5.38
N TYR A 98 -1.30 -16.30 -4.90
CA TYR A 98 -0.33 -15.45 -4.23
C TYR A 98 0.88 -15.23 -5.13
N CYS A 99 1.56 -14.10 -4.97
CA CYS A 99 2.90 -13.95 -5.47
C CYS A 99 3.86 -13.83 -4.28
N ALA A 100 5.09 -14.29 -4.49
CA ALA A 100 6.05 -14.36 -3.40
C ALA A 100 7.44 -14.17 -3.95
N ARG A 101 8.34 -13.69 -3.09
CA ARG A 101 9.72 -13.41 -3.44
C ARG A 101 10.63 -14.47 -2.83
N GLU A 102 11.48 -15.06 -3.65
CA GLU A 102 12.56 -15.93 -3.19
C GLU A 102 13.88 -15.18 -3.33
N TYR A 103 14.61 -15.05 -2.23
CA TYR A 103 15.85 -14.29 -2.22
C TYR A 103 17.01 -15.13 -2.76
N HIS A 104 17.99 -14.43 -3.36
CA HIS A 104 19.21 -15.05 -3.86
C HIS A 104 20.40 -14.15 -3.55
N SER A 105 21.51 -14.75 -3.13
CA SER A 105 22.75 -14.02 -2.87
C SER A 105 23.68 -14.03 -4.08
N TYR A 106 24.05 -15.21 -4.57
CA TYR A 106 25.06 -15.34 -5.62
C TYR A 106 24.53 -16.15 -6.79
N VAL A 107 25.15 -15.92 -7.96
CA VAL A 107 24.65 -16.54 -9.19
C VAL A 107 24.84 -18.06 -9.16
N TYR A 108 25.83 -18.55 -8.41
CA TYR A 108 26.10 -19.98 -8.37
C TYR A 108 25.18 -20.75 -7.43
N GLU A 109 24.41 -20.06 -6.59
CA GLU A 109 23.67 -20.75 -5.53
C GLU A 109 22.53 -21.60 -6.09
N PRO A 110 22.25 -22.74 -5.49
CA PRO A 110 20.97 -23.41 -5.70
C PRO A 110 19.90 -22.71 -4.86
N PRO A 111 18.63 -23.07 -5.01
CA PRO A 111 17.61 -22.50 -4.12
C PRO A 111 17.92 -22.78 -2.65
N LEU A 112 17.86 -21.75 -1.82
CA LEU A 112 18.29 -21.89 -0.43
C LEU A 112 17.40 -21.17 0.58
N TYR A 113 16.90 -19.98 0.24
CA TYR A 113 16.37 -19.06 1.24
C TYR A 113 14.86 -19.05 1.32
N GLY A 114 14.15 -19.84 0.50
CA GLY A 114 12.70 -19.88 0.63
C GLY A 114 12.05 -18.57 0.22
N MET A 115 10.77 -18.44 0.60
CA MET A 115 9.95 -17.30 0.22
C MET A 115 9.67 -16.43 1.44
N ASP A 116 10.34 -15.27 1.51
CA ASP A 116 10.24 -14.45 2.71
C ASP A 116 9.09 -13.45 2.65
N TYR A 117 8.72 -12.97 1.48
CA TYR A 117 7.66 -11.98 1.35
C TYR A 117 6.54 -12.51 0.45
N TRP A 118 5.30 -12.28 0.88
CA TRP A 118 4.12 -12.81 0.20
C TRP A 118 3.11 -11.70 -0.02
N GLY A 119 2.46 -11.71 -1.19
CA GLY A 119 1.36 -10.81 -1.44
C GLY A 119 0.15 -11.18 -0.61
N GLN A 120 -0.90 -10.37 -0.74
CA GLN A 120 -2.12 -10.59 0.03
C GLN A 120 -3.02 -11.66 -0.59
N GLY A 121 -2.76 -12.05 -1.84
CA GLY A 121 -3.57 -13.07 -2.49
C GLY A 121 -4.78 -12.47 -3.20
N THR A 122 -5.18 -13.05 -4.34
CA THR A 122 -6.36 -12.62 -5.06
C THR A 122 -7.10 -13.86 -5.58
N LEU A 123 -8.43 -13.81 -5.51
CA LEU A 123 -9.24 -14.99 -5.81
C LEU A 123 -9.56 -15.05 -7.31
N VAL A 124 -9.28 -16.20 -7.91
CA VAL A 124 -9.59 -16.45 -9.31
C VAL A 124 -10.58 -17.60 -9.36
N THR A 125 -11.77 -17.34 -9.91
CA THR A 125 -12.81 -18.35 -10.03
C THR A 125 -13.06 -18.61 -11.50
N VAL A 126 -12.87 -19.87 -11.92
CA VAL A 126 -13.09 -20.29 -13.30
C VAL A 126 -14.36 -21.11 -13.32
N SER A 127 -15.37 -20.60 -14.02
CA SER A 127 -16.68 -21.26 -14.03
C SER A 127 -17.49 -20.74 -15.20
N SER A 128 -18.39 -21.58 -15.69
CA SER A 128 -19.37 -21.18 -16.70
C SER A 128 -20.55 -20.42 -16.09
N ALA A 129 -20.67 -20.41 -14.78
CA ALA A 129 -21.81 -19.77 -14.14
C ALA A 129 -21.75 -18.25 -14.29
N SER A 130 -22.92 -17.63 -14.38
CA SER A 130 -23.02 -16.18 -14.35
C SER A 130 -23.25 -15.71 -12.91
N THR A 131 -22.83 -14.48 -12.63
CA THR A 131 -23.00 -13.93 -11.30
C THR A 131 -24.48 -13.85 -10.92
N LYS A 132 -24.82 -14.42 -9.77
CA LYS A 132 -26.21 -14.57 -9.36
C LYS A 132 -26.29 -14.50 -7.83
N GLY A 133 -27.24 -13.73 -7.31
CA GLY A 133 -27.47 -13.62 -5.90
C GLY A 133 -28.20 -14.82 -5.33
N PRO A 134 -28.09 -15.02 -4.02
CA PRO A 134 -28.64 -16.22 -3.39
C PRO A 134 -30.12 -16.10 -3.04
N SER A 135 -30.76 -17.26 -2.94
CA SER A 135 -32.04 -17.37 -2.26
C SER A 135 -31.76 -17.74 -0.80
N VAL A 136 -32.52 -17.16 0.11
CA VAL A 136 -32.34 -17.37 1.54
C VAL A 136 -33.59 -18.03 2.09
N PHE A 137 -33.43 -19.22 2.66
CA PHE A 137 -34.53 -19.98 3.23
C PHE A 137 -34.33 -20.16 4.73
N PRO A 138 -35.40 -20.07 5.52
CA PRO A 138 -35.25 -20.18 6.97
C PRO A 138 -35.03 -21.61 7.44
N LEU A 139 -34.12 -21.75 8.39
CA LEU A 139 -33.94 -22.97 9.16
C LEU A 139 -34.65 -22.69 10.48
N ALA A 140 -35.88 -23.20 10.60
CA ALA A 140 -36.70 -22.71 11.71
C ALA A 140 -36.55 -23.60 12.93
N PRO A 141 -36.51 -22.99 14.11
CA PRO A 141 -36.28 -23.76 15.34
C PRO A 141 -37.42 -24.73 15.62
N SER A 142 -37.07 -25.84 16.25
CA SER A 142 -38.04 -26.87 16.55
C SER A 142 -39.05 -26.39 17.58
N SER A 143 -40.32 -26.67 17.31
CA SER A 143 -41.36 -26.38 18.29
C SER A 143 -41.22 -27.27 19.52
N LYS A 144 -40.61 -28.43 19.36
CA LYS A 144 -40.25 -29.30 20.48
C LYS A 144 -38.87 -28.96 21.05
N SER A 145 -38.56 -27.69 21.19
CA SER A 145 -37.28 -27.29 21.76
C SER A 145 -37.21 -27.68 23.22
N THR A 146 -35.98 -27.76 23.73
CA THR A 146 -35.74 -28.11 25.12
C THR A 146 -36.42 -27.12 26.05
N SER A 147 -37.44 -27.57 26.78
CA SER A 147 -38.18 -26.70 27.70
C SER A 147 -37.23 -26.10 28.73
N GLY A 148 -36.99 -24.81 28.63
CA GLY A 148 -35.99 -24.17 29.48
C GLY A 148 -34.58 -24.51 29.09
N GLY A 149 -34.32 -24.70 27.80
CA GLY A 149 -33.00 -25.08 27.33
C GLY A 149 -32.53 -24.29 26.11
N THR A 150 -31.87 -24.96 25.17
CA THR A 150 -31.25 -24.32 24.02
C THR A 150 -31.96 -24.73 22.73
N ALA A 151 -32.29 -23.75 21.91
CA ALA A 151 -32.86 -23.96 20.59
C ALA A 151 -31.90 -23.47 19.52
N ALA A 152 -31.94 -24.13 18.35
CA ALA A 152 -31.09 -23.76 17.24
C ALA A 152 -31.94 -23.33 16.05
N LEU A 153 -31.50 -22.29 15.35
CA LEU A 153 -32.16 -21.81 14.15
C LEU A 153 -31.11 -21.27 13.21
N GLY A 154 -31.52 -21.00 11.98
CA GLY A 154 -30.55 -20.50 11.02
C GLY A 154 -31.18 -20.13 9.70
N CYS A 155 -30.30 -19.91 8.72
CA CYS A 155 -30.68 -19.54 7.37
C CYS A 155 -29.89 -20.39 6.38
N LEU A 156 -30.59 -20.92 5.39
CA LEU A 156 -29.96 -21.63 4.28
C LEU A 156 -29.75 -20.64 3.13
N VAL A 157 -28.51 -20.46 2.73
CA VAL A 157 -28.13 -19.52 1.68
C VAL A 157 -27.76 -20.36 0.46
N LYS A 158 -28.67 -20.42 -0.52
CA LYS A 158 -28.60 -21.38 -1.62
C LYS A 158 -28.41 -20.69 -2.97
N ASP A 159 -27.61 -21.34 -3.82
CA ASP A 159 -27.58 -21.11 -5.27
C ASP A 159 -27.11 -19.70 -5.63
N TYR A 160 -25.90 -19.37 -5.20
CA TYR A 160 -25.30 -18.10 -5.56
C TYR A 160 -23.96 -18.32 -6.25
N PHE A 161 -23.50 -17.28 -6.95
CA PHE A 161 -22.20 -17.26 -7.59
C PHE A 161 -21.78 -15.82 -7.85
N PRO A 162 -20.53 -15.46 -7.55
CA PRO A 162 -19.52 -16.34 -6.93
C PRO A 162 -19.41 -16.15 -5.42
N GLU A 163 -18.42 -16.79 -4.81
CA GLU A 163 -18.04 -16.48 -3.44
C GLU A 163 -17.53 -15.04 -3.38
N PRO A 164 -17.62 -14.38 -2.22
CA PRO A 164 -18.22 -14.87 -0.98
C PRO A 164 -19.57 -14.23 -0.67
N VAL A 165 -20.21 -14.74 0.38
CA VAL A 165 -21.33 -14.06 1.02
C VAL A 165 -20.95 -13.83 2.47
N THR A 166 -21.53 -12.79 3.06
CA THR A 166 -21.42 -12.55 4.49
C THR A 166 -22.79 -12.70 5.12
N VAL A 167 -22.82 -13.29 6.31
CA VAL A 167 -24.06 -13.45 7.06
C VAL A 167 -23.87 -12.86 8.44
N SER A 168 -24.78 -11.98 8.84
CA SER A 168 -24.87 -11.46 10.19
C SER A 168 -26.26 -11.74 10.74
N TRP A 169 -26.42 -11.54 12.05
CA TRP A 169 -27.68 -11.79 12.73
C TRP A 169 -28.08 -10.55 13.51
N ASN A 170 -29.31 -10.06 13.25
CA ASN A 170 -29.82 -8.83 13.86
C ASN A 170 -28.85 -7.66 13.65
N SER A 171 -28.31 -7.57 12.44
CA SER A 171 -27.40 -6.48 12.06
C SER A 171 -26.20 -6.40 13.00
N GLY A 172 -25.62 -7.56 13.32
CA GLY A 172 -24.44 -7.61 14.16
C GLY A 172 -24.69 -7.57 15.65
N ALA A 173 -25.96 -7.42 16.08
CA ALA A 173 -26.26 -7.40 17.51
C ALA A 173 -26.11 -8.79 18.12
N LEU A 174 -26.43 -9.83 17.37
CA LEU A 174 -26.35 -11.21 17.84
C LEU A 174 -25.10 -11.87 17.26
N THR A 175 -24.15 -12.20 18.13
CA THR A 175 -22.87 -12.76 17.69
C THR A 175 -22.56 -14.05 18.43
N SER A 176 -23.01 -14.17 19.68
CA SER A 176 -22.71 -15.33 20.50
C SER A 176 -23.44 -16.56 19.97
N GLY A 177 -22.71 -17.68 19.85
CA GLY A 177 -23.30 -18.92 19.40
C GLY A 177 -23.56 -19.02 17.92
N VAL A 178 -23.06 -18.08 17.13
CA VAL A 178 -23.27 -18.09 15.69
C VAL A 178 -22.23 -18.99 15.04
N HIS A 179 -22.65 -19.85 14.12
CA HIS A 179 -21.76 -20.64 13.30
C HIS A 179 -22.19 -20.49 11.84
N THR A 180 -21.30 -19.95 11.01
CA THR A 180 -21.52 -19.85 9.58
C THR A 180 -20.57 -20.81 8.88
N PHE A 181 -21.15 -21.79 8.19
CA PHE A 181 -20.37 -22.87 7.63
C PHE A 181 -19.70 -22.45 6.33
N PRO A 182 -18.58 -23.08 5.98
CA PRO A 182 -17.97 -22.83 4.67
C PRO A 182 -18.90 -23.25 3.55
N ALA A 183 -18.88 -22.48 2.48
CA ALA A 183 -19.69 -22.80 1.30
C ALA A 183 -19.23 -24.09 0.66
N VAL A 184 -20.17 -24.80 0.04
CA VAL A 184 -19.87 -25.97 -0.77
C VAL A 184 -20.25 -25.68 -2.21
N LEU A 185 -19.40 -26.12 -3.14
CA LEU A 185 -19.70 -25.96 -4.56
C LEU A 185 -20.60 -27.12 -4.99
N GLN A 186 -21.87 -26.83 -5.26
CA GLN A 186 -22.79 -27.86 -5.69
C GLN A 186 -22.52 -28.27 -7.13
N SER A 187 -23.07 -29.42 -7.53
CA SER A 187 -22.86 -29.94 -8.87
C SER A 187 -23.45 -29.03 -9.95
N SER A 188 -24.38 -28.15 -9.58
CA SER A 188 -24.94 -27.19 -10.51
C SER A 188 -23.97 -26.05 -10.85
N GLY A 189 -22.86 -25.93 -10.14
CA GLY A 189 -21.97 -24.81 -10.33
C GLY A 189 -22.24 -23.62 -9.42
N LEU A 190 -23.29 -23.67 -8.62
CA LEU A 190 -23.62 -22.60 -7.69
C LEU A 190 -23.22 -23.03 -6.28
N TYR A 191 -22.96 -22.04 -5.43
CA TYR A 191 -22.55 -22.32 -4.07
C TYR A 191 -23.76 -22.32 -3.12
N SER A 192 -23.57 -22.97 -1.98
CA SER A 192 -24.57 -22.99 -0.93
C SER A 192 -23.87 -23.10 0.42
N LEU A 193 -24.52 -22.55 1.45
CA LEU A 193 -24.05 -22.65 2.83
C LEU A 193 -25.22 -22.35 3.75
N SER A 194 -25.01 -22.62 5.04
CA SER A 194 -25.98 -22.29 6.07
CA SER A 194 -25.98 -22.30 6.08
C SER A 194 -25.29 -21.57 7.21
N SER A 195 -26.05 -20.77 7.94
CA SER A 195 -25.55 -20.07 9.11
C SER A 195 -26.53 -20.32 10.24
N VAL A 196 -26.05 -20.86 11.35
CA VAL A 196 -26.91 -21.25 12.45
C VAL A 196 -26.49 -20.51 13.71
N VAL A 197 -27.41 -20.43 14.66
CA VAL A 197 -27.15 -19.86 15.97
C VAL A 197 -28.05 -20.55 16.99
N THR A 198 -27.53 -20.76 18.19
CA THR A 198 -28.32 -21.34 19.28
C THR A 198 -28.72 -20.25 20.26
N VAL A 199 -29.95 -20.35 20.76
CA VAL A 199 -30.51 -19.36 21.67
C VAL A 199 -31.31 -20.07 22.75
N PRO A 200 -31.57 -19.40 23.87
CA PRO A 200 -32.47 -19.97 24.87
C PRO A 200 -33.87 -20.21 24.30
N SER A 201 -34.48 -21.33 24.69
CA SER A 201 -35.78 -21.72 24.16
C SER A 201 -36.87 -20.70 24.51
N SER A 202 -36.74 -20.03 25.66
CA SER A 202 -37.78 -19.11 26.09
C SER A 202 -37.79 -17.82 25.29
N SER A 203 -36.74 -17.53 24.53
CA SER A 203 -36.70 -16.31 23.72
C SER A 203 -37.29 -16.50 22.33
N LEU A 204 -37.73 -17.70 21.98
CA LEU A 204 -38.17 -17.98 20.61
C LEU A 204 -39.39 -17.15 20.20
N GLY A 205 -40.29 -16.87 21.14
CA GLY A 205 -41.48 -16.15 20.77
C GLY A 205 -41.36 -14.64 20.88
N THR A 206 -40.40 -14.15 21.67
CA THR A 206 -40.29 -12.73 21.97
C THR A 206 -39.21 -12.06 21.14
N GLN A 207 -37.96 -12.50 21.30
CA GLN A 207 -36.88 -11.88 20.54
C GLN A 207 -37.00 -12.24 19.07
N THR A 208 -36.74 -11.25 18.21
CA THR A 208 -36.78 -11.45 16.77
C THR A 208 -35.39 -11.81 16.26
N TYR A 209 -35.33 -12.80 15.37
CA TYR A 209 -34.07 -13.27 14.79
C TYR A 209 -34.15 -13.15 13.29
N ILE A 210 -33.34 -12.24 12.74
CA ILE A 210 -33.27 -11.98 11.31
C ILE A 210 -31.83 -12.19 10.87
N CYS A 211 -31.62 -12.94 9.81
CA CYS A 211 -30.30 -13.15 9.25
C CYS A 211 -30.10 -12.18 8.09
N ASN A 212 -28.96 -11.50 8.09
CA ASN A 212 -28.64 -10.50 7.08
C ASN A 212 -27.61 -11.10 6.12
N VAL A 213 -28.08 -11.56 4.97
CA VAL A 213 -27.24 -12.20 3.97
C VAL A 213 -26.88 -11.16 2.92
N ASN A 214 -25.58 -10.93 2.76
CA ASN A 214 -25.07 -9.93 1.82
C ASN A 214 -24.18 -10.62 0.80
N HIS A 215 -24.47 -10.40 -0.48
CA HIS A 215 -23.71 -10.94 -1.60
C HIS A 215 -23.24 -9.75 -2.44
N LYS A 216 -22.07 -9.21 -2.10
CA LYS A 216 -21.58 -8.04 -2.81
C LYS A 216 -21.41 -8.25 -4.32
N PRO A 217 -20.89 -9.38 -4.81
CA PRO A 217 -20.70 -9.51 -6.27
C PRO A 217 -21.96 -9.27 -7.08
N SER A 218 -23.14 -9.60 -6.55
CA SER A 218 -24.39 -9.39 -7.26
C SER A 218 -25.14 -8.14 -6.81
N ASN A 219 -24.58 -7.38 -5.86
CA ASN A 219 -25.28 -6.26 -5.24
C ASN A 219 -26.63 -6.69 -4.68
N THR A 220 -26.61 -7.80 -3.94
CA THR A 220 -27.80 -8.37 -3.34
C THR A 220 -27.65 -8.43 -1.84
N LYS A 221 -28.68 -7.96 -1.13
CA LYS A 221 -28.72 -8.02 0.33
C LYS A 221 -30.11 -8.44 0.74
N VAL A 222 -30.22 -9.60 1.40
CA VAL A 222 -31.49 -10.16 1.79
C VAL A 222 -31.53 -10.25 3.31
N ASP A 223 -32.58 -9.71 3.91
CA ASP A 223 -32.84 -9.80 5.34
C ASP A 223 -34.04 -10.73 5.52
N LYS A 224 -33.79 -11.92 6.06
CA LYS A 224 -34.81 -12.95 6.16
C LYS A 224 -35.12 -13.18 7.62
N LYS A 225 -36.38 -12.98 8.00
CA LYS A 225 -36.80 -13.25 9.36
C LYS A 225 -36.99 -14.74 9.55
N VAL A 226 -36.49 -15.26 10.66
CA VAL A 226 -36.56 -16.67 10.98
C VAL A 226 -37.44 -16.81 12.21
N GLU A 227 -38.56 -17.50 12.04
CA GLU A 227 -39.52 -17.68 13.11
C GLU A 227 -39.99 -19.13 13.10
N PRO A 228 -40.50 -19.62 14.21
CA PRO A 228 -40.92 -21.03 14.29
C PRO A 228 -42.02 -21.41 13.31
N LYS A 229 -42.40 -22.69 13.36
CA LYS A 229 -43.28 -23.33 12.38
C LYS A 229 -44.67 -22.67 12.37
N SER A 230 -45.49 -23.08 11.41
CA SER A 230 -46.76 -22.45 11.11
C SER A 230 -47.96 -23.11 11.78
N CYS A 231 -47.72 -24.14 12.61
CA CYS A 231 -48.82 -24.84 13.26
C CYS A 231 -48.71 -24.72 14.78
N GLN B 7 -4.19 -30.64 -1.96
CA GLN B 7 -4.69 -31.73 -1.13
C GLN B 7 -5.16 -31.23 0.22
N SER B 8 -6.14 -31.92 0.80
CA SER B 8 -6.65 -31.55 2.11
C SER B 8 -5.58 -31.77 3.18
N PRO B 9 -5.40 -30.84 4.12
CA PRO B 9 -4.28 -30.93 5.05
C PRO B 9 -4.54 -31.93 6.17
N SER B 10 -3.47 -32.58 6.60
CA SER B 10 -3.54 -33.50 7.72
C SER B 10 -3.82 -32.75 9.01
N SER B 11 -4.21 -33.50 10.04
CA SER B 11 -4.62 -32.92 11.31
C SER B 11 -3.77 -33.50 12.44
N LEU B 12 -3.50 -32.66 13.43
CA LEU B 12 -2.72 -33.04 14.60
C LEU B 12 -3.25 -32.27 15.80
N SER B 13 -3.68 -32.99 16.83
CA SER B 13 -4.28 -32.36 18.01
C SER B 13 -3.26 -32.32 19.15
N ALA B 14 -3.12 -31.14 19.77
CA ALA B 14 -2.11 -30.95 20.80
C ALA B 14 -2.60 -29.89 21.79
N SER B 15 -1.88 -29.78 22.90
CA SER B 15 -2.17 -28.82 23.95
C SER B 15 -1.06 -27.78 24.05
N VAL B 16 -1.40 -26.64 24.65
CA VAL B 16 -0.41 -25.63 24.96
C VAL B 16 0.67 -26.24 25.83
N GLY B 17 1.94 -26.03 25.47
CA GLY B 17 3.04 -26.61 26.18
C GLY B 17 3.57 -27.91 25.62
N ASP B 18 2.82 -28.55 24.71
CA ASP B 18 3.28 -29.79 24.09
C ASP B 18 4.43 -29.54 23.12
N ARG B 19 5.27 -30.55 22.96
CA ARG B 19 6.29 -30.55 21.92
C ARG B 19 5.75 -31.25 20.68
N VAL B 20 5.91 -30.62 19.52
CA VAL B 20 5.36 -31.14 18.27
C VAL B 20 6.48 -31.20 17.25
N THR B 21 6.57 -32.33 16.54
CA THR B 21 7.57 -32.53 15.49
C THR B 21 6.89 -32.97 14.20
N ILE B 22 6.99 -32.15 13.17
CA ILE B 22 6.38 -32.43 11.87
C ILE B 22 7.45 -32.88 10.89
N THR B 23 7.22 -34.01 10.23
CA THR B 23 8.13 -34.55 9.24
C THR B 23 7.62 -34.17 7.85
N CYS B 24 8.51 -33.64 7.01
CA CYS B 24 8.13 -33.29 5.66
C CYS B 24 8.00 -34.53 4.80
N ARG B 25 6.83 -34.72 4.19
CA ARG B 25 6.56 -35.87 3.33
C ARG B 25 6.95 -35.65 1.88
N ALA B 26 6.85 -34.40 1.39
CA ALA B 26 7.26 -34.10 0.02
C ALA B 26 8.77 -34.09 -0.14
N SER B 27 9.53 -33.97 0.95
CA SER B 27 10.98 -33.86 0.85
C SER B 27 11.67 -35.19 0.63
N GLN B 28 10.94 -36.31 0.68
CA GLN B 28 11.54 -37.60 0.38
C GLN B 28 11.96 -37.71 -1.08
N SER B 29 11.59 -36.75 -1.92
CA SER B 29 12.00 -36.76 -3.32
C SER B 29 13.53 -36.69 -3.44
N VAL B 30 14.12 -35.58 -3.00
CA VAL B 30 15.55 -35.31 -3.17
C VAL B 30 16.09 -34.77 -1.85
N SER B 31 17.39 -34.43 -1.85
CA SER B 31 18.11 -33.95 -0.68
C SER B 31 18.38 -32.44 -0.73
N SER B 32 17.55 -31.69 -1.43
CA SER B 32 17.74 -30.25 -1.56
C SER B 32 17.38 -29.53 -0.25
N ALA B 33 17.40 -28.19 -0.31
CA ALA B 33 17.06 -27.37 0.83
C ALA B 33 15.55 -27.37 1.08
N VAL B 34 15.17 -27.33 2.36
CA VAL B 34 13.78 -27.42 2.78
C VAL B 34 13.41 -26.17 3.56
N ALA B 35 12.26 -25.58 3.22
CA ALA B 35 11.72 -24.44 3.93
C ALA B 35 10.40 -24.83 4.58
N TRP B 36 10.09 -24.17 5.69
CA TRP B 36 8.86 -24.40 6.44
C TRP B 36 8.07 -23.10 6.53
N TYR B 37 6.74 -23.22 6.46
CA TYR B 37 5.85 -22.07 6.50
C TYR B 37 4.71 -22.30 7.48
N GLN B 38 4.19 -21.21 8.01
CA GLN B 38 3.02 -21.22 8.87
C GLN B 38 1.93 -20.39 8.20
N GLN B 39 0.72 -20.92 8.14
CA GLN B 39 -0.41 -20.20 7.55
C GLN B 39 -1.60 -20.28 8.49
N LYS B 40 -2.21 -19.14 8.76
CA LYS B 40 -3.44 -18.97 9.49
C LYS B 40 -4.60 -18.67 8.54
N PRO B 41 -5.83 -19.01 8.92
CA PRO B 41 -6.96 -18.87 7.99
C PRO B 41 -7.13 -17.43 7.51
N GLY B 42 -7.22 -17.28 6.19
CA GLY B 42 -7.45 -15.99 5.58
C GLY B 42 -6.23 -15.12 5.41
N SER B 43 -5.03 -15.64 5.63
CA SER B 43 -3.80 -14.86 5.53
C SER B 43 -2.78 -15.62 4.70
N ALA B 44 -1.81 -14.88 4.17
CA ALA B 44 -0.72 -15.49 3.42
C ALA B 44 0.19 -16.26 4.38
N PRO B 45 0.84 -17.32 3.88
CA PRO B 45 1.80 -18.04 4.72
C PRO B 45 2.98 -17.16 5.10
N SER B 46 3.68 -17.56 6.16
CA SER B 46 4.86 -16.84 6.64
C SER B 46 6.02 -17.80 6.76
N LEU B 47 7.20 -17.34 6.36
CA LEU B 47 8.38 -18.18 6.37
C LEU B 47 8.88 -18.37 7.79
N LEU B 48 9.13 -19.62 8.17
CA LEU B 48 9.67 -19.96 9.49
C LEU B 48 11.14 -20.36 9.44
N ILE B 49 11.50 -21.25 8.51
CA ILE B 49 12.82 -21.87 8.45
C ILE B 49 13.18 -22.06 6.99
N TYR B 50 14.45 -21.85 6.65
CA TYR B 50 14.99 -22.09 5.33
C TYR B 50 16.28 -22.88 5.46
N SER B 51 16.66 -23.55 4.37
CA SER B 51 17.84 -24.43 4.34
C SER B 51 17.82 -25.42 5.50
N ALA B 52 16.65 -26.04 5.70
CA ALA B 52 16.42 -27.10 6.66
C ALA B 52 16.45 -26.64 8.12
N SER B 53 17.40 -25.78 8.48
CA SER B 53 17.62 -25.48 9.89
C SER B 53 17.88 -24.02 10.20
N SER B 54 17.93 -23.13 9.22
CA SER B 54 18.19 -21.72 9.48
C SER B 54 16.88 -21.03 9.87
N LEU B 55 16.86 -20.46 11.07
CA LEU B 55 15.66 -19.77 11.56
C LEU B 55 15.52 -18.42 10.88
N TYR B 56 14.36 -18.17 10.29
CA TYR B 56 14.14 -16.89 9.62
C TYR B 56 14.09 -15.76 10.64
N SER B 57 14.57 -14.59 10.21
CA SER B 57 14.69 -13.44 11.09
C SER B 57 13.35 -13.07 11.70
N GLY B 58 13.29 -13.06 13.03
CA GLY B 58 12.09 -12.69 13.75
C GLY B 58 11.24 -13.84 14.26
N VAL B 59 11.54 -15.06 13.83
CA VAL B 59 10.75 -16.23 14.25
C VAL B 59 11.16 -16.63 15.66
N PRO B 60 10.22 -16.90 16.56
CA PRO B 60 10.58 -17.32 17.92
C PRO B 60 11.48 -18.56 17.91
N SER B 61 12.36 -18.63 18.91
CA SER B 61 13.39 -19.67 18.95
C SER B 61 12.81 -21.03 19.33
N ARG B 62 11.54 -21.12 19.69
CA ARG B 62 10.94 -22.42 19.93
C ARG B 62 10.71 -23.20 18.65
N PHE B 63 10.77 -22.53 17.50
CA PHE B 63 10.75 -23.22 16.21
C PHE B 63 12.16 -23.63 15.81
N SER B 64 12.33 -24.90 15.44
CA SER B 64 13.62 -25.36 14.96
C SER B 64 13.38 -26.41 13.88
N GLY B 65 14.34 -26.48 12.96
CA GLY B 65 14.28 -27.46 11.89
C GLY B 65 15.58 -28.23 11.83
N SER B 66 15.47 -29.49 11.41
CA SER B 66 16.59 -30.41 11.43
C SER B 66 16.57 -31.31 10.21
N ARG B 67 17.73 -31.84 9.88
CA ARG B 67 17.89 -32.83 8.82
C ARG B 67 18.70 -33.99 9.36
N SER B 68 18.21 -35.21 9.16
CA SER B 68 18.93 -36.43 9.51
C SER B 68 18.83 -37.34 8.30
N GLY B 69 19.80 -37.23 7.40
CA GLY B 69 19.74 -37.99 6.16
C GLY B 69 18.72 -37.37 5.23
N THR B 70 17.85 -38.21 4.69
CA THR B 70 16.80 -37.77 3.78
C THR B 70 15.57 -37.23 4.51
N ASP B 71 15.60 -37.13 5.83
CA ASP B 71 14.44 -36.74 6.62
C ASP B 71 14.61 -35.32 7.14
N PHE B 72 13.61 -34.47 6.86
CA PHE B 72 13.57 -33.10 7.32
C PHE B 72 12.38 -32.92 8.26
N THR B 73 12.61 -32.35 9.44
CA THR B 73 11.58 -32.17 10.44
C THR B 73 11.51 -30.72 10.88
N LEU B 74 10.34 -30.34 11.38
CA LEU B 74 10.11 -29.06 12.05
C LEU B 74 9.61 -29.35 13.45
N THR B 75 10.23 -28.73 14.45
CA THR B 75 9.88 -28.97 15.85
C THR B 75 9.48 -27.66 16.52
N ILE B 76 8.35 -27.69 17.21
CA ILE B 76 7.95 -26.61 18.12
C ILE B 76 8.19 -27.13 19.53
N SER B 77 9.15 -26.53 20.23
CA SER B 77 9.60 -27.10 21.49
C SER B 77 8.51 -27.07 22.56
N SER B 78 7.70 -26.02 22.56
CA SER B 78 6.60 -25.88 23.52
C SER B 78 5.52 -25.03 22.87
N LEU B 79 4.39 -25.65 22.53
CA LEU B 79 3.35 -24.99 21.77
C LEU B 79 2.76 -23.80 22.53
N GLN B 80 2.68 -22.67 21.86
CA GLN B 80 2.01 -21.49 22.38
C GLN B 80 0.65 -21.32 21.71
N PRO B 81 -0.27 -20.59 22.35
CA PRO B 81 -1.61 -20.43 21.75
C PRO B 81 -1.58 -19.90 20.31
N GLU B 82 -0.67 -19.00 20.00
CA GLU B 82 -0.60 -18.43 18.66
C GLU B 82 0.02 -19.39 17.64
N ASP B 83 0.41 -20.59 18.05
CA ASP B 83 1.05 -21.55 17.15
C ASP B 83 0.06 -22.49 16.47
N PHE B 84 -1.19 -22.55 16.94
CA PHE B 84 -2.17 -23.41 16.30
C PHE B 84 -2.53 -22.83 14.94
N ALA B 85 -2.13 -23.53 13.90
CA ALA B 85 -2.24 -23.08 12.52
C ALA B 85 -1.89 -24.26 11.63
N THR B 86 -1.73 -24.00 10.34
CA THR B 86 -1.34 -25.02 9.36
C THR B 86 0.11 -24.78 8.93
N TYR B 87 0.89 -25.86 8.84
CA TYR B 87 2.30 -25.79 8.52
C TYR B 87 2.59 -26.56 7.24
N TYR B 88 3.39 -25.96 6.36
CA TYR B 88 3.79 -26.54 5.09
C TYR B 88 5.31 -26.59 4.99
N CYS B 89 5.83 -27.66 4.41
CA CYS B 89 7.22 -27.70 4.00
C CYS B 89 7.31 -27.50 2.49
N GLN B 90 8.45 -26.94 2.04
CA GLN B 90 8.68 -26.64 0.64
C GLN B 90 10.05 -27.15 0.24
N GLN B 91 10.11 -27.87 -0.87
CA GLN B 91 11.37 -28.36 -1.42
C GLN B 91 11.55 -27.85 -2.85
N SER B 92 12.74 -28.10 -3.40
CA SER B 92 13.08 -27.74 -4.78
C SER B 92 13.72 -28.97 -5.42
N PRO B 93 12.90 -29.86 -6.00
CA PRO B 93 13.45 -31.14 -6.48
C PRO B 93 14.54 -31.03 -7.54
N GLN B 94 14.34 -30.21 -8.57
CA GLN B 94 15.33 -30.05 -9.63
C GLN B 94 15.93 -28.66 -9.70
N GLY B 95 15.77 -27.85 -8.67
CA GLY B 95 16.29 -26.49 -8.65
C GLY B 95 15.38 -25.47 -9.31
N TYR B 96 14.72 -25.85 -10.40
CA TYR B 96 13.76 -24.97 -11.05
C TYR B 96 12.34 -25.29 -10.62
N LEU B 97 12.07 -26.55 -10.31
CA LEU B 97 10.77 -26.98 -9.84
C LEU B 97 10.64 -26.66 -8.36
N VAL B 98 9.41 -26.43 -7.93
CA VAL B 98 9.09 -26.19 -6.53
C VAL B 98 7.84 -26.99 -6.19
N THR B 99 7.88 -27.69 -5.05
CA THR B 99 6.74 -28.46 -4.58
C THR B 99 6.53 -28.18 -3.10
N PHE B 100 5.27 -27.98 -2.72
CA PHE B 100 4.89 -27.84 -1.33
C PHE B 100 4.29 -29.16 -0.86
N GLY B 101 4.62 -29.55 0.36
CA GLY B 101 4.04 -30.76 0.92
C GLY B 101 2.60 -30.55 1.33
N GLN B 102 1.95 -31.65 1.71
CA GLN B 102 0.61 -31.56 2.26
C GLN B 102 0.65 -30.81 3.58
N GLY B 103 -0.38 -30.03 3.84
CA GLY B 103 -0.41 -29.24 5.05
C GLY B 103 -0.63 -30.07 6.29
N THR B 104 -0.08 -29.61 7.41
CA THR B 104 -0.31 -30.22 8.71
C THR B 104 -0.93 -29.14 9.60
N LYS B 105 -2.19 -29.32 9.98
CA LYS B 105 -2.90 -28.37 10.81
C LYS B 105 -2.80 -28.80 12.27
N VAL B 106 -2.20 -27.95 13.10
CA VAL B 106 -2.12 -28.20 14.53
C VAL B 106 -3.35 -27.60 15.19
N GLU B 107 -4.15 -28.44 15.82
CA GLU B 107 -5.42 -28.04 16.42
C GLU B 107 -5.37 -28.20 17.93
N ILE B 108 -6.32 -27.54 18.60
CA ILE B 108 -6.32 -27.41 20.06
C ILE B 108 -7.03 -28.61 20.68
N LYS B 109 -6.33 -29.31 21.57
CA LYS B 109 -6.91 -30.43 22.28
C LYS B 109 -7.84 -29.93 23.38
N ARG B 110 -8.96 -30.63 23.57
CA ARG B 110 -9.88 -30.32 24.65
C ARG B 110 -10.65 -31.59 25.02
N THR B 111 -11.48 -31.49 26.05
CA THR B 111 -12.22 -32.67 26.50
C THR B 111 -13.31 -33.02 25.50
N VAL B 112 -13.64 -34.32 25.46
CA VAL B 112 -14.65 -34.81 24.54
C VAL B 112 -15.99 -34.14 24.84
N ALA B 113 -16.62 -33.60 23.81
CA ALA B 113 -17.94 -32.98 23.93
C ALA B 113 -18.86 -33.62 22.91
N ALA B 114 -19.95 -34.21 23.38
CA ALA B 114 -20.91 -34.80 22.46
C ALA B 114 -21.69 -33.69 21.74
N PRO B 115 -22.04 -33.89 20.48
CA PRO B 115 -22.82 -32.88 19.77
C PRO B 115 -24.29 -32.91 20.18
N SER B 116 -24.91 -31.74 20.18
CA SER B 116 -26.35 -31.64 20.25
C SER B 116 -26.88 -31.54 18.83
N VAL B 117 -27.82 -32.42 18.48
CA VAL B 117 -28.24 -32.63 17.10
C VAL B 117 -29.59 -31.96 16.86
N PHE B 118 -29.74 -31.32 15.70
CA PHE B 118 -30.98 -30.70 15.31
C PHE B 118 -31.25 -31.03 13.85
N ILE B 119 -32.51 -31.25 13.50
CA ILE B 119 -32.89 -31.51 12.12
C ILE B 119 -33.90 -30.45 11.69
N PHE B 120 -33.73 -29.95 10.47
CA PHE B 120 -34.56 -28.88 9.93
C PHE B 120 -35.24 -29.34 8.64
N PRO B 121 -36.57 -29.36 8.59
CA PRO B 121 -37.25 -29.67 7.33
C PRO B 121 -37.05 -28.55 6.33
N PRO B 122 -37.26 -28.80 5.05
CA PRO B 122 -37.16 -27.72 4.06
C PRO B 122 -38.28 -26.71 4.28
N SER B 123 -38.00 -25.45 3.93
CA SER B 123 -38.99 -24.42 4.09
C SER B 123 -40.05 -24.51 2.99
N ASP B 124 -41.20 -23.90 3.26
CA ASP B 124 -42.27 -23.89 2.27
C ASP B 124 -41.85 -23.11 1.03
N SER B 125 -41.10 -22.02 1.22
CA SER B 125 -40.66 -21.22 0.09
C SER B 125 -39.75 -22.00 -0.84
N GLN B 126 -38.81 -22.78 -0.28
CA GLN B 126 -37.92 -23.57 -1.13
C GLN B 126 -38.69 -24.67 -1.84
N LEU B 127 -39.62 -25.32 -1.15
CA LEU B 127 -40.40 -26.38 -1.78
C LEU B 127 -41.14 -25.88 -3.02
N LYS B 128 -41.69 -24.66 -2.93
CA LYS B 128 -42.41 -24.09 -4.05
C LYS B 128 -41.52 -23.81 -5.25
N SER B 129 -40.20 -23.75 -5.05
CA SER B 129 -39.26 -23.56 -6.15
C SER B 129 -38.81 -24.89 -6.76
N GLY B 130 -39.26 -26.02 -6.22
CA GLY B 130 -39.02 -27.31 -6.83
C GLY B 130 -37.95 -28.17 -6.18
N THR B 131 -37.29 -27.68 -5.13
CA THR B 131 -36.22 -28.43 -4.47
C THR B 131 -36.45 -28.48 -2.97
N ALA B 132 -35.92 -29.53 -2.35
CA ALA B 132 -36.01 -29.71 -0.91
C ALA B 132 -34.62 -29.98 -0.36
N SER B 133 -34.17 -29.12 0.55
CA SER B 133 -32.93 -29.30 1.29
C SER B 133 -33.28 -29.59 2.75
N VAL B 134 -32.80 -30.72 3.27
CA VAL B 134 -32.98 -31.10 4.66
C VAL B 134 -31.63 -30.99 5.36
N VAL B 135 -31.61 -30.30 6.50
CA VAL B 135 -30.36 -29.98 7.18
C VAL B 135 -30.32 -30.67 8.54
N CYS B 136 -29.21 -31.37 8.80
CA CYS B 136 -28.90 -31.97 10.09
C CYS B 136 -27.74 -31.19 10.67
N LEU B 137 -27.91 -30.65 11.87
CA LEU B 137 -26.90 -29.83 12.53
C LEU B 137 -26.30 -30.59 13.70
N LEU B 138 -24.96 -30.66 13.72
CA LEU B 138 -24.22 -31.19 14.85
C LEU B 138 -23.44 -30.03 15.45
N ASN B 139 -23.82 -29.61 16.66
CA ASN B 139 -23.37 -28.34 17.21
C ASN B 139 -22.41 -28.57 18.37
N ASN B 140 -21.27 -27.88 18.33
CA ASN B 140 -20.34 -27.76 19.46
C ASN B 140 -19.93 -29.12 20.02
N PHE B 141 -19.15 -29.84 19.21
CA PHE B 141 -18.66 -31.16 19.61
C PHE B 141 -17.15 -31.22 19.43
N TYR B 142 -16.53 -32.24 20.06
CA TYR B 142 -15.10 -32.52 19.96
C TYR B 142 -14.89 -33.97 20.33
N PRO B 143 -14.05 -34.73 19.60
CA PRO B 143 -13.25 -34.31 18.45
C PRO B 143 -14.07 -34.16 17.17
N ARG B 144 -13.39 -33.78 16.09
CA ARG B 144 -14.09 -33.49 14.81
C ARG B 144 -14.74 -34.74 14.22
N GLU B 145 -14.17 -35.92 14.50
CA GLU B 145 -14.65 -37.14 13.85
C GLU B 145 -16.09 -37.44 14.27
N ALA B 146 -16.95 -37.61 13.29
CA ALA B 146 -18.36 -37.93 13.52
C ALA B 146 -18.92 -38.50 12.23
N LYS B 147 -19.93 -39.37 12.38
CA LYS B 147 -20.58 -40.02 11.26
C LYS B 147 -22.06 -39.68 11.26
N VAL B 148 -22.55 -39.21 10.11
CA VAL B 148 -23.96 -38.87 9.93
C VAL B 148 -24.56 -39.85 8.92
N GLN B 149 -25.66 -40.50 9.31
CA GLN B 149 -26.34 -41.46 8.45
C GLN B 149 -27.77 -40.99 8.22
N TRP B 150 -28.12 -40.77 6.97
CA TRP B 150 -29.48 -40.35 6.62
C TRP B 150 -30.36 -41.57 6.40
N SER B 151 -31.59 -41.50 6.91
CA SER B 151 -32.59 -42.53 6.70
C SER B 151 -33.87 -41.87 6.23
N VAL B 152 -34.45 -42.42 5.16
CA VAL B 152 -35.67 -41.89 4.56
C VAL B 152 -36.64 -43.06 4.50
N ASP B 153 -37.67 -43.02 5.36
CA ASP B 153 -38.56 -44.16 5.57
C ASP B 153 -37.77 -45.43 5.88
N ASN B 154 -36.71 -45.27 6.67
CA ASN B 154 -35.80 -46.33 7.11
C ASN B 154 -34.94 -46.89 5.97
N ALA B 155 -34.89 -46.22 4.82
CA ALA B 155 -33.97 -46.59 3.76
C ALA B 155 -32.68 -45.82 3.96
N LEU B 156 -31.55 -46.54 4.02
CA LEU B 156 -30.27 -45.90 4.23
C LEU B 156 -29.84 -45.17 2.98
N GLN B 157 -29.43 -43.91 3.13
CA GLN B 157 -29.06 -43.05 2.02
C GLN B 157 -27.55 -42.96 1.88
N SER B 158 -27.11 -42.64 0.66
CA SER B 158 -25.69 -42.45 0.39
C SER B 158 -25.51 -41.72 -0.93
N GLY B 159 -24.80 -40.60 -0.91
CA GLY B 159 -24.47 -39.89 -2.13
C GLY B 159 -25.33 -38.68 -2.43
N ASN B 160 -26.38 -38.42 -1.66
CA ASN B 160 -27.25 -37.29 -1.92
C ASN B 160 -27.20 -36.26 -0.79
N SER B 161 -26.09 -36.21 -0.05
CA SER B 161 -25.89 -35.23 1.00
C SER B 161 -24.45 -34.76 1.00
N GLN B 162 -24.24 -33.50 1.39
CA GLN B 162 -22.91 -32.93 1.55
C GLN B 162 -22.79 -32.31 2.93
N GLU B 163 -21.59 -32.38 3.51
CA GLU B 163 -21.38 -31.82 4.84
C GLU B 163 -20.30 -30.73 4.81
N SER B 164 -20.41 -29.82 5.77
N SER B 164 -20.43 -29.81 5.76
CA SER B 164 -19.48 -28.71 5.94
CA SER B 164 -19.48 -28.71 5.94
C SER B 164 -19.18 -28.53 7.41
C SER B 164 -19.17 -28.61 7.43
N VAL B 165 -17.89 -28.35 7.73
CA VAL B 165 -17.43 -28.24 9.11
C VAL B 165 -16.81 -26.86 9.32
N THR B 166 -17.07 -26.26 10.47
CA THR B 166 -16.42 -25.00 10.81
C THR B 166 -15.01 -25.27 11.34
N GLU B 167 -14.26 -24.19 11.51
CA GLU B 167 -13.01 -24.28 12.25
C GLU B 167 -13.31 -24.34 13.75
N GLN B 168 -12.28 -24.67 14.53
CA GLN B 168 -12.43 -24.69 15.98
C GLN B 168 -12.92 -23.35 16.48
N ASP B 169 -13.98 -23.38 17.28
CA ASP B 169 -14.53 -22.15 17.83
C ASP B 169 -13.47 -21.43 18.67
N SER B 170 -13.42 -20.11 18.55
CA SER B 170 -12.39 -19.34 19.25
C SER B 170 -12.53 -19.43 20.77
N LYS B 171 -13.73 -19.71 21.27
CA LYS B 171 -13.93 -19.76 22.72
C LYS B 171 -13.77 -21.17 23.28
N ASP B 172 -14.60 -22.11 22.82
CA ASP B 172 -14.67 -23.44 23.43
C ASP B 172 -13.92 -24.51 22.65
N SER B 173 -13.31 -24.16 21.52
CA SER B 173 -12.48 -25.05 20.72
C SER B 173 -13.25 -26.25 20.16
N THR B 174 -14.57 -26.14 20.02
CA THR B 174 -15.37 -27.22 19.46
C THR B 174 -15.59 -26.99 17.97
N TYR B 175 -16.17 -27.99 17.33
CA TYR B 175 -16.56 -27.93 15.93
C TYR B 175 -18.08 -27.97 15.82
N SER B 176 -18.57 -27.48 14.68
CA SER B 176 -19.95 -27.68 14.28
C SER B 176 -19.96 -28.17 12.84
N LEU B 177 -20.97 -28.97 12.52
CA LEU B 177 -21.04 -29.63 11.22
C LEU B 177 -22.48 -29.59 10.74
N SER B 178 -22.67 -29.23 9.48
CA SER B 178 -23.96 -29.33 8.83
C SER B 178 -23.93 -30.46 7.82
N SER B 179 -25.00 -31.24 7.76
CA SER B 179 -25.20 -32.27 6.76
C SER B 179 -26.50 -31.98 6.03
N THR B 180 -26.39 -31.68 4.74
CA THR B 180 -27.54 -31.21 3.97
C THR B 180 -27.91 -32.26 2.94
N LEU B 181 -29.10 -32.83 3.08
CA LEU B 181 -29.62 -33.79 2.12
C LEU B 181 -30.53 -33.05 1.15
N THR B 182 -30.25 -33.20 -0.14
CA THR B 182 -30.96 -32.47 -1.19
C THR B 182 -31.80 -33.44 -2.01
N LEU B 183 -33.07 -33.11 -2.17
CA LEU B 183 -34.01 -33.90 -2.97
C LEU B 183 -34.85 -32.95 -3.81
N SER B 184 -35.39 -33.48 -4.90
CA SER B 184 -36.41 -32.74 -5.63
C SER B 184 -37.70 -32.71 -4.81
N SER B 185 -38.54 -31.72 -5.11
CA SER B 185 -39.82 -31.61 -4.40
C SER B 185 -40.66 -32.88 -4.57
N ALA B 186 -40.67 -33.43 -5.78
CA ALA B 186 -41.46 -34.63 -6.04
C ALA B 186 -40.96 -35.81 -5.20
N ASP B 187 -39.64 -36.01 -5.18
CA ASP B 187 -39.09 -37.11 -4.37
C ASP B 187 -39.32 -36.87 -2.89
N TYR B 188 -39.16 -35.63 -2.44
CA TYR B 188 -39.36 -35.32 -1.02
C TYR B 188 -40.79 -35.65 -0.57
N GLU B 189 -41.77 -35.37 -1.43
CA GLU B 189 -43.17 -35.60 -1.09
C GLU B 189 -43.57 -37.06 -1.15
N LYS B 190 -42.72 -37.94 -1.69
CA LYS B 190 -43.02 -39.36 -1.77
C LYS B 190 -42.72 -40.11 -0.49
N HIS B 191 -42.07 -39.47 0.49
CA HIS B 191 -41.67 -40.15 1.71
C HIS B 191 -42.16 -39.35 2.91
N LYS B 192 -42.18 -40.02 4.07
CA LYS B 192 -42.73 -39.41 5.27
C LYS B 192 -41.66 -39.15 6.34
N VAL B 193 -40.94 -40.19 6.77
CA VAL B 193 -40.03 -40.08 7.91
C VAL B 193 -38.63 -39.73 7.41
N TYR B 194 -38.08 -38.64 7.94
CA TYR B 194 -36.73 -38.19 7.61
C TYR B 194 -35.90 -38.14 8.88
N ALA B 195 -34.78 -38.84 8.89
CA ALA B 195 -33.96 -38.97 10.08
C ALA B 195 -32.49 -38.92 9.73
N CYS B 196 -31.70 -38.28 10.59
CA CYS B 196 -30.25 -38.39 10.55
C CYS B 196 -29.78 -39.00 11.86
N GLU B 197 -28.90 -39.98 11.77
CA GLU B 197 -28.39 -40.73 12.91
C GLU B 197 -26.93 -40.34 13.11
N VAL B 198 -26.60 -39.85 14.30
CA VAL B 198 -25.28 -39.28 14.57
C VAL B 198 -24.51 -40.24 15.48
N THR B 199 -23.30 -40.58 15.06
CA THR B 199 -22.37 -41.37 15.86
C THR B 199 -21.16 -40.52 16.18
N HIS B 200 -20.78 -40.48 17.45
CA HIS B 200 -19.68 -39.64 17.90
C HIS B 200 -19.08 -40.24 19.18
N GLN B 201 -17.80 -39.90 19.41
CA GLN B 201 -17.07 -40.46 20.55
C GLN B 201 -17.77 -40.15 21.87
N GLY B 202 -18.34 -38.95 21.99
CA GLY B 202 -19.04 -38.53 23.18
C GLY B 202 -20.42 -39.10 23.38
N LEU B 203 -20.93 -39.87 22.42
CA LEU B 203 -22.26 -40.48 22.52
C LEU B 203 -22.10 -41.96 22.81
N SER B 204 -22.64 -42.41 23.95
CA SER B 204 -22.56 -43.83 24.30
C SER B 204 -23.35 -44.70 23.33
N SER B 205 -24.32 -44.13 22.63
CA SER B 205 -25.05 -44.79 21.57
C SER B 205 -25.50 -43.74 20.56
N PRO B 206 -25.72 -44.12 19.31
CA PRO B 206 -26.06 -43.11 18.29
C PRO B 206 -27.33 -42.34 18.61
N VAL B 207 -27.33 -41.06 18.26
CA VAL B 207 -28.48 -40.18 18.47
C VAL B 207 -29.16 -39.95 17.14
N THR B 208 -30.49 -40.05 17.12
CA THR B 208 -31.28 -39.85 15.92
C THR B 208 -32.28 -38.73 16.15
N LYS B 209 -32.29 -37.76 15.23
CA LYS B 209 -33.33 -36.72 15.19
C LYS B 209 -34.13 -36.92 13.91
N SER B 210 -35.45 -36.85 14.03
CA SER B 210 -36.32 -37.16 12.90
C SER B 210 -37.57 -36.30 12.95
N PHE B 211 -38.19 -36.17 11.77
CA PHE B 211 -39.51 -35.55 11.65
C PHE B 211 -40.30 -36.32 10.60
N ASN B 212 -41.62 -36.15 10.64
CA ASN B 212 -42.50 -36.70 9.62
C ASN B 212 -42.94 -35.57 8.70
N ARG B 213 -42.82 -35.80 7.39
CA ARG B 213 -43.11 -34.76 6.41
C ARG B 213 -44.57 -34.31 6.53
N GLY B 214 -44.77 -33.02 6.70
CA GLY B 214 -46.09 -32.43 6.66
C GLY B 214 -46.83 -32.43 7.98
N GLU B 215 -46.18 -32.82 9.07
CA GLU B 215 -46.80 -32.84 10.38
C GLU B 215 -46.60 -31.47 11.04
N CYS B 216 -46.70 -31.42 12.37
CA CYS B 216 -46.52 -30.19 13.10
C CYS B 216 -45.15 -30.15 13.76
N VAL C 5 4.61 9.10 5.01
CA VAL C 5 3.28 9.67 5.21
C VAL C 5 2.32 9.11 4.16
N GLN C 6 1.27 8.43 4.62
CA GLN C 6 0.41 7.67 3.73
C GLN C 6 -1.02 7.68 4.27
N LEU C 7 -1.98 7.61 3.34
CA LEU C 7 -3.40 7.43 3.67
C LEU C 7 -3.93 6.31 2.79
N VAL C 8 -4.31 5.19 3.40
CA VAL C 8 -4.80 4.02 2.67
C VAL C 8 -6.28 3.88 2.93
N GLU C 9 -7.07 3.87 1.87
CA GLU C 9 -8.52 3.81 1.98
C GLU C 9 -9.03 2.41 1.63
N SER C 10 -10.16 2.05 2.22
CA SER C 10 -10.82 0.79 1.95
C SER C 10 -12.27 0.87 2.39
N GLY C 11 -13.07 -0.08 1.92
CA GLY C 11 -14.45 -0.22 2.33
C GLY C 11 -15.48 0.14 1.28
N GLY C 12 -15.07 0.63 0.11
CA GLY C 12 -16.02 0.95 -0.92
C GLY C 12 -16.59 -0.30 -1.59
N GLY C 13 -17.48 -0.07 -2.54
CA GLY C 13 -18.03 -1.15 -3.33
C GLY C 13 -19.47 -0.86 -3.71
N LEU C 14 -20.23 -1.94 -3.89
CA LEU C 14 -21.62 -1.85 -4.32
C LEU C 14 -22.54 -1.88 -3.11
N VAL C 15 -23.66 -1.17 -3.22
CA VAL C 15 -24.65 -1.10 -2.15
C VAL C 15 -25.94 -0.58 -2.77
N GLN C 16 -27.06 -0.93 -2.17
CA GLN C 16 -28.36 -0.54 -2.66
C GLN C 16 -28.84 0.72 -1.96
N PRO C 17 -29.75 1.47 -2.58
CA PRO C 17 -30.29 2.67 -1.92
C PRO C 17 -30.93 2.31 -0.59
N GLY C 18 -30.68 3.16 0.42
CA GLY C 18 -31.11 2.89 1.76
C GLY C 18 -30.15 2.04 2.57
N GLY C 19 -29.14 1.45 1.93
CA GLY C 19 -28.19 0.61 2.62
C GLY C 19 -27.13 1.43 3.34
N SER C 20 -26.14 0.71 3.87
CA SER C 20 -25.08 1.31 4.67
C SER C 20 -23.72 0.84 4.16
N LEU C 21 -22.71 1.68 4.36
CA LEU C 21 -21.33 1.39 4.01
C LEU C 21 -20.41 2.15 4.96
N ARG C 22 -19.29 1.52 5.32
CA ARG C 22 -18.31 2.14 6.22
C ARG C 22 -16.97 2.20 5.50
N LEU C 23 -16.47 3.41 5.29
CA LEU C 23 -15.18 3.63 4.67
C LEU C 23 -14.11 3.84 5.75
N SER C 24 -12.90 3.41 5.45
CA SER C 24 -11.77 3.53 6.36
C SER C 24 -10.63 4.27 5.69
N CYS C 25 -9.91 5.05 6.49
CA CYS C 25 -8.75 5.84 6.04
C CYS C 25 -7.65 5.61 7.07
N ALA C 26 -6.80 4.61 6.81
CA ALA C 26 -5.71 4.28 7.71
C ALA C 26 -4.50 5.15 7.37
N ALA C 27 -3.97 5.82 8.38
CA ALA C 27 -2.88 6.77 8.19
C ALA C 27 -1.58 6.24 8.78
N SER C 28 -0.47 6.71 8.22
CA SER C 28 0.86 6.47 8.76
C SER C 28 1.72 7.69 8.45
N GLY C 29 2.75 7.91 9.28
CA GLY C 29 3.61 9.06 9.14
C GLY C 29 3.17 10.28 9.91
N PHE C 30 1.96 10.28 10.46
CA PHE C 30 1.50 11.36 11.32
C PHE C 30 0.40 10.80 12.21
N ASN C 31 0.01 11.59 13.21
CA ASN C 31 -1.04 11.22 14.16
C ASN C 31 -2.33 11.94 13.77
N VAL C 32 -3.35 11.16 13.43
CA VAL C 32 -4.62 11.70 12.94
C VAL C 32 -5.28 12.60 13.99
N TYR C 33 -5.00 12.37 15.26
CA TYR C 33 -5.64 13.14 16.33
C TYR C 33 -5.36 14.65 16.18
N TYR C 34 -4.15 15.01 15.76
CA TYR C 34 -3.72 16.41 15.71
C TYR C 34 -3.88 17.03 14.33
N SER C 35 -4.69 16.43 13.45
CA SER C 35 -4.93 16.98 12.13
C SER C 35 -6.42 16.95 11.85
N SER C 36 -6.83 17.70 10.82
CA SER C 36 -8.17 17.59 10.29
C SER C 36 -8.16 16.54 9.20
N ILE C 37 -9.01 15.53 9.34
CA ILE C 37 -9.18 14.49 8.33
C ILE C 37 -10.46 14.81 7.55
N HIS C 38 -10.33 14.97 6.24
CA HIS C 38 -11.44 15.28 5.38
C HIS C 38 -11.81 14.07 4.53
N TRP C 39 -13.11 13.93 4.24
CA TRP C 39 -13.59 13.07 3.18
C TRP C 39 -14.07 13.96 2.04
N VAL C 40 -13.56 13.70 0.83
CA VAL C 40 -13.94 14.43 -0.37
C VAL C 40 -14.32 13.40 -1.43
N ARG C 41 -15.48 13.58 -2.05
CA ARG C 41 -15.95 12.64 -3.07
C ARG C 41 -16.02 13.32 -4.44
N GLN C 42 -16.04 12.48 -5.48
CA GLN C 42 -16.04 12.97 -6.86
C GLN C 42 -16.90 12.03 -7.71
N ALA C 43 -18.07 12.51 -8.11
CA ALA C 43 -18.94 11.74 -8.99
C ALA C 43 -18.27 11.58 -10.36
N PRO C 44 -18.64 10.54 -11.11
CA PRO C 44 -18.05 10.34 -12.43
C PRO C 44 -18.26 11.56 -13.32
N GLY C 45 -17.15 12.05 -13.88
CA GLY C 45 -17.16 13.19 -14.77
C GLY C 45 -17.48 14.51 -14.11
N LYS C 46 -17.48 14.58 -12.79
CA LYS C 46 -17.83 15.78 -12.05
C LYS C 46 -16.63 16.24 -11.21
N GLY C 47 -16.81 17.38 -10.53
CA GLY C 47 -15.76 17.95 -9.72
C GLY C 47 -15.77 17.41 -8.31
N LEU C 48 -14.82 17.90 -7.51
CA LEU C 48 -14.70 17.50 -6.12
C LEU C 48 -15.85 18.07 -5.29
N GLU C 49 -16.28 17.30 -4.30
CA GLU C 49 -17.33 17.74 -3.38
C GLU C 49 -16.92 17.37 -1.96
N TRP C 50 -16.76 18.38 -1.10
CA TRP C 50 -16.41 18.13 0.30
C TRP C 50 -17.59 17.49 1.04
N VAL C 51 -17.29 16.51 1.88
CA VAL C 51 -18.30 15.69 2.53
C VAL C 51 -18.30 15.90 4.05
N ALA C 52 -17.14 15.74 4.70
CA ALA C 52 -17.07 15.83 6.15
C ALA C 52 -15.62 16.01 6.59
N SER C 53 -15.46 16.47 7.83
CA SER C 53 -14.14 16.63 8.42
C SER C 53 -14.21 16.31 9.90
N ILE C 54 -13.07 15.94 10.46
CA ILE C 54 -12.95 15.69 11.89
C ILE C 54 -11.59 16.18 12.37
N TYR C 55 -11.60 16.94 13.48
CA TYR C 55 -10.38 17.49 14.09
C TYR C 55 -10.47 17.12 15.57
N SER C 56 -10.02 15.92 15.91
CA SER C 56 -10.25 15.37 17.24
C SER C 56 -9.62 16.23 18.32
N TYR C 57 -8.39 16.71 18.08
CA TYR C 57 -7.69 17.53 19.06
C TYR C 57 -8.53 18.73 19.50
N TYR C 58 -9.24 19.33 18.57
CA TYR C 58 -10.08 20.50 18.84
C TYR C 58 -11.55 20.14 19.02
N GLY C 59 -11.86 18.85 19.18
CA GLY C 59 -13.22 18.41 19.44
C GLY C 59 -14.22 18.86 18.39
N SER C 60 -13.86 18.74 17.11
CA SER C 60 -14.62 19.32 16.01
C SER C 60 -14.98 18.27 14.97
N THR C 61 -16.23 18.29 14.53
CA THR C 61 -16.65 17.58 13.33
C THR C 61 -17.56 18.48 12.52
N SER C 62 -17.49 18.34 11.20
CA SER C 62 -18.29 19.14 10.30
C SER C 62 -18.83 18.28 9.18
N TYR C 63 -19.97 18.67 8.63
CA TYR C 63 -20.65 17.91 7.59
C TYR C 63 -21.23 18.84 6.54
N ALA C 64 -21.10 18.45 5.28
CA ALA C 64 -21.82 19.15 4.22
C ALA C 64 -23.33 18.92 4.37
N ASP C 65 -24.11 19.90 3.91
CA ASP C 65 -25.56 19.80 4.05
C ASP C 65 -26.11 18.57 3.35
N SER C 66 -25.55 18.20 2.21
CA SER C 66 -26.07 17.10 1.42
C SER C 66 -25.91 15.74 2.09
N VAL C 67 -25.14 15.66 3.17
CA VAL C 67 -24.93 14.40 3.89
C VAL C 67 -25.28 14.50 5.37
N LYS C 68 -25.69 15.66 5.85
CA LYS C 68 -25.97 15.83 7.27
C LYS C 68 -27.11 14.92 7.72
N GLY C 69 -26.90 14.20 8.82
CA GLY C 69 -27.87 13.27 9.31
C GLY C 69 -27.74 11.86 8.76
N ARG C 70 -27.11 11.70 7.60
CA ARG C 70 -26.93 10.38 7.02
C ARG C 70 -25.53 9.83 7.23
N PHE C 71 -24.49 10.67 7.16
CA PHE C 71 -23.13 10.24 7.34
C PHE C 71 -22.62 10.64 8.72
N THR C 72 -21.72 9.83 9.27
CA THR C 72 -21.08 10.11 10.55
C THR C 72 -19.59 9.84 10.41
N ILE C 73 -18.77 10.86 10.66
CA ILE C 73 -17.32 10.74 10.60
C ILE C 73 -16.80 10.51 12.01
N SER C 74 -15.77 9.67 12.12
CA SER C 74 -15.20 9.32 13.42
C SER C 74 -13.73 8.97 13.23
N ALA C 75 -13.05 8.72 14.35
CA ALA C 75 -11.64 8.37 14.29
C ALA C 75 -11.30 7.44 15.45
N ASP C 76 -10.34 6.54 15.21
CA ASP C 76 -9.82 5.63 16.22
C ASP C 76 -8.33 5.93 16.38
N THR C 77 -7.98 6.67 17.42
CA THR C 77 -6.60 7.09 17.60
C THR C 77 -5.67 5.90 17.79
N SER C 78 -6.13 4.86 18.48
CA SER C 78 -5.27 3.69 18.69
C SER C 78 -4.92 3.02 17.37
N LYS C 79 -5.79 3.09 16.38
CA LYS C 79 -5.52 2.53 15.06
C LYS C 79 -5.01 3.58 14.07
N ASN C 80 -4.96 4.85 14.48
CA ASN C 80 -4.56 5.95 13.61
C ASN C 80 -5.39 5.94 12.32
N THR C 81 -6.69 5.76 12.49
CA THR C 81 -7.60 5.56 11.37
C THR C 81 -8.87 6.39 11.57
N ALA C 82 -9.33 7.00 10.48
CA ALA C 82 -10.59 7.72 10.45
C ALA C 82 -11.62 6.92 9.65
N TYR C 83 -12.89 7.16 9.95
CA TYR C 83 -13.98 6.40 9.34
C TYR C 83 -15.08 7.34 8.88
N LEU C 84 -15.78 6.93 7.83
CA LEU C 84 -16.99 7.57 7.37
C LEU C 84 -18.08 6.52 7.37
N GLN C 85 -19.04 6.64 8.29
CA GLN C 85 -20.19 5.75 8.36
C GLN C 85 -21.30 6.34 7.51
N MET C 86 -21.63 5.67 6.41
CA MET C 86 -22.60 6.15 5.44
C MET C 86 -23.90 5.38 5.62
N ASN C 87 -24.97 6.07 6.01
CA ASN C 87 -26.30 5.49 6.12
C ASN C 87 -27.24 6.18 5.13
N SER C 88 -28.39 5.55 4.90
CA SER C 88 -29.44 6.08 4.02
C SER C 88 -28.87 6.49 2.67
N LEU C 89 -28.11 5.57 2.08
CA LEU C 89 -27.39 5.86 0.84
C LEU C 89 -28.36 6.10 -0.31
N ARG C 90 -27.96 6.98 -1.22
CA ARG C 90 -28.75 7.31 -2.40
C ARG C 90 -27.90 7.15 -3.63
N ALA C 91 -28.56 7.05 -4.78
CA ALA C 91 -27.83 6.94 -6.04
C ALA C 91 -26.90 8.13 -6.24
N GLU C 92 -27.30 9.31 -5.78
CA GLU C 92 -26.49 10.51 -5.90
C GLU C 92 -25.21 10.45 -5.07
N ASP C 93 -25.12 9.51 -4.13
CA ASP C 93 -23.91 9.32 -3.36
C ASP C 93 -22.84 8.54 -4.11
N THR C 94 -23.13 8.09 -5.34
CA THR C 94 -22.15 7.35 -6.14
C THR C 94 -20.99 8.26 -6.51
N ALA C 95 -19.79 7.87 -6.11
CA ALA C 95 -18.61 8.69 -6.35
C ALA C 95 -17.38 7.91 -5.92
N VAL C 96 -16.23 8.39 -6.35
CA VAL C 96 -14.96 8.01 -5.74
C VAL C 96 -14.78 8.85 -4.49
N TYR C 97 -14.57 8.20 -3.35
CA TYR C 97 -14.41 8.89 -2.07
C TYR C 97 -12.94 8.90 -1.69
N TYR C 98 -12.40 10.10 -1.46
CA TYR C 98 -11.03 10.30 -1.01
C TYR C 98 -11.03 10.75 0.44
N CYS C 99 -9.96 10.41 1.15
CA CYS C 99 -9.66 11.04 2.41
C CYS C 99 -8.39 11.86 2.26
N ALA C 100 -8.29 12.93 3.04
CA ALA C 100 -7.18 13.87 2.91
C ALA C 100 -6.89 14.50 4.27
N ARG C 101 -5.65 14.92 4.44
CA ARG C 101 -5.18 15.53 5.68
C ARG C 101 -5.02 17.03 5.49
N GLU C 102 -5.57 17.82 6.41
CA GLU C 102 -5.29 19.24 6.51
C GLU C 102 -4.46 19.48 7.75
N TYR C 103 -3.29 20.10 7.57
CA TYR C 103 -2.37 20.33 8.67
C TYR C 103 -2.77 21.56 9.48
N HIS C 104 -2.42 21.54 10.78
CA HIS C 104 -2.63 22.66 11.68
C HIS C 104 -1.42 22.81 12.60
N SER C 105 -1.01 24.05 12.85
CA SER C 105 0.12 24.33 13.74
C SER C 105 -0.32 24.64 15.18
N TYR C 106 -1.17 25.65 15.35
CA TYR C 106 -1.55 26.14 16.67
C TYR C 106 -3.07 26.13 16.81
N VAL C 107 -3.51 26.09 18.08
CA VAL C 107 -4.92 25.94 18.37
C VAL C 107 -5.72 27.16 17.93
N TYR C 108 -5.10 28.33 17.91
CA TYR C 108 -5.80 29.56 17.54
C TYR C 108 -5.94 29.76 16.04
N GLU C 109 -5.23 28.98 15.22
CA GLU C 109 -5.17 29.25 13.79
C GLU C 109 -6.50 28.97 13.11
N PRO C 110 -6.86 29.75 12.10
CA PRO C 110 -7.89 29.33 11.15
C PRO C 110 -7.32 28.35 10.14
N PRO C 111 -8.14 27.75 9.29
CA PRO C 111 -7.60 26.92 8.21
C PRO C 111 -6.66 27.72 7.33
N LEU C 112 -5.50 27.13 7.04
CA LEU C 112 -4.46 27.87 6.32
C LEU C 112 -3.77 27.04 5.25
N TYR C 113 -3.53 25.77 5.55
CA TYR C 113 -2.54 24.97 4.83
C TYR C 113 -3.14 24.05 3.77
N GLY C 114 -4.46 24.02 3.62
CA GLY C 114 -5.05 23.16 2.61
C GLY C 114 -4.84 21.68 2.93
N MET C 115 -5.08 20.84 1.93
CA MET C 115 -5.02 19.39 2.07
C MET C 115 -3.78 18.88 1.33
N ASP C 116 -2.75 18.52 2.08
CA ASP C 116 -1.46 18.17 1.48
C ASP C 116 -1.33 16.69 1.12
N TYR C 117 -1.99 15.80 1.85
CA TYR C 117 -1.89 14.37 1.59
C TYR C 117 -3.28 13.80 1.30
N TRP C 118 -3.35 12.96 0.26
CA TRP C 118 -4.61 12.39 -0.21
C TRP C 118 -4.47 10.89 -0.37
N GLY C 119 -5.50 10.16 0.05
CA GLY C 119 -5.54 8.73 -0.18
C GLY C 119 -5.74 8.42 -1.66
N GLN C 120 -5.75 7.13 -1.97
CA GLN C 120 -5.94 6.70 -3.35
C GLN C 120 -7.39 6.71 -3.78
N GLY C 121 -8.32 6.82 -2.83
CA GLY C 121 -9.73 6.82 -3.21
C GLY C 121 -10.32 5.43 -3.28
N THR C 122 -11.60 5.33 -2.91
CA THR C 122 -12.31 4.07 -2.99
C THR C 122 -13.70 4.34 -3.58
N LEU C 123 -14.11 3.46 -4.50
CA LEU C 123 -15.30 3.68 -5.29
C LEU C 123 -16.53 3.12 -4.58
N VAL C 124 -17.55 3.95 -4.45
CA VAL C 124 -18.83 3.56 -3.86
C VAL C 124 -19.91 3.73 -4.94
N THR C 125 -20.57 2.63 -5.28
CA THR C 125 -21.63 2.63 -6.29
C THR C 125 -22.95 2.26 -5.63
N VAL C 126 -23.91 3.19 -5.66
CA VAL C 126 -25.21 2.99 -5.05
C VAL C 126 -26.24 2.82 -6.17
N SER C 127 -26.88 1.66 -6.22
CA SER C 127 -27.83 1.37 -7.29
C SER C 127 -28.76 0.26 -6.86
N SER C 128 -29.99 0.31 -7.36
CA SER C 128 -30.95 -0.77 -7.17
C SER C 128 -30.70 -1.94 -8.10
N ALA C 129 -29.87 -1.77 -9.13
CA ALA C 129 -29.66 -2.80 -10.13
C ALA C 129 -28.87 -3.98 -9.56
N SER C 130 -29.22 -5.18 -10.03
CA SER C 130 -28.44 -6.37 -9.76
C SER C 130 -27.39 -6.53 -10.84
N THR C 131 -26.30 -7.20 -10.49
CA THR C 131 -25.22 -7.43 -11.44
C THR C 131 -25.74 -8.17 -12.67
N LYS C 132 -25.49 -7.61 -13.85
CA LYS C 132 -26.07 -8.13 -15.08
C LYS C 132 -25.10 -7.91 -16.23
N GLY C 133 -24.88 -8.95 -17.03
CA GLY C 133 -24.02 -8.85 -18.17
C GLY C 133 -24.67 -8.14 -19.33
N PRO C 134 -23.87 -7.61 -20.24
CA PRO C 134 -24.42 -6.84 -21.36
C PRO C 134 -24.85 -7.71 -22.53
N SER C 135 -25.74 -7.14 -23.34
CA SER C 135 -25.98 -7.63 -24.68
C SER C 135 -25.06 -6.86 -25.63
N VAL C 136 -24.54 -7.57 -26.64
CA VAL C 136 -23.58 -7.01 -27.59
C VAL C 136 -24.20 -7.04 -28.98
N PHE C 137 -24.34 -5.86 -29.59
CA PHE C 137 -24.91 -5.74 -30.92
C PHE C 137 -23.89 -5.16 -31.89
N PRO C 138 -23.85 -5.65 -33.13
CA PRO C 138 -22.88 -5.12 -34.09
C PRO C 138 -23.31 -3.76 -34.63
N LEU C 139 -22.33 -2.88 -34.79
CA LEU C 139 -22.52 -1.61 -35.50
C LEU C 139 -21.92 -1.75 -36.89
N ALA C 140 -22.78 -2.10 -37.87
CA ALA C 140 -22.33 -2.35 -39.23
C ALA C 140 -22.82 -1.27 -40.19
N PRO C 141 -21.98 -0.81 -41.12
CA PRO C 141 -22.45 0.18 -42.09
C PRO C 141 -23.44 -0.43 -43.07
N SER C 142 -24.35 0.40 -43.56
CA SER C 142 -25.36 -0.04 -44.53
C SER C 142 -24.72 -0.37 -45.88
N LYS C 144 -23.78 2.41 -48.38
CA LYS C 144 -23.39 3.68 -48.97
C LYS C 144 -22.11 4.20 -48.35
N SER C 145 -21.16 3.30 -48.13
CA SER C 145 -19.87 3.68 -47.55
C SER C 145 -19.08 4.54 -48.54
N THR C 146 -18.10 5.28 -48.01
CA THR C 146 -17.24 6.12 -48.82
C THR C 146 -16.50 5.29 -49.86
N SER C 147 -16.85 5.48 -51.14
CA SER C 147 -16.26 4.73 -52.24
C SER C 147 -14.75 4.93 -52.31
N GLY C 148 -13.99 3.89 -51.98
CA GLY C 148 -12.54 4.00 -51.95
C GLY C 148 -11.99 4.78 -50.77
N GLY C 149 -12.63 4.66 -49.60
CA GLY C 149 -12.20 5.41 -48.44
C GLY C 149 -12.13 4.60 -47.16
N THR C 150 -12.55 5.20 -46.05
CA THR C 150 -12.48 4.60 -44.73
C THR C 150 -13.89 4.27 -44.26
N ALA C 151 -14.07 3.06 -43.73
CA ALA C 151 -15.32 2.65 -43.14
C ALA C 151 -15.15 2.42 -41.65
N ALA C 152 -16.21 2.67 -40.90
CA ALA C 152 -16.20 2.50 -39.45
C ALA C 152 -17.15 1.39 -39.06
N LEU C 153 -16.78 0.63 -38.04
CA LEU C 153 -17.66 -0.38 -37.49
C LEU C 153 -17.43 -0.42 -35.99
N GLY C 154 -18.30 -1.15 -35.30
CA GLY C 154 -18.17 -1.20 -33.86
C GLY C 154 -19.14 -2.17 -33.24
N CYS C 155 -19.22 -2.10 -31.92
CA CYS C 155 -20.09 -2.95 -31.13
C CYS C 155 -20.79 -2.09 -30.08
N LEU C 156 -22.10 -2.24 -29.99
CA LEU C 156 -22.91 -1.58 -28.96
C LEU C 156 -23.03 -2.51 -27.76
N VAL C 157 -22.55 -2.07 -26.61
CA VAL C 157 -22.54 -2.85 -25.39
C VAL C 157 -23.62 -2.27 -24.49
N LYS C 158 -24.77 -2.92 -24.43
CA LYS C 158 -25.96 -2.31 -23.84
C LYS C 158 -26.43 -3.07 -22.60
N ASP C 159 -26.90 -2.30 -21.60
CA ASP C 159 -27.68 -2.80 -20.47
C ASP C 159 -26.88 -3.71 -19.55
N TYR C 160 -25.80 -3.20 -18.98
CA TYR C 160 -25.00 -3.96 -18.03
C TYR C 160 -24.88 -3.21 -16.71
N PHE C 161 -24.49 -3.95 -15.67
CA PHE C 161 -24.21 -3.40 -14.36
C PHE C 161 -23.33 -4.38 -13.59
N PRO C 162 -22.27 -3.92 -12.92
CA PRO C 162 -21.83 -2.52 -12.90
C PRO C 162 -20.71 -2.25 -13.88
N GLU C 163 -20.17 -1.04 -13.81
CA GLU C 163 -18.93 -0.75 -14.51
C GLU C 163 -17.81 -1.62 -13.94
N PRO C 164 -16.76 -1.91 -14.73
CA PRO C 164 -16.60 -1.54 -16.14
C PRO C 164 -16.76 -2.72 -17.09
N VAL C 165 -16.71 -2.43 -18.39
CA VAL C 165 -16.51 -3.44 -19.42
C VAL C 165 -15.22 -3.09 -20.16
N THR C 166 -14.56 -4.11 -20.69
CA THR C 166 -13.43 -3.91 -21.57
C THR C 166 -13.77 -4.43 -22.96
N VAL C 167 -13.32 -3.72 -23.98
CA VAL C 167 -13.53 -4.14 -25.35
C VAL C 167 -12.19 -4.15 -26.06
N SER C 168 -11.87 -5.27 -26.70
CA SER C 168 -10.73 -5.36 -27.60
C SER C 168 -11.23 -5.80 -28.97
N TRP C 169 -10.35 -5.71 -29.96
CA TRP C 169 -10.70 -6.03 -31.34
C TRP C 169 -9.72 -7.06 -31.89
N ASN C 170 -10.26 -8.17 -32.40
CA ASN C 170 -9.48 -9.28 -32.90
C ASN C 170 -8.48 -9.77 -31.85
N SER C 171 -8.97 -9.89 -30.61
CA SER C 171 -8.18 -10.38 -29.48
C SER C 171 -6.92 -9.55 -29.27
N GLY C 172 -7.04 -8.23 -29.38
CA GLY C 172 -5.93 -7.34 -29.16
C GLY C 172 -5.04 -7.10 -30.36
N ALA C 173 -5.29 -7.77 -31.48
CA ALA C 173 -4.47 -7.56 -32.67
C ALA C 173 -4.72 -6.19 -33.30
N LEU C 174 -5.97 -5.73 -33.25
CA LEU C 174 -6.37 -4.46 -33.84
C LEU C 174 -6.53 -3.44 -32.73
N THR C 175 -5.67 -2.43 -32.72
CA THR C 175 -5.67 -1.42 -31.66
C THR C 175 -5.67 -0.01 -32.24
N SER C 176 -5.07 0.16 -33.40
CA SER C 176 -4.99 1.48 -34.02
C SER C 176 -6.37 1.94 -34.47
N GLY C 177 -6.72 3.18 -34.13
CA GLY C 177 -8.00 3.75 -34.52
C GLY C 177 -9.17 3.32 -33.69
N VAL C 178 -8.96 2.61 -32.58
CA VAL C 178 -10.05 2.14 -31.74
C VAL C 178 -10.44 3.26 -30.78
N HIS C 179 -11.74 3.51 -30.67
CA HIS C 179 -12.29 4.44 -29.68
C HIS C 179 -13.38 3.71 -28.91
N THR C 180 -13.22 3.60 -27.60
CA THR C 180 -14.24 3.07 -26.71
C THR C 180 -14.77 4.21 -25.85
N PHE C 181 -16.07 4.51 -25.99
CA PHE C 181 -16.66 5.68 -25.36
C PHE C 181 -16.97 5.43 -23.89
N PRO C 182 -17.02 6.49 -23.08
CA PRO C 182 -17.45 6.33 -21.69
C PRO C 182 -18.90 5.87 -21.61
N ALA C 183 -19.18 5.01 -20.65
CA ALA C 183 -20.53 4.53 -20.46
C ALA C 183 -21.45 5.66 -20.02
N VAL C 184 -22.73 5.53 -20.37
CA VAL C 184 -23.76 6.42 -19.87
C VAL C 184 -24.69 5.60 -19.00
N LEU C 185 -25.09 6.17 -17.87
CA LEU C 185 -26.04 5.52 -16.98
C LEU C 185 -27.45 5.86 -17.47
N GLN C 186 -28.12 4.86 -18.03
CA GLN C 186 -29.48 5.03 -18.53
C GLN C 186 -30.47 5.10 -17.36
N SER C 187 -31.67 5.58 -17.66
CA SER C 187 -32.70 5.76 -16.62
C SER C 187 -33.15 4.43 -16.03
N SER C 188 -32.89 3.31 -16.71
CA SER C 188 -33.19 2.01 -16.14
C SER C 188 -32.24 1.61 -15.03
N GLY C 189 -31.14 2.34 -14.84
CA GLY C 189 -30.11 1.97 -13.90
C GLY C 189 -28.98 1.16 -14.50
N LEU C 190 -29.06 0.80 -15.78
CA LEU C 190 -28.03 0.05 -16.47
C LEU C 190 -27.21 0.96 -17.37
N TYR C 191 -25.95 0.55 -17.59
CA TYR C 191 -25.01 1.30 -18.43
C TYR C 191 -25.03 0.80 -19.87
N SER C 192 -24.58 1.66 -20.78
CA SER C 192 -24.39 1.27 -22.17
C SER C 192 -23.25 2.10 -22.76
N LEU C 193 -22.54 1.50 -23.72
CA LEU C 193 -21.47 2.20 -24.41
C LEU C 193 -21.22 1.51 -25.74
N SER C 194 -20.55 2.23 -26.64
CA SER C 194 -20.12 1.69 -27.91
C SER C 194 -18.60 1.79 -28.02
N SER C 195 -18.02 0.83 -28.75
CA SER C 195 -16.62 0.84 -29.13
C SER C 195 -16.53 0.76 -30.64
N VAL C 196 -15.82 1.70 -31.25
CA VAL C 196 -15.75 1.77 -32.70
C VAL C 196 -14.30 1.65 -33.14
N VAL C 197 -14.13 1.29 -34.40
CA VAL C 197 -12.82 1.22 -35.02
C VAL C 197 -13.00 1.53 -36.51
N THR C 198 -12.02 2.20 -37.09
CA THR C 198 -12.05 2.52 -38.50
C THR C 198 -11.17 1.54 -39.26
N VAL C 199 -11.63 1.13 -40.43
CA VAL C 199 -10.95 0.15 -41.27
C VAL C 199 -11.11 0.57 -42.72
N PRO C 200 -10.29 0.01 -43.62
CA PRO C 200 -10.52 0.25 -45.05
C PRO C 200 -11.90 -0.25 -45.47
N SER C 201 -12.57 0.54 -46.32
CA SER C 201 -13.92 0.20 -46.72
C SER C 201 -13.98 -1.12 -47.48
N SER C 202 -12.94 -1.43 -48.26
CA SER C 202 -12.91 -2.61 -49.10
C SER C 202 -12.69 -3.90 -48.32
N SER C 203 -12.27 -3.82 -47.07
CA SER C 203 -12.02 -5.01 -46.26
C SER C 203 -13.27 -5.52 -45.55
N LEU C 204 -14.42 -4.83 -45.72
CA LEU C 204 -15.61 -5.19 -44.95
C LEU C 204 -16.10 -6.59 -45.30
N GLY C 205 -15.94 -7.01 -46.55
CA GLY C 205 -16.42 -8.30 -46.96
C GLY C 205 -15.40 -9.41 -46.76
N THR C 206 -14.13 -9.04 -46.65
CA THR C 206 -13.03 -10.01 -46.61
C THR C 206 -12.48 -10.21 -45.21
N GLN C 207 -11.90 -9.16 -44.63
CA GLN C 207 -11.27 -9.27 -43.33
C GLN C 207 -12.31 -9.48 -42.23
N THR C 208 -11.97 -10.32 -41.27
CA THR C 208 -12.87 -10.60 -40.15
C THR C 208 -12.60 -9.61 -39.03
N TYR C 209 -13.66 -9.05 -38.47
CA TYR C 209 -13.57 -8.09 -37.37
C TYR C 209 -14.45 -8.56 -36.22
N ILE C 210 -13.84 -8.91 -35.10
CA ILE C 210 -14.54 -9.40 -33.93
C ILE C 210 -14.21 -8.50 -32.76
N CYS C 211 -15.25 -8.08 -32.02
CA CYS C 211 -15.07 -7.31 -30.80
C CYS C 211 -15.19 -8.23 -29.61
N ASN C 212 -14.24 -8.15 -28.68
CA ASN C 212 -14.18 -9.02 -27.52
C ASN C 212 -14.60 -8.18 -26.31
N VAL C 213 -15.86 -8.35 -25.91
CA VAL C 213 -16.44 -7.58 -24.82
C VAL C 213 -16.42 -8.44 -23.57
N ASN C 214 -15.74 -7.96 -22.53
CA ASN C 214 -15.60 -8.71 -21.29
C ASN C 214 -16.20 -7.90 -20.15
N HIS C 215 -17.10 -8.52 -19.40
CA HIS C 215 -17.72 -7.92 -18.22
C HIS C 215 -17.39 -8.86 -17.08
N LYS C 216 -16.24 -8.64 -16.46
CA LYS C 216 -15.79 -9.50 -15.38
C LYS C 216 -16.76 -9.57 -14.20
N PRO C 217 -17.40 -8.46 -13.75
CA PRO C 217 -18.30 -8.58 -12.60
C PRO C 217 -19.39 -9.62 -12.76
N SER C 218 -19.89 -9.84 -13.98
CA SER C 218 -20.94 -10.83 -14.21
C SER C 218 -20.40 -12.15 -14.75
N ASN C 219 -19.09 -12.25 -14.96
CA ASN C 219 -18.46 -13.38 -15.64
C ASN C 219 -19.07 -13.58 -17.03
N THR C 220 -19.11 -12.50 -17.81
CA THR C 220 -19.64 -12.50 -19.17
C THR C 220 -18.54 -12.10 -20.15
N LYS C 221 -18.37 -12.91 -21.19
CA LYS C 221 -17.40 -12.64 -22.26
C LYS C 221 -18.06 -12.96 -23.59
N VAL C 222 -18.25 -11.95 -24.42
CA VAL C 222 -18.95 -12.09 -25.69
C VAL C 222 -18.01 -11.70 -26.82
N ASP C 223 -17.89 -12.57 -27.82
CA ASP C 223 -17.11 -12.30 -29.03
C ASP C 223 -18.08 -12.18 -30.20
N LYS C 224 -18.24 -10.96 -30.74
CA LYS C 224 -19.22 -10.68 -31.77
C LYS C 224 -18.52 -10.28 -33.07
N LYS C 225 -18.78 -11.02 -34.14
CA LYS C 225 -18.27 -10.66 -35.46
C LYS C 225 -19.12 -9.55 -36.04
N VAL C 226 -18.47 -8.55 -36.64
CA VAL C 226 -19.16 -7.39 -37.20
C VAL C 226 -18.90 -7.31 -38.69
N GLU C 227 -19.97 -7.44 -39.48
CA GLU C 227 -19.91 -7.26 -40.92
C GLU C 227 -21.23 -6.64 -41.36
N PRO C 228 -21.26 -5.96 -42.51
CA PRO C 228 -22.53 -5.41 -42.98
C PRO C 228 -23.51 -6.53 -43.29
N LYS C 229 -24.77 -6.16 -43.50
CA LYS C 229 -25.78 -7.18 -43.70
C LYS C 229 -25.59 -7.85 -45.07
N SER C 230 -26.20 -9.02 -45.24
CA SER C 230 -25.97 -9.83 -46.42
C SER C 230 -27.12 -9.79 -47.42
N CYS C 231 -28.19 -9.04 -47.11
CA CYS C 231 -29.42 -8.95 -47.92
C CYS C 231 -29.70 -10.15 -48.84
N SER D 8 -19.73 19.69 -13.56
CA SER D 8 -18.79 19.45 -14.65
C SER D 8 -17.81 20.61 -14.80
N PRO D 9 -16.53 20.29 -14.99
CA PRO D 9 -15.49 21.34 -14.97
C PRO D 9 -15.42 22.12 -16.27
N SER D 10 -15.08 23.39 -16.14
CA SER D 10 -14.89 24.28 -17.29
C SER D 10 -13.68 23.85 -18.10
N SER D 11 -13.59 24.39 -19.31
CA SER D 11 -12.57 24.01 -20.27
C SER D 11 -11.79 25.23 -20.73
N LEU D 12 -10.49 25.05 -20.94
CA LEU D 12 -9.60 26.11 -21.40
C LEU D 12 -8.54 25.48 -22.30
N SER D 13 -8.43 25.97 -23.53
CA SER D 13 -7.51 25.43 -24.53
C SER D 13 -6.27 26.30 -24.63
N ALA D 14 -5.11 25.67 -24.56
CA ALA D 14 -3.84 26.39 -24.54
C ALA D 14 -2.77 25.55 -25.20
N SER D 15 -1.63 26.18 -25.47
CA SER D 15 -0.48 25.54 -26.09
C SER D 15 0.67 25.51 -25.09
N VAL D 16 1.61 24.59 -25.33
CA VAL D 16 2.84 24.55 -24.54
C VAL D 16 3.54 25.89 -24.67
N GLY D 17 3.94 26.46 -23.54
CA GLY D 17 4.56 27.77 -23.50
C GLY D 17 3.62 28.92 -23.21
N ASP D 18 2.31 28.69 -23.30
CA ASP D 18 1.35 29.74 -23.01
C ASP D 18 1.34 30.05 -21.51
N ARG D 19 1.02 31.30 -21.19
CA ARG D 19 0.75 31.69 -19.82
C ARG D 19 -0.75 31.61 -19.57
N VAL D 20 -1.13 30.99 -18.47
CA VAL D 20 -2.53 30.77 -18.13
C VAL D 20 -2.80 31.32 -16.74
N THR D 21 -3.90 32.05 -16.59
CA THR D 21 -4.33 32.57 -15.30
C THR D 21 -5.78 32.15 -15.06
N ILE D 22 -5.99 31.35 -14.03
CA ILE D 22 -7.33 30.88 -13.66
C ILE D 22 -7.79 31.66 -12.43
N THR D 23 -9.00 32.19 -12.49
CA THR D 23 -9.57 32.95 -11.38
C THR D 23 -10.50 32.05 -10.57
N CYS D 24 -10.28 32.02 -9.26
CA CYS D 24 -11.15 31.24 -8.38
C CYS D 24 -12.47 31.99 -8.19
N ARG D 25 -13.58 31.27 -8.34
CA ARG D 25 -14.89 31.89 -8.23
C ARG D 25 -15.28 31.98 -6.76
N ALA D 26 -14.56 32.84 -6.05
CA ALA D 26 -14.86 33.15 -4.67
C ALA D 26 -16.12 34.02 -4.65
N SER D 27 -17.23 33.45 -4.21
CA SER D 27 -18.51 34.15 -4.29
C SER D 27 -18.60 35.18 -3.19
N GLN D 28 -19.11 34.79 -2.02
CA GLN D 28 -19.14 35.69 -0.89
C GLN D 28 -17.71 36.01 -0.45
N SER D 29 -17.57 37.15 0.23
CA SER D 29 -16.25 37.58 0.70
C SER D 29 -15.65 36.51 1.62
N VAL D 30 -14.38 36.20 1.38
CA VAL D 30 -13.74 35.08 2.06
C VAL D 30 -12.36 35.50 2.53
N SER D 31 -11.59 34.53 3.02
CA SER D 31 -10.28 34.75 3.59
C SER D 31 -9.19 34.38 2.60
N SER D 32 -7.95 34.63 3.00
CA SER D 32 -6.81 34.22 2.19
C SER D 32 -6.59 32.72 2.24
N ALA D 33 -7.43 32.00 2.98
CA ALA D 33 -7.36 30.55 3.08
C ALA D 33 -7.88 29.90 1.81
N VAL D 34 -7.15 30.09 0.70
CA VAL D 34 -7.52 29.54 -0.59
C VAL D 34 -6.40 28.63 -1.04
N ALA D 35 -6.76 27.40 -1.40
CA ALA D 35 -5.80 26.41 -1.88
C ALA D 35 -6.13 26.05 -3.32
N TRP D 36 -5.10 25.66 -4.05
CA TRP D 36 -5.23 25.24 -5.45
C TRP D 36 -4.72 23.82 -5.59
N TYR D 37 -5.40 23.04 -6.43
CA TYR D 37 -5.08 21.63 -6.63
C TYR D 37 -5.03 21.30 -8.11
N GLN D 38 -4.22 20.29 -8.44
CA GLN D 38 -4.14 19.74 -9.79
C GLN D 38 -4.54 18.28 -9.74
N GLN D 39 -5.39 17.86 -10.68
CA GLN D 39 -5.84 16.48 -10.75
C GLN D 39 -5.72 15.96 -12.17
N LYS D 40 -5.16 14.76 -12.30
CA LYS D 40 -5.07 14.02 -13.53
C LYS D 40 -6.14 12.94 -13.54
N PRO D 41 -6.60 12.52 -14.72
CA PRO D 41 -7.67 11.51 -14.77
C PRO D 41 -7.22 10.22 -14.10
N GLY D 42 -8.05 9.72 -13.19
CA GLY D 42 -7.79 8.47 -12.51
C GLY D 42 -6.86 8.57 -11.32
N SER D 43 -6.51 9.77 -10.87
CA SER D 43 -5.60 9.95 -9.75
C SER D 43 -6.16 10.98 -8.78
N ALA D 44 -5.65 10.91 -7.56
CA ALA D 44 -6.06 11.84 -6.52
C ALA D 44 -5.50 13.24 -6.78
N PRO D 45 -6.20 14.29 -6.35
CA PRO D 45 -5.66 15.65 -6.50
C PRO D 45 -4.40 15.83 -5.70
N SER D 46 -3.59 16.82 -6.11
CA SER D 46 -2.36 17.14 -5.41
C SER D 46 -2.33 18.64 -5.11
N LEU D 47 -1.85 18.99 -3.92
CA LEU D 47 -1.84 20.39 -3.50
C LEU D 47 -0.76 21.16 -4.24
N LEU D 48 -1.13 22.32 -4.79
CA LEU D 48 -0.20 23.20 -5.49
C LEU D 48 0.15 24.43 -4.66
N ILE D 49 -0.86 25.10 -4.12
CA ILE D 49 -0.71 26.38 -3.45
C ILE D 49 -1.67 26.42 -2.27
N TYR D 50 -1.21 26.99 -1.16
CA TYR D 50 -2.02 27.17 0.03
C TYR D 50 -1.88 28.62 0.49
N SER D 51 -2.86 29.06 1.28
CA SER D 51 -2.92 30.44 1.76
C SER D 51 -2.76 31.43 0.61
N ALA D 52 -3.49 31.18 -0.47
CA ALA D 52 -3.59 32.06 -1.63
C ALA D 52 -2.32 32.11 -2.48
N SER D 53 -1.14 32.16 -1.85
CA SER D 53 0.09 32.43 -2.58
C SER D 53 1.30 31.60 -2.16
N SER D 54 1.20 30.75 -1.15
CA SER D 54 2.34 29.96 -0.70
C SER D 54 2.46 28.69 -1.53
N LEU D 55 3.61 28.52 -2.18
CA LEU D 55 3.84 27.36 -3.03
C LEU D 55 4.13 26.13 -2.16
N TYR D 56 3.37 25.05 -2.40
CA TYR D 56 3.58 23.85 -1.63
C TYR D 56 4.94 23.23 -1.97
N SER D 57 5.55 22.60 -0.96
CA SER D 57 6.89 22.04 -1.11
C SER D 57 6.93 21.02 -2.24
N GLY D 58 7.81 21.24 -3.21
CA GLY D 58 7.96 20.34 -4.34
C GLY D 58 7.25 20.76 -5.59
N VAL D 59 6.39 21.77 -5.52
CA VAL D 59 5.65 22.23 -6.71
C VAL D 59 6.59 23.08 -7.56
N PRO D 60 6.61 22.89 -8.88
CA PRO D 60 7.48 23.72 -9.72
C PRO D 60 7.16 25.20 -9.59
N SER D 61 8.20 26.03 -9.77
CA SER D 61 8.09 27.46 -9.55
C SER D 61 7.30 28.19 -10.63
N ARG D 62 6.94 27.52 -11.72
CA ARG D 62 6.10 28.17 -12.72
C ARG D 62 4.65 28.31 -12.25
N PHE D 63 4.27 27.60 -11.19
CA PHE D 63 2.97 27.81 -10.56
C PHE D 63 3.07 28.95 -9.56
N SER D 64 2.14 29.90 -9.63
CA SER D 64 2.09 30.99 -8.66
C SER D 64 0.64 31.36 -8.39
N GLY D 65 0.39 31.86 -7.20
CA GLY D 65 -0.94 32.29 -6.81
C GLY D 65 -0.92 33.69 -6.26
N SER D 66 -2.02 34.41 -6.48
CA SER D 66 -2.10 35.81 -6.09
C SER D 66 -3.50 36.12 -5.57
N ARG D 67 -3.55 37.16 -4.74
CA ARG D 67 -4.79 37.67 -4.18
C ARG D 67 -4.80 39.19 -4.31
N SER D 68 -5.91 39.75 -4.77
CA SER D 68 -6.04 41.20 -4.84
C SER D 68 -7.37 41.65 -4.26
N GLY D 69 -8.40 41.70 -5.09
CA GLY D 69 -9.70 42.18 -4.65
C GLY D 69 -10.78 41.13 -4.74
N THR D 70 -10.93 40.34 -3.67
CA THR D 70 -11.91 39.26 -3.57
C THR D 70 -11.68 38.19 -4.62
N ASP D 71 -10.68 38.40 -5.47
CA ASP D 71 -10.35 37.49 -6.57
C ASP D 71 -9.04 36.80 -6.26
N PHE D 72 -9.03 35.48 -6.35
CA PHE D 72 -7.84 34.67 -6.17
C PHE D 72 -7.50 34.04 -7.51
N THR D 73 -6.24 34.14 -7.91
CA THR D 73 -5.84 33.62 -9.21
C THR D 73 -4.72 32.60 -9.06
N LEU D 74 -4.65 31.71 -10.03
CA LEU D 74 -3.55 30.76 -10.19
C LEU D 74 -2.96 31.00 -11.57
N THR D 75 -1.65 31.15 -11.62
CA THR D 75 -0.95 31.45 -12.87
C THR D 75 0.10 30.40 -13.13
N ILE D 76 0.08 29.84 -14.34
CA ILE D 76 1.17 29.02 -14.85
C ILE D 76 1.91 29.88 -15.86
N SER D 77 3.16 30.23 -15.54
CA SER D 77 3.89 31.21 -16.33
C SER D 77 4.17 30.69 -17.74
N SER D 78 4.46 29.39 -17.86
CA SER D 78 4.74 28.79 -19.17
C SER D 78 4.32 27.33 -19.12
N LEU D 79 3.24 27.00 -19.83
CA LEU D 79 2.67 25.66 -19.76
C LEU D 79 3.64 24.61 -20.27
N GLN D 80 3.82 23.55 -19.50
CA GLN D 80 4.57 22.37 -19.87
C GLN D 80 3.63 21.23 -20.21
N PRO D 81 4.09 20.22 -20.96
CA PRO D 81 3.19 19.12 -21.34
C PRO D 81 2.52 18.44 -20.16
N GLU D 82 3.20 18.30 -19.04
CA GLU D 82 2.63 17.63 -17.88
C GLU D 82 1.63 18.49 -17.13
N ASP D 83 1.40 19.73 -17.55
CA ASP D 83 0.49 20.64 -16.84
C ASP D 83 -0.95 20.57 -17.34
N PHE D 84 -1.19 19.94 -18.48
CA PHE D 84 -2.57 19.83 -18.98
C PHE D 84 -3.34 18.88 -18.07
N ALA D 85 -4.29 19.43 -17.32
CA ALA D 85 -5.02 18.69 -16.30
C ALA D 85 -6.18 19.57 -15.84
N THR D 86 -6.86 19.14 -14.78
CA THR D 86 -7.96 19.89 -14.20
C THR D 86 -7.51 20.53 -12.88
N TYR D 87 -7.85 21.80 -12.69
CA TYR D 87 -7.41 22.57 -11.54
C TYR D 87 -8.61 23.02 -10.74
N TYR D 88 -8.52 22.88 -9.41
CA TYR D 88 -9.59 23.28 -8.50
C TYR D 88 -9.05 24.24 -7.46
N CYS D 89 -9.86 25.24 -7.12
CA CYS D 89 -9.58 26.06 -5.95
C CYS D 89 -10.48 25.61 -4.80
N GLN D 90 -9.99 25.82 -3.59
CA GLN D 90 -10.67 25.40 -2.37
C GLN D 90 -10.67 26.55 -1.38
N GLN D 91 -11.83 26.84 -0.80
CA GLN D 91 -11.97 27.87 0.20
CA GLN D 91 -11.97 27.86 0.22
C GLN D 91 -12.64 27.27 1.44
N SER D 92 -12.49 27.97 2.57
CA SER D 92 -13.13 27.61 3.83
C SER D 92 -13.99 28.80 4.24
N PRO D 93 -15.26 28.85 3.78
CA PRO D 93 -16.07 30.05 4.05
C PRO D 93 -16.21 30.35 5.54
N GLN D 94 -16.50 29.33 6.33
CA GLN D 94 -16.55 29.44 7.77
C GLN D 94 -15.41 28.60 8.34
N GLY D 95 -15.35 28.52 9.67
CA GLY D 95 -14.32 27.71 10.29
C GLY D 95 -14.47 26.22 10.01
N TYR D 96 -15.72 25.75 9.90
CA TYR D 96 -16.04 24.35 9.66
C TYR D 96 -16.34 24.01 8.20
N LEU D 97 -16.88 24.93 7.42
CA LEU D 97 -17.30 24.62 6.06
C LEU D 97 -16.12 24.59 5.09
N VAL D 98 -16.24 23.75 4.07
CA VAL D 98 -15.26 23.63 2.99
C VAL D 98 -16.01 23.54 1.66
N THR D 99 -15.57 24.30 0.66
CA THR D 99 -16.17 24.28 -0.66
C THR D 99 -15.08 24.22 -1.72
N PHE D 100 -15.29 23.38 -2.72
CA PHE D 100 -14.42 23.29 -3.88
C PHE D 100 -15.05 23.99 -5.08
N GLY D 101 -14.21 24.63 -5.89
CA GLY D 101 -14.69 25.28 -7.09
C GLY D 101 -15.11 24.29 -8.16
N GLN D 102 -15.70 24.84 -9.24
CA GLN D 102 -16.18 24.01 -10.35
C GLN D 102 -15.05 23.25 -11.02
N GLY D 103 -13.86 23.82 -11.06
CA GLY D 103 -12.74 23.17 -11.71
C GLY D 103 -12.58 23.65 -13.14
N THR D 104 -11.33 23.77 -13.57
CA THR D 104 -11.00 24.20 -14.92
C THR D 104 -10.08 23.17 -15.54
N LYS D 105 -10.53 22.55 -16.63
CA LYS D 105 -9.73 21.58 -17.35
C LYS D 105 -8.93 22.29 -18.43
N VAL D 106 -7.60 22.23 -18.32
CA VAL D 106 -6.72 22.80 -19.33
C VAL D 106 -6.45 21.74 -20.38
N GLU D 107 -6.84 22.03 -21.63
CA GLU D 107 -6.75 21.07 -22.73
C GLU D 107 -5.77 21.56 -23.79
N ILE D 108 -5.32 20.64 -24.63
CA ILE D 108 -4.25 20.91 -25.59
C ILE D 108 -4.83 21.47 -26.87
N LYS D 109 -4.38 22.66 -27.24
CA LYS D 109 -4.86 23.30 -28.47
C LYS D 109 -4.18 22.69 -29.70
N ARG D 110 -4.94 22.57 -30.78
CA ARG D 110 -4.42 22.06 -32.04
C ARG D 110 -5.24 22.66 -33.19
N THR D 111 -4.84 22.31 -34.41
CA THR D 111 -5.52 22.85 -35.60
C THR D 111 -6.92 22.25 -35.73
N VAL D 112 -7.80 23.01 -36.38
CA VAL D 112 -9.17 22.57 -36.59
C VAL D 112 -9.19 21.31 -37.44
N ALA D 113 -9.92 20.29 -36.98
CA ALA D 113 -10.07 19.03 -37.71
C ALA D 113 -11.55 18.71 -37.85
N ALA D 114 -12.02 18.58 -39.09
CA ALA D 114 -13.41 18.23 -39.31
C ALA D 114 -13.65 16.78 -38.94
N PRO D 115 -14.81 16.46 -38.37
CA PRO D 115 -15.11 15.07 -38.02
C PRO D 115 -15.45 14.25 -39.25
N SER D 116 -15.11 12.97 -39.17
CA SER D 116 -15.60 11.97 -40.12
C SER D 116 -16.86 11.35 -39.53
N VAL D 117 -17.96 11.39 -40.28
CA VAL D 117 -19.27 11.02 -39.76
C VAL D 117 -19.66 9.65 -40.29
N PHE D 118 -20.21 8.81 -39.42
CA PHE D 118 -20.72 7.50 -39.78
C PHE D 118 -22.04 7.27 -39.04
N ILE D 119 -23.00 6.62 -39.70
CA ILE D 119 -24.28 6.27 -39.09
C ILE D 119 -24.46 4.76 -39.14
N PHE D 120 -24.97 4.18 -38.06
CA PHE D 120 -25.15 2.74 -37.95
C PHE D 120 -26.62 2.41 -37.71
N PRO D 121 -27.24 1.59 -38.56
CA PRO D 121 -28.60 1.13 -38.28
C PRO D 121 -28.62 0.14 -37.13
N PRO D 122 -29.76 -0.07 -36.49
CA PRO D 122 -29.84 -1.10 -35.45
C PRO D 122 -29.70 -2.48 -36.06
N SER D 123 -29.18 -3.41 -35.26
CA SER D 123 -29.04 -4.78 -35.71
C SER D 123 -30.39 -5.51 -35.61
N ASP D 124 -30.51 -6.60 -36.37
CA ASP D 124 -31.71 -7.42 -36.31
C ASP D 124 -31.88 -8.06 -34.93
N SER D 125 -30.76 -8.46 -34.31
CA SER D 125 -30.85 -9.12 -33.01
C SER D 125 -31.44 -8.18 -31.97
N GLN D 126 -31.02 -6.91 -31.97
CA GLN D 126 -31.61 -5.97 -31.02
C GLN D 126 -33.07 -5.71 -31.35
N LEU D 127 -33.40 -5.56 -32.64
CA LEU D 127 -34.77 -5.26 -33.05
C LEU D 127 -35.74 -6.33 -32.56
N LYS D 128 -35.34 -7.60 -32.63
CA LYS D 128 -36.22 -8.67 -32.20
C LYS D 128 -36.49 -8.65 -30.70
N SER D 129 -35.66 -7.94 -29.92
CA SER D 129 -35.90 -7.81 -28.49
C SER D 129 -36.78 -6.61 -28.15
N GLY D 130 -37.19 -5.82 -29.13
CA GLY D 130 -38.15 -4.77 -28.92
C GLY D 130 -37.60 -3.35 -28.87
N THR D 131 -36.29 -3.18 -29.02
CA THR D 131 -35.68 -1.86 -28.95
C THR D 131 -34.78 -1.64 -30.17
N ALA D 132 -34.65 -0.37 -30.56
CA ALA D 132 -33.83 0.02 -31.70
C ALA D 132 -32.91 1.16 -31.26
N SER D 133 -31.60 0.94 -31.38
CA SER D 133 -30.60 1.97 -31.13
C SER D 133 -29.93 2.33 -32.45
N VAL D 134 -29.97 3.62 -32.81
CA VAL D 134 -29.33 4.13 -34.01
C VAL D 134 -28.15 5.00 -33.56
N VAL D 135 -26.96 4.73 -34.11
CA VAL D 135 -25.73 5.32 -33.63
C VAL D 135 -25.11 6.19 -34.72
N CYS D 136 -24.79 7.42 -34.36
CA CYS D 136 -24.06 8.35 -35.22
C CYS D 136 -22.68 8.58 -34.59
N LEU D 137 -21.63 8.35 -35.37
CA LEU D 137 -20.25 8.49 -34.91
C LEU D 137 -19.61 9.72 -35.54
N LEU D 138 -19.02 10.57 -34.71
CA LEU D 138 -18.22 11.72 -35.13
C LEU D 138 -16.77 11.42 -34.74
N ASN D 139 -15.90 11.24 -35.73
CA ASN D 139 -14.59 10.65 -35.48
C ASN D 139 -13.47 11.67 -35.68
N ASN D 140 -12.59 11.78 -34.67
CA ASN D 140 -11.31 12.49 -34.76
C ASN D 140 -11.48 13.94 -35.25
N PHE D 141 -12.08 14.76 -34.39
CA PHE D 141 -12.32 16.16 -34.73
C PHE D 141 -11.78 17.06 -33.64
N TYR D 142 -11.65 18.34 -33.97
CA TYR D 142 -11.24 19.38 -33.04
C TYR D 142 -11.72 20.71 -33.60
N PRO D 143 -12.27 21.61 -32.77
CA PRO D 143 -12.47 21.51 -31.32
C PRO D 143 -13.65 20.64 -30.89
N ARG D 144 -13.84 20.57 -29.56
CA ARG D 144 -14.85 19.71 -28.96
C ARG D 144 -16.28 20.07 -29.38
N GLU D 145 -16.53 21.34 -29.65
CA GLU D 145 -17.89 21.80 -29.92
C GLU D 145 -18.42 21.24 -31.24
N ALA D 146 -19.60 20.63 -31.20
CA ALA D 146 -20.23 20.07 -32.38
C ALA D 146 -21.72 19.91 -32.11
N LYS D 147 -22.52 19.98 -33.16
CA LYS D 147 -23.97 19.87 -33.04
C LYS D 147 -24.46 18.68 -33.87
N VAL D 148 -25.20 17.78 -33.23
CA VAL D 148 -25.78 16.60 -33.85
C VAL D 148 -27.29 16.78 -33.87
N GLN D 149 -27.90 16.67 -35.05
CA GLN D 149 -29.34 16.76 -35.22
C GLN D 149 -29.85 15.50 -35.90
N TRP D 150 -30.74 14.78 -35.22
CA TRP D 150 -31.35 13.58 -35.75
C TRP D 150 -32.60 13.91 -36.55
N SER D 151 -32.79 13.20 -37.67
CA SER D 151 -33.99 13.31 -38.49
C SER D 151 -34.52 11.91 -38.77
N VAL D 152 -35.83 11.74 -38.60
CA VAL D 152 -36.53 10.48 -38.83
C VAL D 152 -37.67 10.76 -39.79
N ASP D 153 -37.55 10.26 -41.02
CA ASP D 153 -38.46 10.63 -42.12
C ASP D 153 -38.52 12.15 -42.27
N ASN D 154 -37.37 12.80 -42.08
CA ASN D 154 -37.17 14.24 -42.15
C ASN D 154 -37.84 15.00 -41.02
N ALA D 155 -38.31 14.32 -39.97
CA ALA D 155 -38.83 14.99 -38.79
C ALA D 155 -37.71 15.17 -37.77
N LEU D 156 -37.52 16.41 -37.33
CA LEU D 156 -36.43 16.72 -36.40
C LEU D 156 -36.73 16.17 -35.02
N GLN D 157 -35.75 15.47 -34.44
CA GLN D 157 -35.90 14.81 -33.15
C GLN D 157 -35.23 15.63 -32.05
N SER D 158 -35.69 15.39 -30.82
CA SER D 158 -35.13 16.02 -29.63
C SER D 158 -35.61 15.26 -28.41
N GLY D 159 -34.67 14.84 -27.56
CA GLY D 159 -34.98 14.19 -26.31
C GLY D 159 -34.88 12.69 -26.31
N ASN D 160 -34.60 12.07 -27.47
CA ASN D 160 -34.49 10.62 -27.57
C ASN D 160 -33.09 10.19 -27.98
N SER D 161 -32.08 10.99 -27.66
CA SER D 161 -30.70 10.68 -27.98
C SER D 161 -29.78 11.07 -26.82
N GLN D 162 -28.68 10.32 -26.70
CA GLN D 162 -27.64 10.56 -25.71
C GLN D 162 -26.28 10.62 -26.38
N GLU D 163 -25.40 11.45 -25.86
CA GLU D 163 -24.08 11.64 -26.43
C GLU D 163 -23.00 11.20 -25.45
N SER D 164 -21.86 10.78 -25.99
CA SER D 164 -20.72 10.40 -25.19
C SER D 164 -19.46 10.78 -25.95
N VAL D 165 -18.50 11.40 -25.25
CA VAL D 165 -17.29 11.95 -25.87
C VAL D 165 -16.08 11.35 -25.18
N THR D 166 -15.06 11.05 -25.96
CA THR D 166 -13.79 10.61 -25.43
C THR D 166 -12.98 11.81 -24.94
N GLU D 167 -11.88 11.54 -24.24
CA GLU D 167 -10.90 12.57 -23.97
C GLU D 167 -10.03 12.80 -25.19
N GLN D 168 -9.22 13.85 -25.12
CA GLN D 168 -8.28 14.15 -26.21
C GLN D 168 -7.39 12.94 -26.46
N ASP D 169 -7.30 12.54 -27.72
CA ASP D 169 -6.46 11.42 -28.09
C ASP D 169 -5.00 11.70 -27.73
N SER D 170 -4.33 10.69 -27.19
CA SER D 170 -2.96 10.88 -26.73
C SER D 170 -2.00 11.21 -27.88
N LYS D 171 -2.35 10.81 -29.11
CA LYS D 171 -1.48 11.04 -30.26
C LYS D 171 -1.83 12.34 -30.99
N ASP D 172 -3.07 12.46 -31.49
CA ASP D 172 -3.45 13.59 -32.32
C ASP D 172 -4.27 14.64 -31.59
N SER D 173 -4.59 14.43 -30.32
CA SER D 173 -5.29 15.41 -29.48
C SER D 173 -6.70 15.73 -29.97
N THR D 174 -7.32 14.84 -30.74
CA THR D 174 -8.68 15.06 -31.21
C THR D 174 -9.69 14.38 -30.29
N TYR D 175 -10.97 14.65 -30.55
CA TYR D 175 -12.08 14.03 -29.85
C TYR D 175 -12.86 13.12 -30.79
N SER D 176 -13.58 12.18 -30.20
CA SER D 176 -14.59 11.41 -30.91
C SER D 176 -15.87 11.42 -30.11
N LEU D 177 -17.00 11.34 -30.81
CA LEU D 177 -18.29 11.48 -30.16
C LEU D 177 -19.27 10.47 -30.75
N SER D 178 -20.00 9.78 -29.88
CA SER D 178 -21.11 8.93 -30.27
C SER D 178 -22.41 9.60 -29.86
N SER D 179 -23.40 9.55 -30.75
CA SER D 179 -24.74 10.01 -30.48
C SER D 179 -25.69 8.84 -30.73
N THR D 180 -26.37 8.39 -29.69
CA THR D 180 -27.18 7.19 -29.73
C THR D 180 -28.64 7.57 -29.59
N LEU D 181 -29.41 7.31 -30.65
CA LEU D 181 -30.84 7.55 -30.68
C LEU D 181 -31.58 6.24 -30.38
N THR D 182 -32.47 6.29 -29.40
CA THR D 182 -33.18 5.10 -28.94
C THR D 182 -34.64 5.20 -29.31
N LEU D 183 -35.16 4.14 -29.96
CA LEU D 183 -36.56 4.05 -30.33
C LEU D 183 -37.08 2.66 -30.00
N SER D 184 -38.40 2.56 -29.84
CA SER D 184 -39.01 1.24 -29.77
C SER D 184 -38.99 0.60 -31.16
N SER D 185 -39.10 -0.74 -31.17
CA SER D 185 -39.13 -1.47 -32.43
C SER D 185 -40.29 -1.01 -33.31
N ALA D 186 -41.46 -0.81 -32.71
CA ALA D 186 -42.64 -0.43 -33.48
C ALA D 186 -42.44 0.94 -34.13
N ASP D 187 -41.93 1.91 -33.37
CA ASP D 187 -41.71 3.23 -33.95
C ASP D 187 -40.65 3.18 -35.04
N TYR D 188 -39.57 2.42 -34.81
CA TYR D 188 -38.51 2.33 -35.80
C TYR D 188 -39.03 1.76 -37.12
N GLU D 189 -39.90 0.76 -37.04
CA GLU D 189 -40.43 0.12 -38.23
C GLU D 189 -41.48 0.95 -38.95
N LYS D 190 -41.94 2.04 -38.34
CA LYS D 190 -42.89 2.93 -39.00
C LYS D 190 -42.23 3.92 -39.95
N HIS D 191 -40.89 4.02 -39.94
CA HIS D 191 -40.21 5.03 -40.72
C HIS D 191 -39.10 4.41 -41.56
N LYS D 192 -38.65 5.16 -42.56
CA LYS D 192 -37.66 4.68 -43.51
C LYS D 192 -36.33 5.40 -43.39
N VAL D 193 -36.32 6.73 -43.48
CA VAL D 193 -35.08 7.49 -43.59
C VAL D 193 -34.59 7.90 -42.21
N TYR D 194 -33.36 7.51 -41.89
CA TYR D 194 -32.73 7.88 -40.62
C TYR D 194 -31.46 8.62 -40.95
N ALA D 195 -31.32 9.84 -40.40
CA ALA D 195 -30.22 10.70 -40.76
C ALA D 195 -29.72 11.44 -39.53
N CYS D 196 -28.41 11.63 -39.47
CA CYS D 196 -27.79 12.45 -38.43
CA CYS D 196 -27.75 12.41 -38.43
C CYS D 196 -27.01 13.57 -39.11
N GLU D 197 -27.33 14.80 -38.74
CA GLU D 197 -26.77 15.99 -39.35
C GLU D 197 -25.79 16.63 -38.38
N VAL D 198 -24.54 16.78 -38.81
CA VAL D 198 -23.45 17.21 -37.95
C VAL D 198 -23.01 18.61 -38.37
N THR D 199 -22.93 19.52 -37.42
CA THR D 199 -22.41 20.86 -37.63
C THR D 199 -21.13 21.01 -36.80
N HIS D 200 -20.07 21.50 -37.44
CA HIS D 200 -18.78 21.63 -36.78
C HIS D 200 -17.97 22.73 -37.45
N GLN D 201 -17.04 23.32 -36.68
CA GLN D 201 -16.25 24.45 -37.16
C GLN D 201 -15.47 24.09 -38.42
N GLY D 202 -14.94 22.87 -38.50
CA GLY D 202 -14.19 22.44 -39.65
C GLY D 202 -15.00 22.08 -40.88
N LEU D 203 -16.32 22.09 -40.78
CA LEU D 203 -17.20 21.75 -41.89
C LEU D 203 -17.79 23.05 -42.46
N SER D 204 -17.52 23.31 -43.74
CA SER D 204 -18.06 24.51 -44.36
C SER D 204 -19.59 24.50 -44.41
N SER D 205 -20.20 23.33 -44.40
CA SER D 205 -21.65 23.21 -44.29
C SER D 205 -21.96 21.91 -43.58
N PRO D 206 -23.13 21.81 -42.94
CA PRO D 206 -23.42 20.59 -42.17
C PRO D 206 -23.37 19.35 -43.04
N VAL D 207 -22.87 18.26 -42.46
CA VAL D 207 -22.75 16.97 -43.13
C VAL D 207 -23.83 16.05 -42.58
N THR D 208 -24.51 15.35 -43.47
CA THR D 208 -25.58 14.42 -43.12
C THR D 208 -25.23 13.03 -43.64
N LYS D 209 -25.30 12.04 -42.76
CA LYS D 209 -25.20 10.64 -43.14
C LYS D 209 -26.54 9.98 -42.85
N SER D 210 -27.01 9.14 -43.77
CA SER D 210 -28.35 8.58 -43.65
C SER D 210 -28.37 7.16 -44.21
N PHE D 211 -29.37 6.39 -43.77
CA PHE D 211 -29.66 5.08 -44.32
C PHE D 211 -31.17 4.91 -44.42
N ASN D 212 -31.58 3.99 -45.29
CA ASN D 212 -32.98 3.60 -45.43
C ASN D 212 -33.20 2.26 -44.74
N ARG D 213 -34.21 2.20 -43.89
CA ARG D 213 -34.44 1.01 -43.08
C ARG D 213 -34.70 -0.22 -43.94
N GLY D 214 -33.89 -1.25 -43.74
CA GLY D 214 -34.14 -2.56 -44.33
C GLY D 214 -33.54 -2.82 -45.69
N GLU D 215 -32.71 -1.93 -46.22
CA GLU D 215 -32.11 -2.17 -47.52
C GLU D 215 -30.78 -2.91 -47.33
N CYS D 216 -29.92 -2.90 -48.34
CA CYS D 216 -28.63 -3.58 -48.25
C CYS D 216 -27.50 -2.56 -48.11
N LYS E 32 23.15 12.17 5.68
CA LYS E 32 23.00 11.93 7.11
C LYS E 32 23.96 10.85 7.62
N ILE E 33 25.07 10.65 6.90
CA ILE E 33 26.12 9.73 7.33
C ILE E 33 27.07 10.49 8.25
N GLU E 34 27.36 9.92 9.41
CA GLU E 34 28.18 10.60 10.40
C GLU E 34 29.59 10.84 9.89
N GLU E 35 30.08 12.06 10.06
CA GLU E 35 31.39 12.45 9.58
C GLU E 35 32.44 12.22 10.67
N GLY E 36 33.61 11.74 10.26
CA GLY E 36 34.68 11.43 11.18
C GLY E 36 34.74 9.99 11.66
N LYS E 37 33.90 9.11 11.11
CA LYS E 37 33.95 7.70 11.46
C LYS E 37 33.60 6.91 10.21
N LEU E 38 33.77 5.59 10.29
CA LEU E 38 33.51 4.71 9.16
C LEU E 38 32.51 3.64 9.55
N VAL E 39 31.45 3.49 8.75
CA VAL E 39 30.50 2.40 8.86
C VAL E 39 30.71 1.48 7.67
N ILE E 40 30.91 0.19 7.94
CA ILE E 40 31.26 -0.79 6.91
C ILE E 40 30.19 -1.88 6.90
N TRP E 41 29.74 -2.24 5.71
CA TRP E 41 28.78 -3.33 5.53
C TRP E 41 29.46 -4.47 4.77
N ILE E 42 29.34 -5.69 5.32
CA ILE E 42 29.86 -6.88 4.67
C ILE E 42 28.93 -8.02 5.01
N ASN E 43 28.83 -9.00 4.11
CA ASN E 43 27.86 -10.07 4.29
C ASN E 43 28.24 -10.96 5.47
N GLY E 44 27.20 -11.53 6.10
CA GLY E 44 27.39 -12.36 7.28
C GLY E 44 28.15 -13.64 7.02
N ASP E 45 28.31 -14.04 5.76
CA ASP E 45 29.12 -15.20 5.42
C ASP E 45 30.61 -14.87 5.27
N LYS E 46 30.99 -13.62 5.49
CA LYS E 46 32.38 -13.21 5.45
C LYS E 46 32.94 -13.07 6.87
N GLY E 47 34.26 -13.00 6.97
CA GLY E 47 34.89 -12.84 8.26
C GLY E 47 34.77 -11.45 8.84
N TYR E 48 33.56 -11.07 9.26
CA TYR E 48 33.33 -9.70 9.71
C TYR E 48 33.97 -9.42 11.06
N ASN E 49 34.12 -10.45 11.91
CA ASN E 49 34.85 -10.23 13.16
C ASN E 49 36.34 -10.02 12.88
N GLY E 50 36.88 -10.72 11.88
CA GLY E 50 38.24 -10.43 11.46
C GLY E 50 38.37 -9.04 10.89
N LEU E 51 37.40 -8.61 10.09
CA LEU E 51 37.40 -7.25 9.59
C LEU E 51 37.26 -6.25 10.72
N ALA E 52 36.50 -6.60 11.77
CA ALA E 52 36.37 -5.71 12.92
C ALA E 52 37.71 -5.54 13.65
N GLU E 53 38.58 -6.54 13.59
CA GLU E 53 39.91 -6.37 14.17
C GLU E 53 40.74 -5.37 13.36
N VAL E 54 40.59 -5.35 12.04
CA VAL E 54 41.28 -4.33 11.25
C VAL E 54 40.76 -2.94 11.62
N GLY E 55 39.44 -2.82 11.81
CA GLY E 55 38.89 -1.56 12.27
C GLY E 55 39.40 -1.14 13.64
N LYS E 56 39.64 -2.12 14.52
CA LYS E 56 40.25 -1.82 15.82
C LYS E 56 41.65 -1.23 15.64
N LYS E 57 42.47 -1.85 14.80
CA LYS E 57 43.80 -1.31 14.54
C LYS E 57 43.71 0.08 13.92
N PHE E 58 42.74 0.30 13.02
CA PHE E 58 42.61 1.61 12.41
C PHE E 58 42.22 2.66 13.45
N GLU E 59 41.31 2.32 14.36
CA GLU E 59 40.91 3.25 15.41
C GLU E 59 42.06 3.53 16.37
N LYS E 60 42.85 2.50 16.69
CA LYS E 60 43.95 2.71 17.63
C LYS E 60 45.02 3.62 17.04
N ASP E 61 45.21 3.59 15.72
CA ASP E 61 46.25 4.37 15.06
C ASP E 61 45.78 5.77 14.67
N THR E 62 44.52 5.92 14.26
CA THR E 62 44.04 7.17 13.70
C THR E 62 43.03 7.87 14.59
N GLY E 63 42.53 7.23 15.63
CA GLY E 63 41.43 7.77 16.42
C GLY E 63 40.07 7.71 15.76
N ILE E 64 39.96 7.15 14.56
CA ILE E 64 38.71 7.09 13.83
C ILE E 64 38.01 5.79 14.17
N LYS E 65 36.82 5.89 14.75
CA LYS E 65 36.04 4.70 15.10
C LYS E 65 35.48 4.03 13.85
N VAL E 66 35.63 2.71 13.77
CA VAL E 66 35.14 1.93 12.64
C VAL E 66 34.11 0.92 13.13
N THR E 67 32.94 0.91 12.51
CA THR E 67 31.86 0.02 12.90
C THR E 67 31.53 -0.89 11.74
N VAL E 68 31.78 -2.19 11.91
CA VAL E 68 31.50 -3.20 10.89
C VAL E 68 30.14 -3.82 11.18
N GLU E 69 29.28 -3.86 10.18
CA GLU E 69 27.95 -4.42 10.32
C GLU E 69 27.71 -5.42 9.19
N HIS E 70 26.94 -6.47 9.49
CA HIS E 70 26.54 -7.48 8.52
C HIS E 70 25.02 -7.56 8.46
N PRO E 71 24.36 -6.51 7.93
CA PRO E 71 22.90 -6.53 7.90
C PRO E 71 22.39 -7.52 6.87
N ASP E 72 21.23 -8.09 7.17
CA ASP E 72 20.60 -9.07 6.29
C ASP E 72 20.27 -8.44 4.95
N LYS E 73 20.68 -9.10 3.87
CA LYS E 73 20.42 -8.64 2.51
C LYS E 73 20.91 -7.20 2.31
N LEU E 74 22.17 -6.97 2.68
CA LEU E 74 22.70 -5.62 2.61
C LEU E 74 22.75 -5.09 1.18
N GLU E 75 22.96 -5.98 0.19
CA GLU E 75 23.03 -5.53 -1.20
C GLU E 75 21.68 -5.06 -1.71
N GLU E 76 20.58 -5.42 -1.04
CA GLU E 76 19.26 -4.90 -1.38
C GLU E 76 18.90 -3.68 -0.54
N LYS E 77 19.44 -3.57 0.66
CA LYS E 77 19.22 -2.37 1.46
C LYS E 77 20.06 -1.20 0.99
N PHE E 78 21.26 -1.47 0.45
CA PHE E 78 22.15 -0.38 0.05
C PHE E 78 21.51 0.56 -0.97
N PRO E 79 21.00 0.10 -2.11
CA PRO E 79 20.40 1.06 -3.06
C PRO E 79 19.20 1.80 -2.50
N GLN E 80 18.57 1.29 -1.44
CA GLN E 80 17.43 1.97 -0.86
C GLN E 80 17.85 3.13 0.03
N VAL E 81 18.88 2.93 0.85
CA VAL E 81 19.32 3.99 1.76
C VAL E 81 20.32 4.93 1.08
N ALA E 82 21.18 4.41 0.20
CA ALA E 82 22.16 5.27 -0.45
C ALA E 82 21.50 6.28 -1.38
N ALA E 83 20.33 5.95 -1.92
CA ALA E 83 19.61 6.87 -2.79
C ALA E 83 19.17 8.13 -2.05
N THR E 84 19.04 8.06 -0.73
CA THR E 84 18.65 9.21 0.08
C THR E 84 19.80 9.69 0.96
N GLY E 85 21.04 9.55 0.46
CA GLY E 85 22.20 10.04 1.18
C GLY E 85 22.56 9.27 2.44
N ASP E 86 21.94 8.13 2.69
CA ASP E 86 22.20 7.31 3.87
C ASP E 86 23.03 6.09 3.48
N GLY E 87 23.19 5.17 4.43
CA GLY E 87 23.91 3.94 4.18
C GLY E 87 25.28 3.96 4.81
N PRO E 88 26.06 2.91 4.57
CA PRO E 88 27.42 2.84 5.11
C PRO E 88 28.38 3.69 4.29
N ASP E 89 29.58 3.89 4.85
CA ASP E 89 30.64 4.51 4.07
C ASP E 89 31.23 3.52 3.07
N ILE E 90 31.37 2.26 3.48
CA ILE E 90 31.98 1.21 2.67
C ILE E 90 31.01 0.03 2.60
N ILE E 91 30.89 -0.58 1.42
CA ILE E 91 30.07 -1.77 1.22
C ILE E 91 30.89 -2.82 0.48
N PHE E 92 30.90 -4.04 1.02
CA PHE E 92 31.55 -5.20 0.40
C PHE E 92 30.49 -6.08 -0.24
N TRP E 93 30.66 -6.39 -1.53
CA TRP E 93 29.78 -7.31 -2.21
C TRP E 93 30.44 -7.77 -3.51
N ALA E 94 29.81 -8.75 -4.16
CA ALA E 94 30.28 -9.24 -5.44
C ALA E 94 30.27 -8.12 -6.48
N HIS E 95 31.26 -8.15 -7.37
CA HIS E 95 31.48 -7.03 -8.28
C HIS E 95 30.28 -6.80 -9.20
N ASP E 96 29.58 -7.86 -9.61
CA ASP E 96 28.54 -7.71 -10.62
C ASP E 96 27.40 -6.81 -10.16
N ARG E 97 27.08 -6.85 -8.86
CA ARG E 97 26.02 -5.99 -8.33
C ARG E 97 26.41 -4.51 -8.37
N PHE E 98 27.73 -4.22 -8.29
CA PHE E 98 28.19 -2.83 -8.29
C PHE E 98 27.94 -2.14 -9.62
N GLY E 99 27.72 -2.89 -10.70
CA GLY E 99 27.40 -2.26 -11.97
C GLY E 99 26.14 -1.44 -11.90
N GLY E 100 25.07 -2.03 -11.34
CA GLY E 100 23.84 -1.29 -11.14
C GLY E 100 23.96 -0.14 -10.15
N TYR E 101 24.81 -0.29 -9.13
CA TYR E 101 25.03 0.80 -8.20
C TYR E 101 25.66 2.00 -8.91
N ALA E 102 26.72 1.76 -9.68
CA ALA E 102 27.36 2.85 -10.41
C ALA E 102 26.43 3.41 -11.47
N GLN E 103 25.61 2.55 -12.08
CA GLN E 103 24.58 3.01 -13.01
C GLN E 103 23.68 4.06 -12.35
N SER E 104 23.31 3.82 -11.08
CA SER E 104 22.49 4.76 -10.31
C SER E 104 23.32 5.86 -9.65
N GLY E 105 24.64 5.86 -9.83
CA GLY E 105 25.46 6.89 -9.21
C GLY E 105 25.60 6.76 -7.71
N LEU E 106 25.57 5.54 -7.19
CA LEU E 106 25.66 5.34 -5.75
C LEU E 106 27.08 5.13 -5.24
N LEU E 107 28.04 4.91 -6.13
CA LEU E 107 29.40 4.58 -5.75
C LEU E 107 30.36 5.68 -6.18
N ALA E 108 31.20 6.13 -5.26
CA ALA E 108 32.22 7.12 -5.57
C ALA E 108 33.34 6.48 -6.39
N GLU E 109 33.97 7.29 -7.23
CA GLU E 109 35.14 6.85 -7.98
C GLU E 109 36.35 6.82 -7.05
N ILE E 110 37.04 5.67 -7.01
CA ILE E 110 38.21 5.51 -6.16
C ILE E 110 39.44 6.00 -6.91
N THR E 111 40.49 6.33 -6.16
CA THR E 111 41.69 6.97 -6.71
C THR E 111 42.96 6.27 -6.22
N PRO E 112 43.16 4.99 -6.55
CA PRO E 112 44.44 4.36 -6.23
C PRO E 112 45.50 4.74 -7.26
N ASP E 113 46.69 5.07 -6.77
CA ASP E 113 47.76 5.45 -7.67
C ASP E 113 48.34 4.21 -8.34
N LYS E 114 49.34 4.43 -9.21
CA LYS E 114 49.90 3.35 -10.01
C LYS E 114 50.54 2.28 -9.13
N ALA E 115 51.26 2.70 -8.08
CA ALA E 115 51.96 1.74 -7.23
C ALA E 115 50.99 0.82 -6.50
N PHE E 116 49.83 1.34 -6.07
CA PHE E 116 48.87 0.49 -5.38
C PHE E 116 48.22 -0.51 -6.33
N GLN E 117 47.89 -0.07 -7.55
CA GLN E 117 47.28 -0.97 -8.52
C GLN E 117 48.21 -2.10 -8.90
N ASP E 118 49.53 -1.87 -8.82
CA ASP E 118 50.47 -2.93 -9.16
C ASP E 118 50.53 -4.03 -8.11
N LYS E 119 50.00 -3.80 -6.91
CA LYS E 119 49.99 -4.82 -5.86
C LYS E 119 48.86 -5.82 -6.03
N LEU E 120 47.93 -5.60 -6.95
CA LEU E 120 46.85 -6.52 -7.24
C LEU E 120 47.01 -7.07 -8.65
N TYR E 121 46.47 -8.27 -8.88
CA TYR E 121 46.52 -8.85 -10.22
C TYR E 121 45.79 -7.95 -11.21
N PRO E 122 46.34 -7.72 -12.40
CA PRO E 122 45.73 -6.74 -13.31
C PRO E 122 44.29 -7.05 -13.72
N PHE E 123 43.90 -8.33 -13.80
CA PHE E 123 42.55 -8.65 -14.25
C PHE E 123 41.49 -8.36 -13.18
N THR E 124 41.88 -8.26 -11.91
CA THR E 124 40.87 -7.97 -10.88
C THR E 124 40.38 -6.54 -10.98
N TRP E 125 41.18 -5.62 -11.52
CA TRP E 125 40.69 -4.27 -11.73
C TRP E 125 39.65 -4.20 -12.85
N ASP E 126 39.66 -5.17 -13.76
CA ASP E 126 38.64 -5.20 -14.81
C ASP E 126 37.25 -5.45 -14.26
N ALA E 127 37.15 -6.06 -13.08
CA ALA E 127 35.87 -6.38 -12.47
C ALA E 127 35.24 -5.19 -11.75
N VAL E 128 36.00 -4.13 -11.49
CA VAL E 128 35.51 -3.01 -10.69
C VAL E 128 35.53 -1.74 -11.52
N ARG E 129 35.41 -1.89 -12.83
CA ARG E 129 35.40 -0.76 -13.77
C ARG E 129 34.00 -0.63 -14.35
N TYR E 130 33.47 0.59 -14.34
CA TYR E 130 32.17 0.88 -14.93
C TYR E 130 32.29 2.16 -15.74
N ASN E 131 32.12 2.04 -17.06
CA ASN E 131 32.22 3.17 -17.99
C ASN E 131 33.57 3.89 -17.85
N GLY E 132 34.64 3.08 -17.79
CA GLY E 132 35.97 3.65 -17.73
C GLY E 132 36.36 4.25 -16.40
N LYS E 133 35.67 3.90 -15.32
CA LYS E 133 35.98 4.43 -14.00
C LYS E 133 36.07 3.29 -13.00
N LEU E 134 37.12 3.31 -12.18
CA LEU E 134 37.22 2.39 -11.07
C LEU E 134 36.22 2.80 -9.99
N ILE E 135 35.43 1.86 -9.51
CA ILE E 135 34.37 2.16 -8.55
C ILE E 135 34.41 1.26 -7.33
N ALA E 136 35.45 0.44 -7.21
CA ALA E 136 35.57 -0.44 -6.06
C ALA E 136 36.96 -1.03 -6.02
N TYR E 137 37.33 -1.55 -4.84
CA TYR E 137 38.61 -2.22 -4.62
C TYR E 137 38.41 -3.73 -4.67
N PRO E 138 39.16 -4.45 -5.51
CA PRO E 138 39.08 -5.92 -5.50
C PRO E 138 39.63 -6.48 -4.19
N ILE E 139 38.93 -7.45 -3.63
CA ILE E 139 39.32 -8.06 -2.35
C ILE E 139 39.65 -9.54 -2.54
N ALA E 140 38.69 -10.32 -3.05
CA ALA E 140 38.85 -11.76 -3.17
C ALA E 140 38.44 -12.23 -4.57
N VAL E 141 38.89 -13.43 -4.93
CA VAL E 141 38.69 -14.00 -6.25
C VAL E 141 38.16 -15.42 -6.11
N GLU E 142 37.03 -15.71 -6.75
CA GLU E 142 36.43 -17.03 -6.71
C GLU E 142 36.12 -17.50 -8.13
N ALA E 143 36.24 -18.81 -8.32
CA ALA E 143 35.98 -19.44 -9.61
C ALA E 143 35.83 -20.95 -9.41
N LEU E 144 35.12 -21.57 -10.34
CA LEU E 144 34.93 -23.03 -10.29
C LEU E 144 36.28 -23.73 -10.49
N SER E 145 36.42 -24.89 -9.85
CA SER E 145 37.60 -25.73 -10.03
C SER E 145 37.15 -27.18 -10.19
N LEU E 146 38.09 -28.04 -10.59
CA LEU E 146 37.86 -29.47 -10.69
C LEU E 146 38.17 -30.09 -9.33
N ILE E 147 37.14 -30.64 -8.68
CA ILE E 147 37.25 -31.28 -7.38
C ILE E 147 37.19 -32.78 -7.57
N TYR E 148 38.15 -33.51 -7.01
CA TYR E 148 38.28 -34.93 -7.28
C TYR E 148 38.59 -35.69 -5.99
N ASN E 149 38.21 -36.97 -5.99
CA ASN E 149 38.45 -37.86 -4.85
C ASN E 149 39.84 -38.47 -5.00
N LYS E 150 40.74 -38.11 -4.07
CA LYS E 150 42.12 -38.58 -4.15
C LYS E 150 42.22 -40.10 -4.06
N ASP E 151 41.31 -40.74 -3.33
CA ASP E 151 41.37 -42.19 -3.20
C ASP E 151 40.89 -42.86 -4.48
N LEU E 152 39.77 -42.40 -5.04
CA LEU E 152 39.28 -42.98 -6.28
C LEU E 152 40.12 -42.57 -7.48
N LEU E 153 40.89 -41.49 -7.37
CA LEU E 153 41.57 -40.93 -8.53
C LEU E 153 42.78 -40.10 -8.09
N PRO E 154 43.92 -40.75 -7.83
CA PRO E 154 45.10 -39.99 -7.40
C PRO E 154 45.56 -38.96 -8.42
N ASN E 155 45.42 -39.23 -9.71
CA ASN E 155 45.81 -38.31 -10.77
C ASN E 155 44.58 -37.87 -11.55
N PRO E 156 44.08 -36.66 -11.33
CA PRO E 156 42.88 -36.22 -12.05
C PRO E 156 43.19 -35.99 -13.52
N PRO E 157 42.21 -36.16 -14.41
CA PRO E 157 42.47 -35.98 -15.84
C PRO E 157 42.75 -34.53 -16.19
N LYS E 158 43.60 -34.35 -17.20
CA LYS E 158 43.94 -33.03 -17.69
C LYS E 158 43.03 -32.57 -18.83
N THR E 159 42.31 -33.48 -19.47
CA THR E 159 41.48 -33.15 -20.62
C THR E 159 40.07 -33.70 -20.44
N TRP E 160 39.11 -33.01 -21.06
CA TRP E 160 37.75 -33.53 -21.10
C TRP E 160 37.65 -34.82 -21.90
N GLU E 161 38.49 -34.97 -22.93
CA GLU E 161 38.39 -36.13 -23.82
C GLU E 161 38.74 -37.43 -23.12
N GLU E 162 39.50 -37.38 -22.02
CA GLU E 162 39.83 -38.56 -21.23
C GLU E 162 38.64 -39.08 -20.43
N ILE E 163 37.67 -38.21 -20.13
CA ILE E 163 36.65 -38.56 -19.12
C ILE E 163 35.78 -39.72 -19.57
N PRO E 164 35.36 -39.84 -20.84
CA PRO E 164 34.59 -41.05 -21.22
C PRO E 164 35.30 -42.36 -20.90
N ALA E 165 36.59 -42.47 -21.24
CA ALA E 165 37.31 -43.70 -20.91
C ALA E 165 37.43 -43.89 -19.41
N LEU E 166 37.60 -42.79 -18.66
CA LEU E 166 37.71 -42.89 -17.21
C LEU E 166 36.38 -43.35 -16.59
N ASP E 167 35.26 -42.88 -17.14
CA ASP E 167 33.96 -43.29 -16.62
C ASP E 167 33.73 -44.78 -16.85
N LYS E 168 34.24 -45.32 -17.95
CA LYS E 168 34.06 -46.74 -18.22
C LYS E 168 34.75 -47.58 -17.15
N GLU E 169 35.97 -47.18 -16.76
CA GLU E 169 36.69 -47.94 -15.74
C GLU E 169 36.05 -47.80 -14.37
N LEU E 170 35.40 -46.66 -14.12
CA LEU E 170 34.75 -46.44 -12.82
C LEU E 170 33.36 -47.08 -12.76
N LYS E 171 32.63 -47.10 -13.89
CA LYS E 171 31.33 -47.74 -13.90
C LYS E 171 31.41 -49.26 -13.72
N ALA E 172 32.55 -49.87 -14.05
CA ALA E 172 32.73 -51.29 -13.76
C ALA E 172 32.94 -51.55 -12.28
N LYS E 173 33.24 -50.52 -11.50
CA LYS E 173 33.39 -50.63 -10.05
C LYS E 173 32.19 -50.09 -9.30
N GLY E 174 31.07 -49.85 -9.99
CA GLY E 174 29.91 -49.25 -9.37
C GLY E 174 30.01 -47.77 -9.10
N LYS E 175 31.09 -47.12 -9.54
CA LYS E 175 31.28 -45.70 -9.32
C LYS E 175 31.00 -44.92 -10.61
N SER E 176 31.29 -43.62 -10.58
CA SER E 176 31.15 -42.77 -11.74
C SER E 176 32.33 -41.81 -11.78
N ALA E 177 32.53 -41.20 -12.96
CA ALA E 177 33.68 -40.32 -13.14
C ALA E 177 33.39 -38.90 -12.66
N LEU E 178 32.34 -38.28 -13.19
CA LEU E 178 32.08 -36.87 -12.98
C LEU E 178 30.58 -36.62 -12.84
N MET E 179 30.22 -35.81 -11.83
CA MET E 179 28.86 -35.35 -11.64
C MET E 179 28.90 -33.89 -11.21
N PHE E 180 28.30 -33.02 -12.02
CA PHE E 180 28.20 -31.61 -11.66
C PHE E 180 26.89 -31.05 -12.20
N ASN E 181 26.51 -29.89 -11.67
CA ASN E 181 25.22 -29.26 -11.95
C ASN E 181 25.05 -28.93 -13.43
N LEU E 182 24.32 -29.77 -14.16
CA LEU E 182 24.07 -29.53 -15.58
C LEU E 182 22.89 -28.58 -15.83
N GLN E 183 22.13 -28.25 -14.80
CA GLN E 183 20.90 -27.48 -14.98
C GLN E 183 21.14 -25.99 -15.14
N GLU E 184 22.30 -25.47 -14.72
CA GLU E 184 22.48 -24.04 -14.72
C GLU E 184 23.67 -23.63 -15.59
N PRO E 185 23.52 -22.58 -16.40
CA PRO E 185 24.59 -22.20 -17.33
C PRO E 185 25.88 -21.74 -16.66
N TYR E 186 25.83 -21.30 -15.40
CA TYR E 186 27.06 -20.95 -14.70
C TYR E 186 28.01 -22.13 -14.61
N PHE E 187 27.48 -23.34 -14.47
CA PHE E 187 28.31 -24.53 -14.33
C PHE E 187 28.69 -25.18 -15.66
N THR E 188 27.89 -24.98 -16.72
CA THR E 188 28.16 -25.61 -18.00
C THR E 188 28.96 -24.73 -18.95
N TRP E 189 28.92 -23.40 -18.77
CA TRP E 189 29.63 -22.51 -19.66
C TRP E 189 31.15 -22.75 -19.73
N PRO E 190 31.87 -23.08 -18.64
CA PRO E 190 33.32 -23.27 -18.78
C PRO E 190 33.72 -24.20 -19.90
N LEU E 191 33.01 -25.31 -20.08
CA LEU E 191 33.32 -26.22 -21.17
C LEU E 191 32.91 -25.64 -22.52
N ILE E 192 31.74 -25.01 -22.57
CA ILE E 192 31.23 -24.45 -23.83
C ILE E 192 32.14 -23.35 -24.33
N ALA E 193 32.67 -22.53 -23.42
CA ALA E 193 33.54 -21.44 -23.81
C ALA E 193 34.95 -21.88 -24.16
N ALA E 194 35.32 -23.12 -23.84
CA ALA E 194 36.73 -23.51 -23.89
C ALA E 194 37.32 -23.33 -25.29
N ASP E 195 36.57 -23.67 -26.33
CA ASP E 195 37.10 -23.65 -27.69
C ASP E 195 36.76 -22.37 -28.46
N GLY E 196 36.13 -21.40 -27.83
CA GLY E 196 35.90 -20.14 -28.51
C GLY E 196 34.64 -19.38 -28.11
N GLY E 197 33.81 -20.00 -27.27
CA GLY E 197 32.61 -19.31 -26.82
C GLY E 197 32.96 -18.13 -25.91
N TYR E 198 32.12 -17.10 -25.98
CA TYR E 198 32.26 -15.93 -25.12
C TYR E 198 30.91 -15.25 -24.98
N ALA E 199 30.76 -14.50 -23.89
CA ALA E 199 29.50 -13.80 -23.63
C ALA E 199 29.40 -12.52 -24.45
N PHE E 200 30.20 -11.52 -24.09
CA PHE E 200 30.26 -10.26 -24.82
C PHE E 200 31.72 -9.93 -25.07
N LYS E 201 32.03 -9.57 -26.32
CA LYS E 201 33.41 -9.28 -26.71
C LYS E 201 33.96 -8.15 -25.84
N TYR E 202 35.04 -8.44 -25.13
CA TYR E 202 35.64 -7.53 -24.16
C TYR E 202 36.87 -6.89 -24.80
N GLU E 203 36.88 -5.56 -24.87
CA GLU E 203 37.91 -4.81 -25.60
C GLU E 203 38.90 -4.10 -24.69
N ASN E 204 38.61 -2.84 -24.36
CA ASN E 204 39.41 -2.02 -23.45
C ASN E 204 38.52 -1.54 -22.31
N GLY E 205 38.08 -2.49 -21.48
CA GLY E 205 37.20 -2.18 -20.37
C GLY E 205 35.78 -1.89 -20.77
N LYS E 206 35.41 -2.13 -22.03
CA LYS E 206 34.07 -1.90 -22.52
C LYS E 206 33.57 -3.18 -23.14
N TYR E 207 32.37 -3.59 -22.77
CA TYR E 207 31.72 -4.75 -23.36
C TYR E 207 30.96 -4.32 -24.62
N ASP E 208 31.00 -5.17 -25.64
CA ASP E 208 30.26 -4.94 -26.87
C ASP E 208 29.00 -5.80 -26.81
N ILE E 209 27.85 -5.16 -26.58
CA ILE E 209 26.59 -5.88 -26.49
C ILE E 209 26.13 -6.44 -27.83
N LYS E 210 26.76 -6.03 -28.93
CA LYS E 210 26.41 -6.53 -30.25
C LYS E 210 27.21 -7.75 -30.67
N ASP E 211 28.35 -8.00 -30.05
CA ASP E 211 29.25 -9.09 -30.42
C ASP E 211 29.11 -10.18 -29.35
N VAL E 212 28.17 -11.10 -29.57
CA VAL E 212 27.94 -12.22 -28.68
C VAL E 212 28.54 -13.48 -29.30
N GLY E 213 29.16 -14.31 -28.46
CA GLY E 213 29.83 -15.51 -28.94
C GLY E 213 29.23 -16.80 -28.42
N VAL E 214 27.89 -16.89 -28.40
CA VAL E 214 27.24 -18.13 -28.00
C VAL E 214 26.99 -19.05 -29.18
N ASP E 215 26.81 -18.51 -30.38
CA ASP E 215 26.55 -19.29 -31.57
C ASP E 215 27.75 -19.22 -32.51
N ASN E 216 28.87 -19.77 -32.06
CA ASN E 216 30.05 -19.85 -32.89
C ASN E 216 30.59 -21.29 -32.87
N ALA E 217 31.61 -21.53 -33.70
CA ALA E 217 32.16 -22.87 -33.83
C ALA E 217 32.75 -23.37 -32.52
N GLY E 218 33.30 -22.47 -31.71
CA GLY E 218 33.83 -22.89 -30.41
C GLY E 218 32.75 -23.37 -29.47
N ALA E 219 31.66 -22.61 -29.38
CA ALA E 219 30.56 -23.01 -28.50
C ALA E 219 29.88 -24.27 -28.99
N LYS E 220 29.79 -24.48 -30.29
CA LYS E 220 29.16 -25.69 -30.80
C LYS E 220 29.95 -26.94 -30.41
N ALA E 221 31.28 -26.88 -30.50
CA ALA E 221 32.10 -28.04 -30.16
C ALA E 221 32.00 -28.38 -28.68
N GLY E 222 31.91 -27.37 -27.81
CA GLY E 222 31.82 -27.63 -26.39
C GLY E 222 30.49 -28.26 -26.01
N LEU E 223 29.39 -27.68 -26.48
CA LEU E 223 28.07 -28.25 -26.19
C LEU E 223 27.94 -29.64 -26.80
N THR E 224 28.51 -29.86 -27.99
CA THR E 224 28.44 -31.19 -28.59
C THR E 224 29.14 -32.22 -27.73
N PHE E 225 30.30 -31.89 -27.18
CA PHE E 225 30.99 -32.83 -26.29
C PHE E 225 30.18 -33.05 -25.01
N LEU E 226 29.53 -31.99 -24.51
CA LEU E 226 28.69 -32.13 -23.33
C LEU E 226 27.50 -33.04 -23.61
N VAL E 227 26.82 -32.83 -24.73
CA VAL E 227 25.66 -33.66 -25.07
C VAL E 227 26.11 -35.09 -25.33
N ASP E 228 27.27 -35.28 -25.96
CA ASP E 228 27.77 -36.63 -26.19
C ASP E 228 28.05 -37.36 -24.88
N LEU E 229 28.50 -36.63 -23.85
CA LEU E 229 28.69 -37.26 -22.54
C LEU E 229 27.37 -37.81 -22.02
N ILE E 230 26.28 -37.08 -22.26
CA ILE E 230 24.97 -37.51 -21.79
C ILE E 230 24.43 -38.66 -22.65
N LYS E 231 24.53 -38.53 -23.97
CA LYS E 231 24.03 -39.58 -24.84
C LYS E 231 24.78 -40.89 -24.66
N ASN E 232 26.10 -40.82 -24.37
CA ASN E 232 26.88 -42.02 -24.11
C ASN E 232 26.79 -42.49 -22.66
N LYS E 233 25.85 -41.94 -21.89
CA LYS E 233 25.57 -42.37 -20.51
C LYS E 233 26.76 -42.20 -19.57
N HIS E 234 27.57 -41.17 -19.79
CA HIS E 234 28.59 -40.82 -18.80
C HIS E 234 28.09 -39.79 -17.79
N MET E 235 27.03 -39.06 -18.13
CA MET E 235 26.40 -38.11 -17.22
C MET E 235 24.90 -38.13 -17.44
N ASN E 236 24.17 -37.87 -16.35
CA ASN E 236 22.72 -37.83 -16.39
C ASN E 236 22.25 -36.40 -16.63
N ALA E 237 21.36 -36.22 -17.61
CA ALA E 237 20.88 -34.88 -17.93
C ALA E 237 20.05 -34.27 -16.81
N ASP E 238 19.68 -35.03 -15.79
CA ASP E 238 18.90 -34.53 -14.67
C ASP E 238 19.75 -34.12 -13.48
N THR E 239 21.07 -34.30 -13.53
CA THR E 239 21.91 -33.98 -12.39
C THR E 239 21.92 -32.47 -12.15
N ASP E 240 21.61 -32.07 -10.91
CA ASP E 240 21.63 -30.67 -10.53
C ASP E 240 22.68 -30.45 -9.45
N TYR E 241 22.64 -29.28 -8.82
CA TYR E 241 23.62 -28.94 -7.80
C TYR E 241 23.56 -29.90 -6.63
N SER E 242 22.34 -30.20 -6.16
CA SER E 242 22.19 -30.98 -4.93
C SER E 242 22.54 -32.45 -5.17
N ILE E 243 22.13 -33.01 -6.31
CA ILE E 243 22.45 -34.40 -6.61
C ILE E 243 23.95 -34.59 -6.74
N ALA E 244 24.61 -33.69 -7.48
CA ALA E 244 26.05 -33.82 -7.70
C ALA E 244 26.83 -33.66 -6.41
N GLU E 245 26.40 -32.75 -5.53
CA GLU E 245 27.10 -32.56 -4.27
C GLU E 245 26.94 -33.78 -3.36
N ALA E 246 25.73 -34.36 -3.33
CA ALA E 246 25.51 -35.54 -2.49
C ALA E 246 26.32 -36.74 -2.97
N ALA E 247 26.40 -36.94 -4.29
CA ALA E 247 27.12 -38.08 -4.83
C ALA E 247 28.61 -37.99 -4.53
N PHE E 248 29.20 -36.80 -4.71
CA PHE E 248 30.64 -36.68 -4.46
C PHE E 248 30.97 -36.80 -2.98
N ASN E 249 30.15 -36.21 -2.11
CA ASN E 249 30.45 -36.25 -0.68
C ASN E 249 30.18 -37.62 -0.08
N LYS E 250 29.41 -38.47 -0.76
CA LYS E 250 29.22 -39.85 -0.34
C LYS E 250 30.15 -40.82 -1.07
N GLY E 251 31.08 -40.30 -1.87
CA GLY E 251 32.06 -41.14 -2.55
C GLY E 251 31.54 -41.91 -3.74
N GLU E 252 30.35 -41.58 -4.25
CA GLU E 252 29.76 -42.32 -5.34
C GLU E 252 30.31 -41.92 -6.71
N THR E 253 30.92 -40.74 -6.82
CA THR E 253 31.52 -40.27 -8.06
C THR E 253 32.90 -39.70 -7.75
N ALA E 254 33.80 -39.80 -8.73
CA ALA E 254 35.20 -39.46 -8.51
C ALA E 254 35.49 -37.97 -8.66
N MET E 255 34.65 -37.22 -9.37
CA MET E 255 34.89 -35.81 -9.63
C MET E 255 33.60 -35.02 -9.57
N THR E 256 33.74 -33.72 -9.28
CA THR E 256 32.66 -32.77 -9.39
C THR E 256 33.29 -31.43 -9.76
N ILE E 257 32.43 -30.46 -10.09
CA ILE E 257 32.88 -29.11 -10.43
C ILE E 257 32.12 -28.13 -9.56
N ASN E 258 32.84 -27.39 -8.73
CA ASN E 258 32.22 -26.44 -7.81
C ASN E 258 33.28 -25.45 -7.37
N GLY E 259 32.85 -24.47 -6.57
CA GLY E 259 33.72 -23.41 -6.13
C GLY E 259 34.12 -23.53 -4.68
N PRO E 260 34.91 -22.56 -4.19
CA PRO E 260 35.39 -22.64 -2.80
C PRO E 260 34.29 -22.61 -1.76
N TRP E 261 33.10 -22.11 -2.10
CA TRP E 261 31.98 -22.11 -1.17
C TRP E 261 31.53 -23.51 -0.78
N ALA E 262 31.87 -24.52 -1.56
CA ALA E 262 31.41 -25.88 -1.33
C ALA E 262 32.38 -26.71 -0.50
N TRP E 263 33.55 -26.17 -0.15
CA TRP E 263 34.57 -26.97 0.52
C TRP E 263 34.16 -27.39 1.93
N SER E 264 33.39 -26.54 2.63
CA SER E 264 33.04 -26.86 4.01
C SER E 264 32.14 -28.08 4.09
N ASN E 265 31.25 -28.28 3.11
CA ASN E 265 30.42 -29.47 3.10
C ASN E 265 31.24 -30.72 2.85
N ILE E 266 32.31 -30.62 2.06
CA ILE E 266 33.15 -31.79 1.83
C ILE E 266 34.03 -32.09 3.04
N ASP E 267 34.48 -31.06 3.76
CA ASP E 267 35.28 -31.28 4.96
C ASP E 267 34.52 -32.11 5.98
N THR E 268 33.21 -31.87 6.11
CA THR E 268 32.40 -32.66 7.03
C THR E 268 32.24 -34.09 6.52
N SER E 269 32.15 -34.26 5.20
CA SER E 269 32.00 -35.60 4.62
C SER E 269 33.23 -36.48 4.85
N LYS E 270 34.36 -35.88 5.23
CA LYS E 270 35.60 -36.60 5.49
C LYS E 270 36.14 -37.32 4.25
N VAL E 271 35.72 -36.88 3.06
CA VAL E 271 36.26 -37.43 1.82
C VAL E 271 37.61 -36.80 1.54
N ASN E 272 38.60 -37.65 1.23
CA ASN E 272 39.94 -37.17 0.92
C ASN E 272 39.93 -36.59 -0.49
N TYR E 273 39.72 -35.28 -0.58
CA TYR E 273 39.51 -34.63 -1.85
C TYR E 273 40.66 -33.69 -2.21
N GLY E 274 40.72 -33.35 -3.49
CA GLY E 274 41.68 -32.37 -3.97
C GLY E 274 40.99 -31.40 -4.90
N VAL E 275 41.67 -30.28 -5.14
CA VAL E 275 41.15 -29.21 -5.99
C VAL E 275 42.24 -28.84 -6.98
N THR E 276 41.92 -28.87 -8.28
CA THR E 276 42.93 -28.70 -9.30
C THR E 276 42.35 -27.94 -10.50
N VAL E 277 43.20 -27.74 -11.51
CA VAL E 277 42.78 -27.03 -12.71
C VAL E 277 41.69 -27.82 -13.43
N LEU E 278 40.76 -27.11 -14.05
CA LEU E 278 39.72 -27.73 -14.84
C LEU E 278 40.32 -28.42 -16.06
N PRO E 279 39.69 -29.49 -16.54
CA PRO E 279 40.22 -30.17 -17.74
C PRO E 279 40.16 -29.25 -18.95
N THR E 280 41.08 -29.48 -19.88
CA THR E 280 41.09 -28.73 -21.13
C THR E 280 40.22 -29.43 -22.16
N PHE E 281 39.77 -28.65 -23.14
CA PHE E 281 38.99 -29.18 -24.25
C PHE E 281 39.65 -28.71 -25.54
N LYS E 282 39.96 -29.67 -26.42
CA LYS E 282 40.69 -29.39 -27.66
C LYS E 282 41.98 -28.62 -27.37
N GLY E 283 42.66 -29.03 -26.30
CA GLY E 283 43.90 -28.40 -25.89
C GLY E 283 43.77 -27.02 -25.32
N GLN E 284 42.54 -26.54 -25.10
CA GLN E 284 42.32 -25.18 -24.61
CA GLN E 284 42.35 -25.19 -24.59
C GLN E 284 41.71 -25.22 -23.21
N PRO E 285 42.08 -24.28 -22.33
CA PRO E 285 41.57 -24.32 -20.96
C PRO E 285 40.06 -24.09 -20.87
N SER E 286 39.46 -24.70 -19.85
CA SER E 286 38.09 -24.34 -19.46
C SER E 286 38.08 -22.90 -18.96
N LYS E 287 37.00 -22.17 -19.27
CA LYS E 287 36.92 -20.74 -19.01
C LYS E 287 35.73 -20.45 -18.10
N PRO E 288 35.90 -20.61 -16.79
CA PRO E 288 34.81 -20.28 -15.86
C PRO E 288 34.73 -18.79 -15.62
N PHE E 289 33.53 -18.35 -15.25
CA PHE E 289 33.32 -16.95 -14.88
C PHE E 289 34.02 -16.66 -13.56
N VAL E 290 34.43 -15.40 -13.38
CA VAL E 290 35.18 -14.97 -12.20
C VAL E 290 34.31 -14.01 -11.40
N GLY E 291 34.15 -14.29 -10.11
CA GLY E 291 33.49 -13.40 -9.18
C GLY E 291 34.53 -12.74 -8.28
N VAL E 292 34.40 -11.42 -8.12
CA VAL E 292 35.37 -10.64 -7.36
C VAL E 292 34.64 -9.93 -6.24
N LEU E 293 34.90 -10.35 -5.00
CA LEU E 293 34.41 -9.60 -3.85
C LEU E 293 35.06 -8.22 -3.85
N SER E 294 34.24 -7.18 -3.80
CA SER E 294 34.72 -5.82 -4.02
C SER E 294 34.21 -4.91 -2.91
N ALA E 295 35.00 -3.86 -2.64
CA ALA E 295 34.68 -2.88 -1.61
C ALA E 295 34.47 -1.52 -2.26
N GLY E 296 33.23 -1.03 -2.26
CA GLY E 296 32.92 0.26 -2.81
C GLY E 296 32.76 1.32 -1.74
N ILE E 297 32.91 2.58 -2.16
CA ILE E 297 32.77 3.74 -1.29
C ILE E 297 31.50 4.48 -1.65
N ASN E 298 30.65 4.70 -0.65
CA ASN E 298 29.37 5.38 -0.87
C ASN E 298 29.59 6.78 -1.44
N ALA E 299 28.86 7.09 -2.52
CA ALA E 299 29.00 8.41 -3.13
C ALA E 299 28.54 9.53 -2.19
N ALA E 300 27.63 9.22 -1.28
CA ALA E 300 27.15 10.20 -0.31
C ALA E 300 28.01 10.30 0.94
N SER E 301 29.08 9.51 1.03
CA SER E 301 29.88 9.50 2.26
C SER E 301 30.72 10.77 2.37
N PRO E 302 30.77 11.40 3.54
CA PRO E 302 31.71 12.51 3.76
C PRO E 302 33.09 12.06 4.24
N ASN E 303 33.40 10.78 4.22
CA ASN E 303 34.66 10.24 4.72
C ASN E 303 35.41 9.46 3.63
N LYS E 304 35.37 9.97 2.40
CA LYS E 304 35.95 9.24 1.28
C LYS E 304 37.47 9.05 1.44
N GLU E 305 38.16 10.08 1.95
CA GLU E 305 39.60 9.95 2.12
C GLU E 305 39.93 8.99 3.26
N LEU E 306 39.16 9.02 4.35
CA LEU E 306 39.36 8.02 5.41
C LEU E 306 39.07 6.62 4.88
N ALA E 307 38.01 6.46 4.10
CA ALA E 307 37.70 5.16 3.53
C ALA E 307 38.82 4.68 2.64
N LYS E 308 39.38 5.58 1.82
CA LYS E 308 40.52 5.21 0.97
C LYS E 308 41.72 4.81 1.81
N GLU E 309 41.97 5.53 2.90
CA GLU E 309 43.10 5.21 3.77
C GLU E 309 42.91 3.87 4.46
N PHE E 310 41.68 3.57 4.90
CA PHE E 310 41.43 2.30 5.57
C PHE E 310 41.58 1.13 4.60
N LEU E 311 41.01 1.26 3.39
CA LEU E 311 41.04 0.14 2.45
C LEU E 311 42.43 -0.09 1.90
N GLU E 312 43.14 0.98 1.55
CA GLU E 312 44.43 0.84 0.86
C GLU E 312 45.56 0.52 1.83
N ASN E 313 45.54 1.10 3.03
CA ASN E 313 46.69 1.03 3.93
C ASN E 313 46.51 0.10 5.12
N TYR E 314 45.31 -0.46 5.32
CA TYR E 314 45.10 -1.38 6.43
C TYR E 314 44.50 -2.71 5.97
N LEU E 315 43.41 -2.65 5.19
CA LEU E 315 42.75 -3.88 4.78
C LEU E 315 43.53 -4.59 3.68
N LEU E 316 43.81 -3.88 2.58
CA LEU E 316 44.51 -4.46 1.43
C LEU E 316 46.01 -4.53 1.69
N THR E 317 46.35 -5.21 2.77
CA THR E 317 47.72 -5.54 3.15
C THR E 317 47.76 -7.01 3.54
N ASP E 318 48.97 -7.54 3.68
CA ASP E 318 49.10 -8.92 4.15
C ASP E 318 48.50 -9.07 5.54
N GLU E 319 48.69 -8.08 6.40
CA GLU E 319 48.21 -8.16 7.78
C GLU E 319 46.69 -8.06 7.84
N GLY E 320 46.11 -7.15 7.05
CA GLY E 320 44.67 -6.95 7.10
C GLY E 320 43.90 -8.12 6.54
N LEU E 321 44.31 -8.62 5.37
CA LEU E 321 43.61 -9.75 4.77
C LEU E 321 43.76 -11.01 5.61
N GLU E 322 44.89 -11.16 6.31
CA GLU E 322 45.07 -12.33 7.16
C GLU E 322 44.10 -12.30 8.33
N ALA E 323 43.85 -11.11 8.90
CA ALA E 323 42.88 -11.02 9.99
C ALA E 323 41.50 -11.45 9.54
N VAL E 324 41.09 -11.02 8.34
CA VAL E 324 39.80 -11.47 7.82
C VAL E 324 39.85 -12.95 7.49
N ASN E 325 40.97 -13.40 6.89
CA ASN E 325 41.07 -14.80 6.47
C ASN E 325 41.06 -15.74 7.67
N LYS E 326 41.72 -15.36 8.77
CA LYS E 326 41.72 -16.18 9.97
C LYS E 326 40.32 -16.39 10.51
N ASP E 327 39.47 -15.37 10.40
CA ASP E 327 38.09 -15.48 10.88
C ASP E 327 37.28 -16.41 9.99
N LYS E 328 37.20 -16.08 8.69
CA LYS E 328 36.58 -16.94 7.68
C LYS E 328 37.44 -16.82 6.43
N PRO E 329 37.89 -17.94 5.86
CA PRO E 329 38.81 -17.87 4.72
C PRO E 329 38.19 -17.13 3.55
N LEU E 330 39.01 -16.29 2.90
CA LEU E 330 38.55 -15.54 1.74
C LEU E 330 38.66 -16.33 0.44
N GLY E 331 39.34 -17.47 0.46
CA GLY E 331 39.70 -18.17 -0.76
C GLY E 331 40.91 -17.52 -1.38
N ALA E 332 40.94 -17.37 -2.70
CA ALA E 332 42.00 -16.62 -3.35
C ALA E 332 41.74 -15.13 -3.22
N VAL E 333 42.82 -14.35 -3.12
CA VAL E 333 42.72 -12.91 -2.92
C VAL E 333 43.39 -12.18 -4.08
N ALA E 334 43.02 -10.91 -4.23
CA ALA E 334 43.57 -10.10 -5.30
C ALA E 334 44.96 -9.57 -4.98
N LEU E 335 45.28 -9.41 -3.69
CA LEU E 335 46.60 -8.92 -3.30
C LEU E 335 47.65 -9.97 -3.61
N LYS E 336 48.60 -9.62 -4.49
CA LYS E 336 49.57 -10.60 -4.98
C LYS E 336 50.36 -11.22 -3.84
N SER E 337 50.91 -10.39 -2.95
CA SER E 337 51.82 -10.90 -1.92
C SER E 337 51.13 -11.88 -0.99
N TYR E 338 49.87 -11.61 -0.62
CA TYR E 338 49.19 -12.54 0.28
C TYR E 338 48.64 -13.75 -0.47
N GLU E 339 48.29 -13.58 -1.76
CA GLU E 339 47.87 -14.75 -2.53
C GLU E 339 49.00 -15.75 -2.69
N GLU E 340 50.23 -15.26 -2.92
CA GLU E 340 51.37 -16.16 -3.01
C GLU E 340 51.54 -16.97 -1.74
N GLU E 341 51.25 -16.39 -0.58
CA GLU E 341 51.29 -17.13 0.67
C GLU E 341 50.15 -18.14 0.75
N LEU E 342 48.93 -17.71 0.44
CA LEU E 342 47.78 -18.62 0.50
C LEU E 342 47.90 -19.74 -0.51
N ALA E 343 48.54 -19.48 -1.66
CA ALA E 343 48.65 -20.48 -2.71
C ALA E 343 49.47 -21.69 -2.29
N LYS E 344 50.08 -21.68 -1.10
CA LYS E 344 50.69 -22.89 -0.58
C LYS E 344 49.64 -23.98 -0.37
N ASP E 345 48.40 -23.57 -0.12
CA ASP E 345 47.26 -24.47 -0.19
C ASP E 345 46.97 -24.72 -1.66
N PRO E 346 47.18 -25.94 -2.15
CA PRO E 346 46.97 -26.20 -3.59
C PRO E 346 45.54 -25.97 -4.06
N ARG E 347 44.56 -26.01 -3.15
CA ARG E 347 43.18 -25.69 -3.53
C ARG E 347 43.05 -24.22 -3.90
N ILE E 348 43.71 -23.33 -3.16
CA ILE E 348 43.66 -21.91 -3.45
C ILE E 348 44.39 -21.60 -4.75
N ALA E 349 45.55 -22.23 -4.95
CA ALA E 349 46.31 -22.02 -6.19
C ALA E 349 45.49 -22.44 -7.41
N ALA E 350 44.75 -23.54 -7.30
CA ALA E 350 43.89 -23.97 -8.40
C ALA E 350 42.79 -22.95 -8.65
N THR E 351 42.20 -22.42 -7.58
CA THR E 351 41.15 -21.42 -7.74
C THR E 351 41.65 -20.22 -8.53
N MET E 352 42.81 -19.68 -8.15
CA MET E 352 43.36 -18.54 -8.85
C MET E 352 43.76 -18.92 -10.28
N GLU E 353 44.26 -20.14 -10.47
CA GLU E 353 44.66 -20.59 -11.80
C GLU E 353 43.46 -20.67 -12.73
N ASN E 354 42.37 -21.29 -12.28
CA ASN E 354 41.16 -21.35 -13.10
C ASN E 354 40.59 -19.95 -13.36
N ALA E 355 40.65 -19.08 -12.35
CA ALA E 355 40.14 -17.72 -12.52
C ALA E 355 40.94 -16.96 -13.58
N GLN E 356 42.26 -17.09 -13.55
CA GLN E 356 43.11 -16.41 -14.53
C GLN E 356 42.90 -16.97 -15.93
N LYS E 357 42.55 -18.26 -16.04
CA LYS E 357 42.24 -18.85 -17.34
C LYS E 357 40.80 -18.61 -17.75
N GLY E 358 39.97 -18.07 -16.87
CA GLY E 358 38.59 -17.77 -17.16
C GLY E 358 38.40 -16.31 -17.53
N GLU E 359 37.18 -15.82 -17.32
CA GLU E 359 36.81 -14.45 -17.67
C GLU E 359 36.05 -13.82 -16.53
N ILE E 360 36.28 -12.51 -16.32
CA ILE E 360 35.49 -11.76 -15.36
C ILE E 360 34.03 -11.81 -15.80
N MET E 361 33.14 -12.12 -14.87
CA MET E 361 31.72 -12.17 -15.20
C MET E 361 31.23 -10.77 -15.51
N PRO E 362 30.61 -10.55 -16.68
CA PRO E 362 30.20 -9.19 -17.04
C PRO E 362 29.15 -8.64 -16.08
N ASN E 363 29.25 -7.35 -15.79
CA ASN E 363 28.34 -6.66 -14.87
C ASN E 363 27.38 -5.74 -15.62
N ILE E 364 26.92 -6.19 -16.78
CA ILE E 364 26.02 -5.39 -17.61
C ILE E 364 24.64 -6.05 -17.61
N PRO E 365 23.55 -5.30 -17.75
CA PRO E 365 22.22 -5.92 -17.70
C PRO E 365 21.97 -6.90 -18.82
N GLN E 366 22.73 -6.83 -19.91
CA GLN E 366 22.53 -7.75 -21.03
C GLN E 366 22.89 -9.19 -20.69
N MET E 367 23.44 -9.46 -19.50
CA MET E 367 23.74 -10.83 -19.12
C MET E 367 22.48 -11.67 -19.00
N SER E 368 21.33 -11.05 -18.72
CA SER E 368 20.09 -11.81 -18.59
C SER E 368 19.76 -12.55 -19.88
N ALA E 369 19.90 -11.90 -21.02
CA ALA E 369 19.67 -12.57 -22.30
C ALA E 369 20.71 -13.64 -22.56
N PHE E 370 21.96 -13.42 -22.13
CA PHE E 370 23.00 -14.43 -22.31
C PHE E 370 22.69 -15.70 -21.53
N TRP E 371 22.29 -15.55 -20.26
CA TRP E 371 21.97 -16.71 -19.44
C TRP E 371 20.83 -17.51 -20.04
N TYR E 372 19.82 -16.83 -20.59
CA TYR E 372 18.70 -17.55 -21.17
C TYR E 372 19.13 -18.39 -22.36
N ALA E 373 19.99 -17.84 -23.21
CA ALA E 373 20.44 -18.57 -24.39
C ALA E 373 21.19 -19.83 -23.99
N VAL E 374 22.11 -19.72 -23.05
CA VAL E 374 22.93 -20.87 -22.69
C VAL E 374 22.09 -21.93 -21.99
N ARG E 375 21.24 -21.50 -21.04
CA ARG E 375 20.39 -22.46 -20.34
C ARG E 375 19.45 -23.17 -21.31
N THR E 376 18.90 -22.43 -22.29
CA THR E 376 17.95 -23.03 -23.21
C THR E 376 18.63 -24.00 -24.16
N ALA E 377 19.80 -23.63 -24.69
CA ALA E 377 20.48 -24.50 -25.65
C ALA E 377 20.91 -25.81 -25.01
N VAL E 378 21.29 -25.78 -23.73
CA VAL E 378 21.74 -26.99 -23.06
C VAL E 378 20.59 -27.94 -22.81
N ILE E 379 19.46 -27.41 -22.31
CA ILE E 379 18.35 -28.29 -21.96
C ILE E 379 17.71 -28.88 -23.22
N ASN E 380 17.65 -28.11 -24.30
CA ASN E 380 17.07 -28.61 -25.54
C ASN E 380 17.94 -29.67 -26.19
N ALA E 381 19.27 -29.47 -26.15
CA ALA E 381 20.18 -30.42 -26.78
C ALA E 381 20.41 -31.65 -25.92
N ALA E 382 20.45 -31.48 -24.60
CA ALA E 382 20.73 -32.61 -23.71
C ALA E 382 19.57 -33.60 -23.68
N SER E 383 18.33 -33.11 -23.71
CA SER E 383 17.19 -34.00 -23.73
C SER E 383 17.03 -34.72 -25.06
N GLY E 384 17.73 -34.27 -26.11
CA GLY E 384 17.65 -34.89 -27.42
C GLY E 384 16.53 -34.37 -28.29
N ARG E 385 15.80 -33.34 -27.85
CA ARG E 385 14.74 -32.78 -28.67
C ARG E 385 15.29 -32.05 -29.89
N GLN E 386 16.41 -31.34 -29.73
CA GLN E 386 16.99 -30.57 -30.81
C GLN E 386 18.47 -30.91 -30.94
N THR E 387 19.00 -30.69 -32.15
CA THR E 387 20.43 -30.80 -32.37
C THR E 387 21.15 -29.63 -31.70
N VAL E 388 22.48 -29.76 -31.59
CA VAL E 388 23.29 -28.72 -30.98
C VAL E 388 23.18 -27.41 -31.75
N ASP E 389 23.21 -27.50 -33.09
CA ASP E 389 23.09 -26.29 -33.91
C ASP E 389 21.70 -25.68 -33.78
N GLU E 390 20.66 -26.51 -33.79
CA GLU E 390 19.30 -26.00 -33.61
C GLU E 390 19.11 -25.41 -32.22
N ALA E 391 19.70 -26.05 -31.20
CA ALA E 391 19.53 -25.57 -29.83
C ALA E 391 20.15 -24.19 -29.63
N LEU E 392 21.28 -23.92 -30.29
CA LEU E 392 21.95 -22.64 -30.10
C LEU E 392 21.24 -21.52 -30.85
N LYS E 393 20.84 -21.76 -32.10
CA LYS E 393 20.21 -20.70 -32.88
C LYS E 393 18.81 -20.38 -32.39
N ASP E 394 18.10 -21.38 -31.83
CA ASP E 394 16.77 -21.15 -31.28
C ASP E 394 16.81 -20.46 -29.92
N ALA E 395 17.95 -20.50 -29.23
CA ALA E 395 18.08 -19.80 -27.96
C ALA E 395 18.23 -18.30 -28.17
N GLN E 396 18.70 -17.87 -29.34
CA GLN E 396 18.81 -16.45 -29.65
C GLN E 396 17.46 -15.88 -30.08
N THR E 397 16.71 -16.62 -30.90
CA THR E 397 15.42 -16.17 -31.40
C THR E 397 14.32 -16.50 -30.41
N LYS F 32 20.74 6.31 18.04
CA LYS F 32 21.54 6.77 16.91
C LYS F 32 21.73 8.28 16.96
N ILE F 33 21.61 8.86 18.15
CA ILE F 33 21.85 10.29 18.35
C ILE F 33 23.33 10.48 18.66
N GLU F 34 23.96 11.44 17.96
CA GLU F 34 25.39 11.68 18.12
C GLU F 34 25.69 12.15 19.54
N GLU F 35 26.79 11.65 20.10
CA GLU F 35 27.10 11.84 21.51
C GLU F 35 27.82 13.15 21.82
N GLY F 36 28.67 13.64 20.93
CA GLY F 36 29.44 14.83 21.22
C GLY F 36 28.84 16.16 20.81
N LYS F 37 27.58 16.20 20.39
CA LYS F 37 26.99 17.43 19.89
C LYS F 37 25.52 17.53 20.31
N LEU F 38 24.93 18.69 20.03
CA LEU F 38 23.54 18.99 20.33
C LEU F 38 22.82 19.35 19.04
N VAL F 39 21.70 18.67 18.78
CA VAL F 39 20.80 19.00 17.69
C VAL F 39 19.50 19.54 18.27
N ILE F 40 19.11 20.73 17.80
CA ILE F 40 17.94 21.42 18.33
C ILE F 40 16.95 21.65 17.20
N TRP F 41 15.68 21.39 17.48
CA TRP F 41 14.59 21.63 16.54
C TRP F 41 13.70 22.74 17.07
N ILE F 42 13.41 23.72 16.21
CA ILE F 42 12.52 24.82 16.54
C ILE F 42 11.80 25.23 15.25
N ASN F 43 10.59 25.76 15.41
CA ASN F 43 9.77 26.05 14.24
C ASN F 43 10.36 27.19 13.41
N GLY F 44 10.08 27.13 12.10
CA GLY F 44 10.61 28.11 11.16
C GLY F 44 10.09 29.52 11.37
N ASP F 45 9.03 29.70 12.13
CA ASP F 45 8.51 31.02 12.46
C ASP F 45 9.16 31.63 13.69
N LYS F 46 10.15 30.96 14.27
CA LYS F 46 10.91 31.46 15.41
C LYS F 46 12.26 32.00 14.94
N GLY F 47 12.91 32.74 15.82
CA GLY F 47 14.23 33.28 15.52
C GLY F 47 15.34 32.24 15.63
N TYR F 48 15.36 31.30 14.68
CA TYR F 48 16.31 30.19 14.78
C TYR F 48 17.74 30.63 14.50
N ASN F 49 17.93 31.68 13.70
CA ASN F 49 19.29 32.20 13.52
C ASN F 49 19.79 32.83 14.81
N GLY F 50 18.91 33.50 15.55
CA GLY F 50 19.28 33.98 16.88
C GLY F 50 19.61 32.85 17.85
N LEU F 51 18.83 31.77 17.79
CA LEU F 51 19.15 30.60 18.61
C LEU F 51 20.49 30.01 18.18
N ALA F 52 20.78 30.02 16.88
CA ALA F 52 22.06 29.49 16.40
C ALA F 52 23.24 30.30 16.95
N GLU F 53 23.04 31.61 17.15
CA GLU F 53 24.11 32.41 17.73
CA GLU F 53 24.11 32.42 17.73
C GLU F 53 24.34 32.08 19.20
N VAL F 54 23.28 31.70 19.92
CA VAL F 54 23.46 31.26 21.30
C VAL F 54 24.22 29.94 21.32
N GLY F 55 23.91 29.04 20.38
CA GLY F 55 24.66 27.80 20.27
C GLY F 55 26.11 28.03 19.86
N LYS F 56 26.36 29.04 19.03
CA LYS F 56 27.73 29.39 18.67
C LYS F 56 28.53 29.81 19.90
N LYS F 57 27.93 30.66 20.74
CA LYS F 57 28.60 31.05 21.98
C LYS F 57 28.81 29.83 22.87
N PHE F 58 27.84 28.90 22.88
CA PHE F 58 28.00 27.67 23.65
C PHE F 58 29.14 26.82 23.11
N GLU F 59 29.28 26.77 21.77
CA GLU F 59 30.40 26.02 21.19
C GLU F 59 31.73 26.68 21.52
N LYS F 60 31.76 28.02 21.53
CA LYS F 60 32.99 28.74 21.81
C LYS F 60 33.48 28.50 23.23
N ASP F 61 32.57 28.28 24.18
CA ASP F 61 32.96 28.10 25.57
C ASP F 61 33.23 26.64 25.93
N THR F 62 32.47 25.71 25.35
CA THR F 62 32.53 24.31 25.74
C THR F 62 33.10 23.39 24.65
N GLY F 63 33.28 23.88 23.44
CA GLY F 63 33.68 23.00 22.35
C GLY F 63 32.59 22.10 21.82
N ILE F 64 31.37 22.19 22.36
CA ILE F 64 30.27 21.33 21.95
C ILE F 64 29.55 22.01 20.79
N LYS F 65 29.55 21.37 19.62
CA LYS F 65 28.88 21.94 18.46
C LYS F 65 27.37 21.89 18.64
N VAL F 66 26.70 22.98 18.31
CA VAL F 66 25.25 23.10 18.43
C VAL F 66 24.68 23.32 17.04
N THR F 67 23.73 22.47 16.65
CA THR F 67 23.11 22.53 15.34
C THR F 67 21.62 22.79 15.51
N VAL F 68 21.17 23.96 15.06
CA VAL F 68 19.76 24.34 15.09
C VAL F 68 19.14 24.05 13.74
N GLU F 69 18.03 23.33 13.74
CA GLU F 69 17.31 23.00 12.51
C GLU F 69 15.84 23.34 12.67
N HIS F 70 15.23 23.77 11.57
CA HIS F 70 13.79 24.07 11.53
C HIS F 70 13.14 23.21 10.46
N PRO F 71 13.02 21.90 10.68
CA PRO F 71 12.39 21.04 9.69
C PRO F 71 10.89 21.27 9.62
N ASP F 72 10.33 21.07 8.42
CA ASP F 72 8.91 21.23 8.21
C ASP F 72 8.11 20.27 9.11
N LYS F 73 7.12 20.81 9.82
CA LYS F 73 6.24 20.02 10.68
C LYS F 73 7.03 19.15 11.65
N LEU F 74 7.96 19.78 12.36
CA LEU F 74 8.86 19.05 13.25
C LEU F 74 8.10 18.37 14.39
N GLU F 75 6.99 18.96 14.83
CA GLU F 75 6.24 18.38 15.93
C GLU F 75 5.55 17.08 15.53
N GLU F 76 5.39 16.82 14.23
CA GLU F 76 4.85 15.55 13.78
C GLU F 76 5.94 14.54 13.48
N LYS F 77 7.13 15.01 13.10
CA LYS F 77 8.26 14.12 12.87
C LYS F 77 8.89 13.66 14.18
N PHE F 78 8.86 14.49 15.22
CA PHE F 78 9.51 14.13 16.47
C PHE F 78 9.03 12.81 17.07
N PRO F 79 7.73 12.57 17.27
CA PRO F 79 7.31 11.29 17.87
C PRO F 79 7.67 10.07 17.02
N GLN F 80 7.93 10.25 15.73
CA GLN F 80 8.28 9.11 14.88
C GLN F 80 9.74 8.71 15.07
N VAL F 81 10.64 9.68 15.16
CA VAL F 81 12.05 9.35 15.32
C VAL F 81 12.41 9.11 16.78
N ALA F 82 11.78 9.84 17.70
CA ALA F 82 12.10 9.68 19.12
C ALA F 82 11.67 8.30 19.62
N ALA F 83 10.65 7.70 19.02
CA ALA F 83 10.21 6.37 19.43
C ALA F 83 11.27 5.30 19.15
N THR F 84 12.17 5.54 18.19
CA THR F 84 13.22 4.61 17.84
C THR F 84 14.60 5.13 18.21
N GLY F 85 14.69 5.90 19.30
CA GLY F 85 15.98 6.41 19.74
C GLY F 85 16.62 7.47 18.87
N ASP F 86 15.88 8.01 17.91
CA ASP F 86 16.41 9.03 17.02
C ASP F 86 15.85 10.40 17.40
N GLY F 87 16.13 11.40 16.58
CA GLY F 87 15.60 12.73 16.77
C GLY F 87 16.61 13.71 17.31
N PRO F 88 16.17 14.93 17.58
CA PRO F 88 17.06 15.95 18.15
C PRO F 88 17.23 15.73 19.64
N ASP F 89 18.20 16.45 20.21
CA ASP F 89 18.37 16.47 21.66
C ASP F 89 17.33 17.36 22.32
N ILE F 90 16.99 18.48 21.68
CA ILE F 90 16.05 19.45 22.20
C ILE F 90 15.01 19.76 21.13
N ILE F 91 13.75 19.92 21.56
CA ILE F 91 12.67 20.31 20.67
C ILE F 91 11.89 21.46 21.31
N PHE F 92 11.67 22.52 20.54
CA PHE F 92 10.86 23.65 20.97
C PHE F 92 9.48 23.53 20.32
N TRP F 93 8.43 23.54 21.14
CA TRP F 93 7.06 23.52 20.62
C TRP F 93 6.11 23.93 21.74
N ALA F 94 4.83 24.09 21.37
CA ALA F 94 3.80 24.45 22.34
C ALA F 94 3.70 23.42 23.45
N HIS F 95 3.42 23.90 24.67
CA HIS F 95 3.47 23.03 25.84
C HIS F 95 2.44 21.91 25.75
N ASP F 96 1.26 22.18 25.19
CA ASP F 96 0.20 21.18 25.25
C ASP F 96 0.54 19.94 24.44
N ARG F 97 1.28 20.11 23.33
CA ARG F 97 1.70 18.97 22.54
C ARG F 97 2.67 18.08 23.31
N PHE F 98 3.42 18.65 24.26
CA PHE F 98 4.36 17.85 25.04
C PHE F 98 3.64 16.86 25.95
N GLY F 99 2.34 17.05 26.20
CA GLY F 99 1.60 16.08 26.98
C GLY F 99 1.59 14.70 26.32
N GLY F 100 1.28 14.67 25.02
CA GLY F 100 1.33 13.41 24.30
C GLY F 100 2.73 12.84 24.20
N TYR F 101 3.74 13.69 24.11
CA TYR F 101 5.12 13.20 24.09
C TYR F 101 5.47 12.50 25.40
N ALA F 102 5.18 13.13 26.52
CA ALA F 102 5.48 12.55 27.82
C ALA F 102 4.66 11.29 28.09
N GLN F 103 3.41 11.27 27.62
CA GLN F 103 2.61 10.04 27.71
C GLN F 103 3.33 8.87 27.05
N SER F 104 3.98 9.11 25.91
CA SER F 104 4.73 8.07 25.21
C SER F 104 6.13 7.89 25.75
N GLY F 105 6.53 8.64 26.77
CA GLY F 105 7.86 8.50 27.34
C GLY F 105 8.97 9.02 26.45
N LEU F 106 8.70 10.03 25.64
CA LEU F 106 9.69 10.57 24.72
C LEU F 106 10.48 11.73 25.31
N LEU F 107 10.06 12.27 26.45
CA LEU F 107 10.67 13.43 27.05
C LEU F 107 11.32 13.05 28.38
N ALA F 108 12.58 13.44 28.54
CA ALA F 108 13.27 13.22 29.80
C ALA F 108 12.76 14.19 30.86
N GLU F 109 12.82 13.75 32.11
CA GLU F 109 12.51 14.64 33.22
C GLU F 109 13.64 15.64 33.40
N ILE F 110 13.32 16.92 33.39
CA ILE F 110 14.34 17.95 33.57
C ILE F 110 14.52 18.20 35.06
N THR F 111 15.69 18.73 35.42
CA THR F 111 16.09 18.86 36.82
C THR F 111 16.60 20.26 37.14
N PRO F 112 15.78 21.30 36.97
CA PRO F 112 16.18 22.62 37.45
C PRO F 112 15.97 22.73 38.95
N ASP F 113 16.95 23.30 39.64
CA ASP F 113 16.86 23.46 41.09
C ASP F 113 15.92 24.60 41.44
N LYS F 114 15.72 24.82 42.74
CA LYS F 114 14.78 25.84 43.19
C LYS F 114 15.21 27.23 42.76
N ALA F 115 16.51 27.51 42.83
CA ALA F 115 16.98 28.85 42.48
C ALA F 115 16.71 29.17 41.02
N PHE F 116 16.83 28.18 40.13
CA PHE F 116 16.53 28.44 38.74
C PHE F 116 15.03 28.62 38.52
N GLN F 117 14.22 27.81 39.20
CA GLN F 117 12.77 27.89 39.03
C GLN F 117 12.22 29.23 39.50
N ASP F 118 12.88 29.88 40.47
CA ASP F 118 12.40 31.17 40.95
C ASP F 118 12.64 32.29 39.96
N LYS F 119 13.51 32.08 38.97
CA LYS F 119 13.78 33.09 37.96
C LYS F 119 12.72 33.15 36.88
N LEU F 120 11.78 32.20 36.85
CA LEU F 120 10.66 32.21 35.93
C LEU F 120 9.36 32.39 36.72
N TYR F 121 8.35 32.93 36.04
CA TYR F 121 7.08 33.14 36.70
C TYR F 121 6.49 31.78 37.14
N PRO F 122 5.95 31.70 38.36
CA PRO F 122 5.55 30.39 38.90
C PRO F 122 4.48 29.69 38.08
N PHE F 123 3.59 30.42 37.42
CA PHE F 123 2.53 29.76 36.68
C PHE F 123 3.03 29.12 35.40
N THR F 124 4.19 29.55 34.88
CA THR F 124 4.71 28.96 33.66
C THR F 124 5.19 27.53 33.88
N TRP F 125 5.61 27.19 35.10
CA TRP F 125 6.01 25.83 35.39
C TRP F 125 4.84 24.87 35.40
N ASP F 126 3.61 25.36 35.61
CA ASP F 126 2.43 24.52 35.53
C ASP F 126 2.17 24.02 34.10
N ALA F 127 2.67 24.74 33.09
CA ALA F 127 2.44 24.34 31.72
C ALA F 127 3.37 23.24 31.25
N VAL F 128 4.43 22.93 31.99
CA VAL F 128 5.44 21.98 31.55
C VAL F 128 5.52 20.81 32.53
N ARG F 129 4.42 20.54 33.22
CA ARG F 129 4.34 19.44 34.18
C ARG F 129 3.42 18.37 33.64
N TYR F 130 3.88 17.12 33.66
CA TYR F 130 3.09 15.98 33.22
C TYR F 130 3.23 14.85 34.23
N ASN F 131 2.12 14.49 34.86
CA ASN F 131 2.09 13.44 35.88
C ASN F 131 3.05 13.77 37.02
N GLY F 132 3.03 15.02 37.47
CA GLY F 132 3.85 15.42 38.59
C GLY F 132 5.33 15.55 38.31
N LYS F 133 5.72 15.63 37.04
CA LYS F 133 7.12 15.73 36.66
C LYS F 133 7.32 16.84 35.66
N LEU F 134 8.36 17.64 35.87
CA LEU F 134 8.77 18.66 34.91
C LEU F 134 9.37 18.00 33.67
N ILE F 135 8.89 18.38 32.50
CA ILE F 135 9.31 17.72 31.28
C ILE F 135 9.76 18.71 30.21
N ALA F 136 9.84 19.99 30.56
CA ALA F 136 10.25 21.00 29.58
C ALA F 136 10.52 22.32 30.29
N TYR F 137 11.28 23.19 29.60
CA TYR F 137 11.61 24.53 30.07
C TYR F 137 10.73 25.56 29.38
N PRO F 138 10.05 26.42 30.14
CA PRO F 138 9.26 27.50 29.51
C PRO F 138 10.15 28.54 28.83
N ILE F 139 9.74 28.96 27.63
CA ILE F 139 10.50 29.95 26.87
C ILE F 139 9.66 31.22 26.68
N ALA F 140 8.50 31.10 26.05
CA ALA F 140 7.66 32.24 25.72
C ALA F 140 6.23 31.99 26.17
N VAL F 141 5.47 33.08 26.32
CA VAL F 141 4.12 33.04 26.88
C VAL F 141 3.18 33.81 25.96
N GLU F 142 2.07 33.16 25.58
CA GLU F 142 1.08 33.76 24.69
C GLU F 142 -0.30 33.69 25.30
N ALA F 143 -1.11 34.72 25.02
CA ALA F 143 -2.48 34.82 25.51
C ALA F 143 -3.21 35.89 24.71
N LEU F 144 -4.53 35.75 24.64
CA LEU F 144 -5.34 36.77 23.97
C LEU F 144 -5.28 38.09 24.73
N SER F 145 -5.38 39.18 23.98
CA SER F 145 -5.47 40.52 24.55
C SER F 145 -6.56 41.31 23.83
N LEU F 146 -6.92 42.44 24.43
CA LEU F 146 -7.88 43.37 23.84
C LEU F 146 -7.13 44.32 22.93
N ILE F 147 -7.40 44.24 21.63
CA ILE F 147 -6.77 45.08 20.63
C ILE F 147 -7.78 46.14 20.20
N TYR F 148 -7.36 47.41 20.19
CA TYR F 148 -8.27 48.51 19.94
C TYR F 148 -7.62 49.52 19.00
N ASN F 149 -8.46 50.26 18.28
CA ASN F 149 -8.04 51.31 17.37
C ASN F 149 -7.90 52.61 18.15
N LYS F 150 -6.66 53.12 18.24
CA LYS F 150 -6.42 54.33 19.02
C LYS F 150 -7.15 55.54 18.45
N ASP F 151 -7.38 55.56 17.14
CA ASP F 151 -8.09 56.69 16.53
C ASP F 151 -9.59 56.61 16.79
N LEU F 152 -10.19 55.44 16.55
CA LEU F 152 -11.62 55.29 16.77
C LEU F 152 -11.97 55.22 18.25
N LEU F 153 -11.02 54.91 19.11
CA LEU F 153 -11.32 54.67 20.52
C LEU F 153 -10.08 54.92 21.36
N PRO F 154 -9.78 56.19 21.70
CA PRO F 154 -8.58 56.47 22.50
C PRO F 154 -8.57 55.77 23.85
N ASN F 155 -9.73 55.62 24.49
CA ASN F 155 -9.82 54.97 25.79
C ASN F 155 -10.65 53.70 25.65
N PRO F 156 -10.03 52.52 25.63
CA PRO F 156 -10.80 51.30 25.47
C PRO F 156 -11.60 51.01 26.73
N PRO F 157 -12.73 50.32 26.60
CA PRO F 157 -13.55 50.03 27.79
C PRO F 157 -12.84 49.07 28.73
N LYS F 158 -13.12 49.25 30.02
CA LYS F 158 -12.55 48.39 31.05
C LYS F 158 -13.45 47.20 31.38
N THR F 159 -14.71 47.22 30.96
CA THR F 159 -15.66 46.17 31.28
C THR F 159 -16.38 45.70 30.02
N TRP F 160 -16.81 44.44 30.03
CA TRP F 160 -17.64 43.93 28.94
C TRP F 160 -18.98 44.66 28.91
N GLU F 161 -19.49 45.07 30.07
CA GLU F 161 -20.81 45.70 30.12
C GLU F 161 -20.85 47.05 29.42
N GLU F 162 -19.70 47.71 29.23
CA GLU F 162 -19.67 48.99 28.52
C GLU F 162 -19.93 48.85 27.03
N ILE F 163 -19.66 47.67 26.46
CA ILE F 163 -19.59 47.49 25.02
C ILE F 163 -20.94 47.71 24.33
N PRO F 164 -22.09 47.24 24.87
CA PRO F 164 -23.35 47.53 24.18
C PRO F 164 -23.62 49.01 23.95
N ALA F 165 -23.39 49.86 24.97
CA ALA F 165 -23.57 51.29 24.78
C ALA F 165 -22.54 51.85 23.80
N LEU F 166 -21.32 51.30 23.83
CA LEU F 166 -20.28 51.75 22.91
C LEU F 166 -20.61 51.39 21.47
N ASP F 167 -21.23 50.22 21.26
CA ASP F 167 -21.58 49.81 19.90
C ASP F 167 -22.65 50.71 19.30
N LYS F 168 -23.57 51.19 20.12
CA LYS F 168 -24.64 52.06 19.61
C LYS F 168 -24.07 53.38 19.11
N GLU F 169 -23.15 54.00 19.86
CA GLU F 169 -22.59 55.27 19.42
C GLU F 169 -21.63 55.10 18.25
N LEU F 170 -20.98 53.94 18.13
CA LEU F 170 -20.05 53.73 17.03
C LEU F 170 -20.77 53.37 15.73
N LYS F 171 -21.87 52.62 15.81
CA LYS F 171 -22.63 52.31 14.61
C LYS F 171 -23.28 53.54 13.99
N ALA F 172 -23.50 54.59 14.78
CA ALA F 172 -23.94 55.86 14.22
C ALA F 172 -22.85 56.56 13.43
N LYS F 173 -21.60 56.11 13.57
CA LYS F 173 -20.48 56.63 12.80
C LYS F 173 -20.10 55.69 11.67
N GLY F 174 -20.94 54.71 11.35
CA GLY F 174 -20.64 53.71 10.34
C GLY F 174 -19.65 52.65 10.76
N LYS F 175 -19.18 52.66 12.00
CA LYS F 175 -18.22 51.70 12.52
C LYS F 175 -18.94 50.70 13.44
N SER F 176 -18.17 49.86 14.11
CA SER F 176 -18.70 48.92 15.09
C SER F 176 -17.73 48.86 16.27
N ALA F 177 -18.22 48.29 17.38
CA ALA F 177 -17.42 48.31 18.61
C ALA F 177 -16.40 47.17 18.64
N LEU F 178 -16.85 45.92 18.48
CA LEU F 178 -16.01 44.76 18.69
C LEU F 178 -16.33 43.68 17.68
N MET F 179 -15.30 43.07 17.10
CA MET F 179 -15.45 41.93 16.21
C MET F 179 -14.32 40.95 16.47
N PHE F 180 -14.67 39.74 16.89
CA PHE F 180 -13.67 38.68 17.09
C PHE F 180 -14.29 37.34 16.74
N ASN F 181 -13.41 36.35 16.55
CA ASN F 181 -13.81 35.02 16.10
C ASN F 181 -14.77 34.34 17.06
N LEU F 182 -16.07 34.36 16.74
CA LEU F 182 -17.08 33.71 17.58
C LEU F 182 -17.22 32.23 17.29
N GLN F 183 -16.61 31.72 16.22
CA GLN F 183 -16.84 30.34 15.80
C GLN F 183 -16.02 29.32 16.59
N GLU F 184 -14.95 29.75 17.27
CA GLU F 184 -14.09 28.76 17.90
C GLU F 184 -13.98 28.98 19.40
N PRO F 185 -14.05 27.91 20.19
CA PRO F 185 -14.10 28.07 21.66
C PRO F 185 -12.85 28.69 22.27
N TYR F 186 -11.71 28.64 21.58
CA TYR F 186 -10.51 29.30 22.10
C TYR F 186 -10.74 30.80 22.27
N PHE F 187 -11.54 31.41 21.39
CA PHE F 187 -11.76 32.85 21.41
C PHE F 187 -12.94 33.28 22.27
N THR F 188 -13.90 32.39 22.50
CA THR F 188 -15.08 32.71 23.29
C THR F 188 -14.93 32.34 24.77
N TRP F 189 -14.05 31.40 25.09
CA TRP F 189 -13.89 30.99 26.47
C TRP F 189 -13.49 32.12 27.42
N PRO F 190 -12.62 33.09 27.05
CA PRO F 190 -12.24 34.13 28.03
C PRO F 190 -13.42 34.82 28.70
N LEU F 191 -14.48 35.14 27.95
CA LEU F 191 -15.65 35.75 28.57
C LEU F 191 -16.44 34.73 29.37
N ILE F 192 -16.57 33.52 28.85
CA ILE F 192 -17.37 32.49 29.52
C ILE F 192 -16.74 32.10 30.86
N ALA F 193 -15.42 32.00 30.91
CA ALA F 193 -14.75 31.58 32.14
C ALA F 193 -14.63 32.70 33.17
N ALA F 194 -14.90 33.95 32.79
CA ALA F 194 -14.57 35.09 33.65
C ALA F 194 -15.23 34.99 35.02
N ASP F 195 -16.50 34.58 35.06
CA ASP F 195 -17.28 34.60 36.28
C ASP F 195 -17.27 33.26 37.00
N GLY F 196 -16.50 32.27 36.52
CA GLY F 196 -16.35 31.04 37.25
C GLY F 196 -16.14 29.79 36.42
N GLY F 197 -16.24 29.89 35.10
CA GLY F 197 -16.01 28.73 34.26
C GLY F 197 -14.56 28.29 34.30
N TYR F 198 -14.36 26.99 34.15
CA TYR F 198 -13.02 26.43 34.06
C TYR F 198 -13.09 25.11 33.31
N ALA F 199 -11.96 24.70 32.73
CA ALA F 199 -11.93 23.46 31.96
C ALA F 199 -11.84 22.25 32.89
N PHE F 200 -10.67 22.05 33.50
CA PHE F 200 -10.46 20.97 34.45
C PHE F 200 -9.78 21.53 35.69
N LYS F 201 -10.31 21.19 36.86
CA LYS F 201 -9.72 21.66 38.11
C LYS F 201 -8.28 21.17 38.23
N TYR F 202 -7.35 22.12 38.34
CA TYR F 202 -5.92 21.80 38.39
C TYR F 202 -5.46 21.88 39.83
N GLU F 203 -5.20 20.72 40.43
CA GLU F 203 -4.76 20.67 41.81
C GLU F 203 -3.44 19.88 41.91
N ASN F 204 -2.44 20.51 42.51
CA ASN F 204 -1.16 19.88 42.82
C ASN F 204 -0.53 19.22 41.59
N GLY F 205 -0.40 19.99 40.52
CA GLY F 205 0.20 19.46 39.32
C GLY F 205 -0.62 18.41 38.60
N LYS F 206 -1.85 18.16 39.01
CA LYS F 206 -2.69 17.13 38.41
C LYS F 206 -4.05 17.71 38.02
N TYR F 207 -4.49 17.41 36.81
CA TYR F 207 -5.84 17.76 36.36
C TYR F 207 -6.82 16.68 36.80
N ASP F 208 -8.00 17.12 37.22
CA ASP F 208 -9.10 16.21 37.58
C ASP F 208 -10.08 16.15 36.42
N ILE F 209 -10.08 15.03 35.71
CA ILE F 209 -10.98 14.86 34.57
C ILE F 209 -12.43 14.75 34.98
N LYS F 210 -12.68 14.58 36.28
CA LYS F 210 -14.04 14.48 36.79
C LYS F 210 -14.63 15.83 37.18
N ASP F 211 -13.79 16.84 37.39
CA ASP F 211 -14.22 18.16 37.83
C ASP F 211 -14.14 19.12 36.64
N VAL F 212 -15.23 19.20 35.88
CA VAL F 212 -15.34 20.11 34.73
C VAL F 212 -16.21 21.28 35.14
N GLY F 213 -15.82 22.49 34.69
CA GLY F 213 -16.53 23.69 35.09
C GLY F 213 -17.20 24.41 33.95
N VAL F 214 -17.83 23.65 33.06
CA VAL F 214 -18.59 24.25 31.96
C VAL F 214 -20.06 24.48 32.35
N ASP F 215 -20.58 23.69 33.28
CA ASP F 215 -21.97 23.81 33.69
C ASP F 215 -22.10 24.37 35.10
N ASN F 216 -21.65 25.61 35.31
CA ASN F 216 -21.87 26.29 36.58
C ASN F 216 -22.44 27.68 36.32
N ALA F 217 -22.82 28.35 37.40
CA ALA F 217 -23.45 29.66 37.27
C ALA F 217 -22.52 30.68 36.64
N GLY F 218 -21.21 30.54 36.86
CA GLY F 218 -20.27 31.48 36.25
C GLY F 218 -20.24 31.36 34.74
N ALA F 219 -20.17 30.14 34.22
CA ALA F 219 -20.17 29.93 32.79
C ALA F 219 -21.52 30.31 32.17
N LYS F 220 -22.61 30.08 32.91
CA LYS F 220 -23.93 30.43 32.39
C LYS F 220 -24.07 31.93 32.23
N ALA F 221 -23.59 32.70 33.22
CA ALA F 221 -23.69 34.16 33.12
C ALA F 221 -22.82 34.70 32.00
N GLY F 222 -21.64 34.11 31.79
CA GLY F 222 -20.77 34.57 30.73
C GLY F 222 -21.33 34.28 29.36
N LEU F 223 -21.81 33.06 29.14
CA LEU F 223 -22.39 32.70 27.85
C LEU F 223 -23.63 33.53 27.55
N THR F 224 -24.43 33.83 28.57
CA THR F 224 -25.62 34.66 28.37
C THR F 224 -25.26 36.03 27.84
N PHE F 225 -24.23 36.66 28.41
CA PHE F 225 -23.82 37.98 27.94
C PHE F 225 -23.30 37.92 26.50
N LEU F 226 -22.59 36.84 26.15
CA LEU F 226 -22.13 36.67 24.79
C LEU F 226 -23.30 36.54 23.82
N VAL F 227 -24.27 35.69 24.17
CA VAL F 227 -25.44 35.50 23.31
C VAL F 227 -26.27 36.78 23.24
N ASP F 228 -26.40 37.49 24.35
CA ASP F 228 -27.16 38.73 24.36
C ASP F 228 -26.52 39.78 23.46
N LEU F 229 -25.19 39.82 23.41
CA LEU F 229 -24.51 40.73 22.49
C LEU F 229 -24.87 40.43 21.04
N ILE F 230 -25.03 39.15 20.71
CA ILE F 230 -25.38 38.77 19.35
C ILE F 230 -26.84 39.07 19.06
N LYS F 231 -27.73 38.72 19.99
CA LYS F 231 -29.16 38.95 19.78
C LYS F 231 -29.49 40.43 19.66
N ASN F 232 -28.77 41.28 20.37
CA ASN F 232 -28.98 42.73 20.30
C ASN F 232 -28.25 43.38 19.14
N LYS F 233 -27.74 42.58 18.19
CA LYS F 233 -27.08 43.09 16.98
C LYS F 233 -25.84 43.91 17.31
N HIS F 234 -25.14 43.55 18.38
CA HIS F 234 -23.84 44.14 18.66
C HIS F 234 -22.70 43.30 18.08
N MET F 235 -22.97 42.03 17.80
CA MET F 235 -22.00 41.16 17.13
C MET F 235 -22.77 40.20 16.22
N ASN F 236 -22.14 39.82 15.12
CA ASN F 236 -22.74 38.89 14.17
C ASN F 236 -22.32 37.48 14.52
N ALA F 237 -23.30 36.57 14.62
CA ALA F 237 -23.01 35.19 15.01
C ALA F 237 -22.19 34.44 13.96
N ASP F 238 -22.02 34.99 12.76
CA ASP F 238 -21.25 34.34 11.71
C ASP F 238 -19.81 34.84 11.63
N THR F 239 -19.43 35.78 12.49
CA THR F 239 -18.08 36.33 12.46
C THR F 239 -17.05 35.27 12.82
N ASP F 240 -16.05 35.11 11.97
CA ASP F 240 -14.97 34.18 12.23
C ASP F 240 -13.64 34.95 12.35
N TYR F 241 -12.54 34.21 12.33
CA TYR F 241 -11.22 34.81 12.50
C TYR F 241 -10.91 35.79 11.38
N SER F 242 -11.19 35.40 10.14
CA SER F 242 -10.77 36.21 9.00
C SER F 242 -11.64 37.46 8.85
N ILE F 243 -12.94 37.32 9.08
CA ILE F 243 -13.83 38.49 8.97
C ILE F 243 -13.43 39.53 9.99
N ALA F 244 -13.18 39.12 11.24
CA ALA F 244 -12.82 40.06 12.28
C ALA F 244 -11.48 40.74 12.01
N GLU F 245 -10.51 39.98 11.49
CA GLU F 245 -9.20 40.57 11.23
C GLU F 245 -9.26 41.57 10.08
N ALA F 246 -10.04 41.27 9.04
CA ALA F 246 -10.18 42.20 7.92
C ALA F 246 -10.88 43.48 8.36
N ALA F 247 -11.91 43.35 9.20
CA ALA F 247 -12.65 44.53 9.64
C ALA F 247 -11.77 45.45 10.48
N PHE F 248 -11.00 44.89 11.40
CA PHE F 248 -10.16 45.72 12.26
C PHE F 248 -9.02 46.35 11.47
N ASN F 249 -8.41 45.59 10.55
CA ASN F 249 -7.29 46.10 9.79
C ASN F 249 -7.71 47.10 8.72
N LYS F 250 -8.99 47.12 8.35
CA LYS F 250 -9.52 48.11 7.42
C LYS F 250 -10.19 49.28 8.15
N GLY F 251 -10.10 49.32 9.48
CA GLY F 251 -10.66 50.42 10.24
C GLY F 251 -12.15 50.42 10.39
N GLU F 252 -12.83 49.32 10.06
CA GLU F 252 -14.28 49.26 10.13
C GLU F 252 -14.79 48.98 11.54
N THR F 253 -13.95 48.45 12.42
CA THR F 253 -14.34 48.18 13.80
C THR F 253 -13.26 48.67 14.75
N ALA F 254 -13.68 49.07 15.95
CA ALA F 254 -12.78 49.71 16.89
C ALA F 254 -12.00 48.73 17.75
N MET F 255 -12.48 47.51 17.94
CA MET F 255 -11.83 46.55 18.83
C MET F 255 -11.89 45.14 18.23
N THR F 256 -10.92 44.33 18.63
CA THR F 256 -10.90 42.91 18.32
C THR F 256 -10.18 42.19 19.46
N ILE F 257 -10.23 40.86 19.42
CA ILE F 257 -9.56 40.02 20.41
C ILE F 257 -8.69 39.02 19.68
N ASN F 258 -7.38 39.10 19.90
CA ASN F 258 -6.42 38.23 19.22
C ASN F 258 -5.11 38.24 20.01
N GLY F 259 -4.15 37.44 19.54
CA GLY F 259 -2.89 37.29 20.21
C GLY F 259 -1.73 37.95 19.50
N PRO F 260 -0.52 37.81 20.06
CA PRO F 260 0.65 38.49 19.47
C PRO F 260 0.97 38.03 18.06
N TRP F 261 0.51 36.85 17.65
CA TRP F 261 0.71 36.38 16.28
C TRP F 261 0.03 37.28 15.25
N ALA F 262 -0.96 38.06 15.67
CA ALA F 262 -1.74 38.88 14.76
C ALA F 262 -1.24 40.31 14.67
N TRP F 263 -0.21 40.68 15.44
CA TRP F 263 0.25 42.07 15.45
C TRP F 263 0.88 42.48 14.12
N SER F 264 1.58 41.54 13.47
CA SER F 264 2.33 41.90 12.26
C SER F 264 1.39 42.28 11.11
N ASN F 265 0.23 41.64 11.01
CA ASN F 265 -0.71 42.01 9.96
C ASN F 265 -1.29 43.40 10.19
N ILE F 266 -1.44 43.81 11.45
CA ILE F 266 -1.95 45.14 11.74
C ILE F 266 -0.88 46.18 11.46
N ASP F 267 0.40 45.83 11.69
CA ASP F 267 1.49 46.75 11.39
C ASP F 267 1.50 47.14 9.91
N THR F 268 1.20 46.17 9.03
CA THR F 268 1.11 46.46 7.60
C THR F 268 -0.09 47.33 7.28
N SER F 269 -1.20 47.13 8.00
CA SER F 269 -2.41 47.90 7.76
C SER F 269 -2.24 49.37 8.11
N LYS F 270 -1.19 49.74 8.83
CA LYS F 270 -0.90 51.12 9.23
C LYS F 270 -1.99 51.70 10.12
N VAL F 271 -2.78 50.85 10.77
CA VAL F 271 -3.78 51.30 11.73
C VAL F 271 -3.10 51.61 13.06
N ASN F 272 -3.39 52.77 13.62
CA ASN F 272 -2.84 53.17 14.91
C ASN F 272 -3.57 52.39 15.99
N TYR F 273 -3.01 51.24 16.37
CA TYR F 273 -3.68 50.30 17.26
C TYR F 273 -2.96 50.22 18.59
N GLY F 274 -3.67 49.67 19.58
CA GLY F 274 -3.10 49.40 20.88
C GLY F 274 -3.50 48.03 21.37
N VAL F 275 -2.80 47.57 22.41
CA VAL F 275 -3.03 46.27 23.02
C VAL F 275 -3.13 46.46 24.53
N THR F 276 -4.22 46.00 25.12
CA THR F 276 -4.47 46.25 26.53
C THR F 276 -5.13 45.03 27.17
N VAL F 277 -5.39 45.16 28.48
CA VAL F 277 -6.01 44.07 29.23
C VAL F 277 -7.42 43.81 28.70
N LEU F 278 -7.83 42.54 28.74
CA LEU F 278 -9.17 42.19 28.33
C LEU F 278 -10.20 42.80 29.28
N PRO F 279 -11.39 43.10 28.79
CA PRO F 279 -12.43 43.67 29.67
C PRO F 279 -12.85 42.67 30.73
N THR F 280 -13.33 43.21 31.85
CA THR F 280 -13.83 42.39 32.93
C THR F 280 -15.32 42.10 32.73
N PHE F 281 -15.79 41.01 33.34
CA PHE F 281 -17.20 40.65 33.34
C PHE F 281 -17.63 40.39 34.77
N LYS F 282 -18.67 41.08 35.21
CA LYS F 282 -19.14 41.02 36.59
C LYS F 282 -17.99 41.30 37.57
N GLY F 283 -17.14 42.26 37.21
CA GLY F 283 -16.01 42.64 38.03
C GLY F 283 -14.86 41.66 38.07
N GLN F 284 -14.95 40.54 37.36
CA GLN F 284 -13.90 39.54 37.32
C GLN F 284 -13.17 39.58 35.99
N PRO F 285 -11.86 39.32 35.97
CA PRO F 285 -11.10 39.41 34.72
C PRO F 285 -11.49 38.30 33.75
N SER F 286 -11.40 38.61 32.46
CA SER F 286 -11.47 37.58 31.44
C SER F 286 -10.28 36.64 31.59
N LYS F 287 -10.50 35.35 31.34
CA LYS F 287 -9.52 34.30 31.60
C LYS F 287 -9.22 33.57 30.29
N PRO F 288 -8.32 34.10 29.48
CA PRO F 288 -7.93 33.41 28.25
C PRO F 288 -6.96 32.28 28.54
N PHE F 289 -6.95 31.29 27.64
CA PHE F 289 -5.99 30.22 27.77
C PHE F 289 -4.58 30.73 27.51
N VAL F 290 -3.60 30.09 28.13
CA VAL F 290 -2.20 30.49 28.04
C VAL F 290 -1.45 29.38 27.32
N GLY F 291 -0.72 29.75 26.27
CA GLY F 291 0.18 28.84 25.56
C GLY F 291 1.62 29.20 25.86
N VAL F 292 2.41 28.17 26.17
CA VAL F 292 3.79 28.35 26.60
C VAL F 292 4.71 27.63 25.63
N LEU F 293 5.51 28.39 24.88
CA LEU F 293 6.57 27.79 24.09
C LEU F 293 7.57 27.14 25.02
N SER F 294 7.81 25.85 24.83
CA SER F 294 8.60 25.08 25.78
C SER F 294 9.68 24.29 25.05
N ALA F 295 10.78 24.03 25.75
CA ALA F 295 11.91 23.30 25.20
C ALA F 295 12.08 22.01 26.00
N GLY F 296 11.81 20.87 25.36
CA GLY F 296 11.94 19.58 26.00
C GLY F 296 13.24 18.89 25.60
N ILE F 297 13.63 17.91 26.42
CA ILE F 297 14.83 17.12 26.17
C ILE F 297 14.41 15.72 25.77
N ASN F 298 14.93 15.26 24.63
CA ASN F 298 14.62 13.91 24.16
C ASN F 298 15.05 12.88 25.19
N ALA F 299 14.14 11.96 25.52
CA ALA F 299 14.48 10.93 26.50
C ALA F 299 15.56 10.00 25.98
N ALA F 300 15.67 9.85 24.66
CA ALA F 300 16.70 9.01 24.08
C ALA F 300 18.03 9.74 23.92
N SER F 301 18.11 11.00 24.35
CA SER F 301 19.33 11.79 24.13
C SER F 301 20.45 11.34 25.06
N PRO F 302 21.65 11.13 24.56
CA PRO F 302 22.83 10.92 25.42
C PRO F 302 23.51 12.20 25.88
N ASN F 303 22.91 13.37 25.63
CA ASN F 303 23.52 14.65 25.98
C ASN F 303 22.60 15.45 26.90
N LYS F 304 21.91 14.77 27.82
CA LYS F 304 20.92 15.44 28.65
C LYS F 304 21.55 16.51 29.54
N GLU F 305 22.72 16.24 30.09
CA GLU F 305 23.40 17.24 30.92
C GLU F 305 23.90 18.39 30.07
N LEU F 306 24.36 18.10 28.85
CA LEU F 306 24.74 19.18 27.94
C LEU F 306 23.54 20.04 27.57
N ALA F 307 22.40 19.41 27.27
CA ALA F 307 21.20 20.16 26.92
C ALA F 307 20.76 21.03 28.08
N LYS F 308 20.84 20.51 29.31
CA LYS F 308 20.47 21.29 30.49
C LYS F 308 21.36 22.51 30.66
N GLU F 309 22.68 22.34 30.43
CA GLU F 309 23.60 23.47 30.58
C GLU F 309 23.32 24.54 29.53
N PHE F 310 23.02 24.13 28.30
CA PHE F 310 22.73 25.10 27.25
C PHE F 310 21.43 25.84 27.56
N LEU F 311 20.39 25.12 27.97
CA LEU F 311 19.09 25.74 28.21
C LEU F 311 19.10 26.63 29.45
N GLU F 312 19.74 26.16 30.53
CA GLU F 312 19.68 26.92 31.77
C GLU F 312 20.68 28.06 31.80
N ASN F 313 21.88 27.85 31.27
CA ASN F 313 22.97 28.82 31.44
C ASN F 313 23.27 29.65 30.21
N TYR F 314 22.64 29.37 29.06
CA TYR F 314 22.91 30.16 27.87
C TYR F 314 21.62 30.73 27.27
N LEU F 315 20.62 29.87 27.07
CA LEU F 315 19.39 30.33 26.43
C LEU F 315 18.54 31.15 27.39
N LEU F 316 18.20 30.59 28.55
CA LEU F 316 17.33 31.25 29.52
C LEU F 316 18.11 32.28 30.35
N THR F 317 18.72 33.23 29.62
CA THR F 317 19.38 34.39 30.19
C THR F 317 18.91 35.62 29.42
N ASP F 318 19.23 36.80 29.94
CA ASP F 318 18.91 38.03 29.21
C ASP F 318 19.60 38.07 27.85
N GLU F 319 20.85 37.61 27.78
CA GLU F 319 21.58 37.65 26.52
C GLU F 319 21.07 36.60 25.54
N GLY F 320 20.73 35.40 26.04
CA GLY F 320 20.29 34.35 25.14
C GLY F 320 18.94 34.64 24.51
N LEU F 321 17.96 35.03 25.32
CA LEU F 321 16.63 35.31 24.78
C LEU F 321 16.63 36.55 23.91
N GLU F 322 17.49 37.53 24.22
CA GLU F 322 17.55 38.73 23.41
C GLU F 322 18.13 38.42 22.03
N ALA F 323 19.09 37.51 21.96
CA ALA F 323 19.62 37.09 20.66
C ALA F 323 18.54 36.45 19.80
N VAL F 324 17.71 35.61 20.41
CA VAL F 324 16.58 35.03 19.67
C VAL F 324 15.56 36.10 19.34
N ASN F 325 15.30 37.01 20.30
CA ASN F 325 14.30 38.05 20.10
C ASN F 325 14.70 38.98 18.96
N LYS F 326 16.00 39.28 18.83
CA LYS F 326 16.48 40.12 17.74
C LYS F 326 16.12 39.53 16.39
N ASP F 327 16.22 38.20 16.26
CA ASP F 327 15.97 37.55 14.98
C ASP F 327 14.49 37.59 14.63
N LYS F 328 13.64 37.03 15.50
CA LYS F 328 12.20 37.13 15.37
C LYS F 328 11.68 37.31 16.79
N PRO F 329 10.85 38.32 17.04
CA PRO F 329 10.42 38.59 18.41
C PRO F 329 9.66 37.41 19.02
N LEU F 330 9.95 37.15 20.29
CA LEU F 330 9.32 36.07 21.03
C LEU F 330 8.01 36.47 21.69
N GLY F 331 7.68 37.76 21.73
CA GLY F 331 6.55 38.21 22.51
C GLY F 331 6.90 38.31 23.98
N ALA F 332 5.99 37.87 24.85
CA ALA F 332 6.29 37.77 26.27
C ALA F 332 7.08 36.50 26.55
N VAL F 333 7.97 36.58 27.55
CA VAL F 333 8.84 35.47 27.91
C VAL F 333 8.59 35.09 29.37
N ALA F 334 9.00 33.88 29.72
CA ALA F 334 8.83 33.38 31.08
C ALA F 334 9.93 33.88 32.02
N LEU F 335 11.10 34.19 31.49
CA LEU F 335 12.20 34.66 32.32
C LEU F 335 11.89 36.07 32.84
N LYS F 336 11.84 36.21 34.17
CA LYS F 336 11.39 37.45 34.80
C LYS F 336 12.25 38.64 34.38
N SER F 337 13.58 38.49 34.46
CA SER F 337 14.46 39.62 34.23
C SER F 337 14.33 40.18 32.82
N TYR F 338 14.19 39.29 31.82
CA TYR F 338 14.07 39.77 30.45
C TYR F 338 12.65 40.23 30.12
N GLU F 339 11.64 39.64 30.78
CA GLU F 339 10.27 40.10 30.57
C GLU F 339 10.09 41.54 31.01
N GLU F 340 10.69 41.90 32.15
CA GLU F 340 10.61 43.28 32.63
C GLU F 340 11.18 44.26 31.62
N GLU F 341 12.24 43.85 30.91
CA GLU F 341 12.80 44.71 29.86
C GLU F 341 11.85 44.81 28.68
N LEU F 342 11.34 43.66 28.21
CA LEU F 342 10.40 43.66 27.09
C LEU F 342 9.10 44.37 27.43
N ALA F 343 8.67 44.31 28.70
CA ALA F 343 7.39 44.87 29.11
C ALA F 343 7.34 46.39 28.98
N LYS F 344 8.46 47.05 28.65
CA LYS F 344 8.40 48.47 28.32
C LYS F 344 7.53 48.69 27.09
N ASP F 345 7.41 47.69 26.23
CA ASP F 345 6.37 47.66 25.22
C ASP F 345 5.05 47.33 25.90
N PRO F 346 4.09 48.26 25.94
CA PRO F 346 2.83 47.98 26.63
C PRO F 346 2.05 46.83 26.03
N ARG F 347 2.30 46.49 24.76
CA ARG F 347 1.66 45.33 24.18
C ARG F 347 2.16 44.05 24.84
N ILE F 348 3.47 43.99 25.13
CA ILE F 348 4.02 42.83 25.81
C ILE F 348 3.48 42.75 27.24
N ALA F 349 3.41 43.90 27.92
CA ALA F 349 2.87 43.93 29.27
C ALA F 349 1.42 43.46 29.30
N ALA F 350 0.64 43.87 28.29
CA ALA F 350 -0.75 43.42 28.21
C ALA F 350 -0.82 41.91 27.98
N THR F 351 0.04 41.39 27.10
CA THR F 351 0.05 39.95 26.84
C THR F 351 0.32 39.17 28.12
N MET F 352 1.36 39.56 28.87
CA MET F 352 1.68 38.87 30.12
C MET F 352 0.60 39.08 31.19
N GLU F 353 0.01 40.27 31.22
CA GLU F 353 -1.04 40.54 32.22
C GLU F 353 -2.24 39.64 32.00
N ASN F 354 -2.71 39.55 30.75
CA ASN F 354 -3.82 38.65 30.45
C ASN F 354 -3.44 37.20 30.72
N ALA F 355 -2.18 36.83 30.49
CA ALA F 355 -1.75 35.46 30.74
C ALA F 355 -1.84 35.10 32.22
N GLN F 356 -1.38 35.99 33.10
CA GLN F 356 -1.44 35.68 34.53
C GLN F 356 -2.87 35.65 35.04
N LYS F 357 -3.77 36.41 34.41
CA LYS F 357 -5.17 36.39 34.79
C LYS F 357 -5.93 35.23 34.15
N GLY F 358 -5.33 34.52 33.21
CA GLY F 358 -5.95 33.39 32.55
C GLY F 358 -5.57 32.07 33.18
N GLU F 359 -5.67 31.02 32.39
CA GLU F 359 -5.35 29.67 32.84
C GLU F 359 -4.51 28.97 31.78
N ILE F 360 -3.55 28.17 32.26
CA ILE F 360 -2.76 27.34 31.36
C ILE F 360 -3.68 26.39 30.61
N MET F 361 -3.50 26.31 29.30
CA MET F 361 -4.30 25.38 28.52
C MET F 361 -3.89 23.95 28.90
N PRO F 362 -4.83 23.11 29.34
CA PRO F 362 -4.45 21.76 29.77
C PRO F 362 -3.85 20.95 28.63
N ASN F 363 -2.88 20.11 28.98
CA ASN F 363 -2.18 19.25 28.04
C ASN F 363 -2.64 17.80 28.14
N ILE F 364 -3.93 17.57 28.37
CA ILE F 364 -4.46 16.22 28.51
C ILE F 364 -5.42 15.94 27.35
N PRO F 365 -5.56 14.70 26.89
CA PRO F 365 -6.45 14.42 25.76
C PRO F 365 -7.91 14.74 26.02
N GLN F 366 -8.33 14.85 27.29
CA GLN F 366 -9.72 15.14 27.60
C GLN F 366 -10.15 16.53 27.14
N MET F 367 -9.22 17.37 26.67
CA MET F 367 -9.62 18.68 26.16
C MET F 367 -10.53 18.57 24.95
N SER F 368 -10.47 17.46 24.20
CA SER F 368 -11.34 17.30 23.04
C SER F 368 -12.80 17.37 23.43
N ALA F 369 -13.18 16.70 24.52
CA ALA F 369 -14.55 16.78 25.00
C ALA F 369 -14.89 18.17 25.50
N PHE F 370 -13.91 18.86 26.11
CA PHE F 370 -14.15 20.23 26.57
C PHE F 370 -14.43 21.16 25.39
N TRP F 371 -13.60 21.07 24.35
CA TRP F 371 -13.79 21.94 23.18
C TRP F 371 -15.14 21.68 22.52
N TYR F 372 -15.56 20.41 22.47
CA TYR F 372 -16.85 20.09 21.87
C TYR F 372 -18.00 20.71 22.66
N ALA F 373 -17.94 20.64 23.98
CA ALA F 373 -19.01 21.20 24.80
C ALA F 373 -19.13 22.70 24.61
N VAL F 374 -18.00 23.41 24.64
CA VAL F 374 -18.03 24.87 24.56
C VAL F 374 -18.47 25.32 23.16
N ARG F 375 -17.91 24.71 22.12
CA ARG F 375 -18.29 25.10 20.76
C ARG F 375 -19.76 24.84 20.50
N THR F 376 -20.28 23.69 20.98
CA THR F 376 -21.67 23.34 20.73
C THR F 376 -22.62 24.21 21.54
N ALA F 377 -22.28 24.49 22.80
CA ALA F 377 -23.15 25.30 23.64
C ALA F 377 -23.31 26.72 23.10
N VAL F 378 -22.26 27.26 22.48
CA VAL F 378 -22.33 28.63 21.97
C VAL F 378 -23.25 28.69 20.75
N ILE F 379 -23.11 27.74 19.82
CA ILE F 379 -23.91 27.78 18.60
C ILE F 379 -25.38 27.48 18.90
N ASN F 380 -25.66 26.60 19.86
CA ASN F 380 -27.04 26.30 20.20
C ASN F 380 -27.72 27.48 20.89
N ALA F 381 -26.99 28.20 21.75
CA ALA F 381 -27.60 29.30 22.48
C ALA F 381 -27.71 30.56 21.63
N ALA F 382 -26.69 30.84 20.80
CA ALA F 382 -26.72 32.07 20.01
C ALA F 382 -27.76 31.98 18.89
N SER F 383 -27.85 30.83 18.23
CA SER F 383 -28.83 30.63 17.17
C SER F 383 -30.26 30.49 17.68
N GLY F 384 -30.44 30.28 18.99
CA GLY F 384 -31.76 30.09 19.54
C GLY F 384 -32.24 28.67 19.60
N ARG F 385 -31.38 27.69 19.29
CA ARG F 385 -31.79 26.29 19.35
C ARG F 385 -32.14 25.89 20.78
N GLN F 386 -31.30 26.29 21.73
CA GLN F 386 -31.48 25.97 23.13
C GLN F 386 -31.25 27.21 23.98
N THR F 387 -31.82 27.22 25.17
CA THR F 387 -31.52 28.25 26.15
C THR F 387 -30.09 28.05 26.67
N VAL F 388 -29.60 29.07 27.39
CA VAL F 388 -28.24 28.98 27.94
C VAL F 388 -28.12 27.80 28.88
N ASP F 389 -29.13 27.57 29.72
CA ASP F 389 -29.12 26.41 30.60
C ASP F 389 -29.21 25.11 29.80
N GLU F 390 -30.08 25.08 28.79
CA GLU F 390 -30.21 23.89 27.97
C GLU F 390 -28.96 23.63 27.12
N ALA F 391 -28.36 24.70 26.58
CA ALA F 391 -27.20 24.51 25.71
C ALA F 391 -26.00 23.95 26.46
N LEU F 392 -25.79 24.41 27.71
CA LEU F 392 -24.65 23.95 28.48
C LEU F 392 -24.88 22.57 29.08
N LYS F 393 -26.06 22.33 29.65
CA LYS F 393 -26.32 21.07 30.33
C LYS F 393 -26.47 19.90 29.38
N ASP F 394 -27.00 20.15 28.16
CA ASP F 394 -27.15 19.07 27.19
C ASP F 394 -25.85 18.73 26.49
N ALA F 395 -24.87 19.64 26.48
CA ALA F 395 -23.58 19.38 25.85
C ALA F 395 -22.69 18.46 26.67
N GLN F 396 -22.88 18.40 27.99
CA GLN F 396 -22.06 17.52 28.82
C GLN F 396 -22.53 16.08 28.77
N THR F 397 -23.84 15.84 28.86
CA THR F 397 -24.37 14.49 28.87
C THR F 397 -24.60 13.99 27.44
#